data_5AO3
#
_entry.id   5AO3
#
_cell.length_a   81.919
_cell.length_b   95.733
_cell.length_c   97.592
_cell.angle_alpha   91.37
_cell.angle_beta   108.97
_cell.angle_gamma   115.33
#
_symmetry.space_group_name_H-M   'P 1'
#
loop_
_entity.id
_entity.type
_entity.pdbx_description
1 polymer 'DEOXYNUCLEOSIDE TRIPHOSPHATE TRIPHOSPHOHYDROLASE SAMHD1'
2 non-polymer 'FE (III) ION'
3 non-polymer "GUANOSINE-5'-TRIPHOSPHATE"
4 non-polymer 'SULFATE ION'
5 water water
#
_entity_poly.entity_id   1
_entity_poly.type   'polypeptide(L)'
_entity_poly.pdbx_seq_one_letter_code
;MASWSHPQFEKGALEVLFQGPGYQDPMKVINDPIHGHIELHPLLVRIIDTPQFQRLRYIKQLGGGYYVFPGASHNRFEHS
LGVGYLAGCLVHALGEKQPELQISERDVLCVQIAGLCHDLGHGPFSHMFDGRFIPLARPEVKWTHEQGSVMMFEHLINSN
GIKPVMEQYGLIPEEDICFIKEQIVGPLESPVEDSLWPYKGRPENKSFLYEIVSNKRNGIDVDKWDYFARDCHHLGIQNN
FDYKRFIKFARVCEVDNELRICARDKEVGNLYDMFHTRNSLHRRAYQHKVGNIIDTMITDAFLKADDYIEITGAGGKKYR
ISTAIDDMEAYTKLTDNIFLEILYSTDPKLKDAREILKQIEYRNLFKYVGETQPTGQIKIKREDYESLPKEVASAKPKVL
LDVKLKAEDFIVDVINMDYGMQEKNPIDHVSFYCKTAPNRAIRITKNQVSQLLPEKFAEQLIRVYCKKVDRKSLYAARQY
FVQWCADRNFTKPQDGDVIAPLITPQKKEWNDSTSVQNPTRLREASKSRVQLFKDDPM
;
_entity_poly.pdbx_strand_id   A,B,C,D
#
loop_
_chem_comp.id
_chem_comp.type
_chem_comp.name
_chem_comp.formula
FE non-polymer 'FE (III) ION' 'Fe 3'
GTP non-polymer GUANOSINE-5'-TRIPHOSPHATE 'C10 H16 N5 O14 P3'
SO4 non-polymer 'SULFATE ION' 'O4 S -2'
#
# COMPACT_ATOMS: atom_id res chain seq x y z
N MET A 27 8.93 23.96 11.97
CA MET A 27 8.46 22.57 11.94
C MET A 27 9.18 21.72 10.90
N LYS A 28 10.07 20.84 11.35
CA LYS A 28 10.78 19.95 10.44
C LYS A 28 10.03 18.69 10.06
N VAL A 29 10.35 18.18 8.88
CA VAL A 29 9.85 16.88 8.45
C VAL A 29 11.03 16.02 7.96
N ILE A 30 11.20 14.85 8.57
CA ILE A 30 12.27 13.90 8.18
C ILE A 30 11.69 12.71 7.42
N ASN A 31 12.31 12.32 6.31
CA ASN A 31 11.85 11.12 5.62
C ASN A 31 12.59 9.89 6.11
N ASP A 32 11.82 8.95 6.64
CA ASP A 32 12.30 7.68 7.17
C ASP A 32 11.75 6.47 6.38
N PRO A 33 12.59 5.50 6.04
CA PRO A 33 12.13 4.34 5.25
C PRO A 33 11.09 3.42 5.91
N ILE A 34 10.94 3.44 7.24
CA ILE A 34 10.01 2.56 7.97
C ILE A 34 8.64 3.23 8.32
N HIS A 35 8.69 4.51 8.67
CA HIS A 35 7.54 5.29 9.10
C HIS A 35 7.09 6.38 8.11
N GLY A 36 7.78 6.55 6.98
CA GLY A 36 7.40 7.60 6.04
C GLY A 36 7.87 8.98 6.48
N HIS A 37 6.96 9.94 6.60
CA HIS A 37 7.31 11.28 7.08
C HIS A 37 7.21 11.41 8.60
N ILE A 38 8.28 11.89 9.22
CA ILE A 38 8.27 12.09 10.66
C ILE A 38 8.35 13.56 10.99
N GLU A 39 7.24 14.10 11.46
CA GLU A 39 7.16 15.50 11.80
C GLU A 39 7.70 15.71 13.21
N LEU A 40 8.57 16.70 13.32
CA LEU A 40 9.32 16.96 14.54
C LEU A 40 9.10 18.36 15.14
N HIS A 41 8.59 18.38 16.36
CA HIS A 41 8.45 19.62 17.13
C HIS A 41 9.80 20.34 17.25
N PRO A 42 9.83 21.68 17.08
CA PRO A 42 11.10 22.43 17.15
C PRO A 42 11.92 22.18 18.43
N LEU A 43 11.25 21.91 19.55
CA LEU A 43 11.89 21.49 20.80
C LEU A 43 12.66 20.18 20.62
N LEU A 44 12.02 19.21 19.98
CA LEU A 44 12.65 17.95 19.66
C LEU A 44 13.86 18.15 18.74
N VAL A 45 13.71 18.97 17.71
CA VAL A 45 14.82 19.23 16.79
C VAL A 45 15.99 19.82 17.58
N ARG A 46 15.68 20.66 18.58
CA ARG A 46 16.69 21.30 19.42
C ARG A 46 17.48 20.28 20.27
N ILE A 47 16.81 19.23 20.72
CA ILE A 47 17.45 18.10 21.40
C ILE A 47 18.32 17.29 20.41
N ILE A 48 17.84 17.10 19.19
CA ILE A 48 18.52 16.27 18.20
C ILE A 48 19.81 16.91 17.63
N ASP A 49 19.78 18.22 17.46
CA ASP A 49 20.92 18.93 16.89
C ASP A 49 21.91 19.32 18.00
N THR A 50 22.32 18.31 18.75
CA THR A 50 23.31 18.45 19.79
C THR A 50 24.30 17.29 19.57
N PRO A 51 25.53 17.44 20.09
CA PRO A 51 26.52 16.36 19.92
C PRO A 51 26.18 15.06 20.65
N GLN A 52 25.54 15.16 21.82
CA GLN A 52 25.19 14.00 22.64
C GLN A 52 24.15 13.11 21.95
N PHE A 53 23.34 13.74 21.10
CA PHE A 53 22.33 12.98 20.40
C PHE A 53 22.90 12.51 19.07
N GLN A 54 23.65 13.37 18.38
CA GLN A 54 24.25 12.99 17.10
C GLN A 54 25.24 11.86 17.31
N ARG A 55 25.52 11.60 18.58
CA ARG A 55 26.41 10.55 18.98
C ARG A 55 26.00 9.22 18.44
N LEU A 56 24.70 9.04 18.32
CA LEU A 56 24.09 7.76 17.96
C LEU A 56 24.23 7.41 16.51
N ARG A 57 24.64 8.35 15.68
CA ARG A 57 24.87 8.03 14.27
C ARG A 57 26.03 7.06 14.12
N TYR A 58 26.74 6.81 15.22
CA TYR A 58 28.03 6.12 15.19
C TYR A 58 28.03 4.93 16.15
N ILE A 59 26.85 4.32 16.32
CA ILE A 59 26.67 3.16 17.19
C ILE A 59 25.71 2.15 16.54
N LYS A 60 26.25 1.04 16.04
CA LYS A 60 25.43 0.07 15.29
C LYS A 60 24.30 -0.49 16.17
N GLN A 61 23.11 -0.55 15.60
CA GLN A 61 21.97 -1.10 16.30
C GLN A 61 22.22 -2.54 16.78
N LEU A 62 22.77 -3.36 15.89
CA LEU A 62 22.87 -4.80 16.13
C LEU A 62 24.25 -5.28 16.49
N GLY A 63 25.15 -4.36 16.81
CA GLY A 63 26.50 -4.71 17.18
C GLY A 63 27.23 -5.50 16.12
N GLY A 64 27.70 -6.69 16.49
CA GLY A 64 28.41 -7.57 15.57
C GLY A 64 27.54 -8.10 14.46
N GLY A 65 26.29 -7.65 14.42
CA GLY A 65 25.35 -8.09 13.41
C GLY A 65 25.85 -7.79 12.01
N TYR A 66 26.36 -6.59 11.86
CA TYR A 66 26.81 -6.11 10.57
C TYR A 66 27.84 -7.08 9.93
N TYR A 67 28.56 -7.86 10.76
CA TYR A 67 29.59 -8.78 10.26
C TYR A 67 29.04 -10.14 9.89
N VAL A 68 27.74 -10.27 10.08
CA VAL A 68 27.06 -11.48 9.69
C VAL A 68 25.95 -11.15 8.70
N PHE A 69 25.35 -9.99 8.90
CA PHE A 69 24.28 -9.53 8.03
C PHE A 69 24.65 -8.23 7.31
N PRO A 70 24.97 -8.31 6.01
CA PRO A 70 25.37 -7.06 5.38
C PRO A 70 24.29 -5.96 5.36
N GLY A 71 23.02 -6.34 5.48
CA GLY A 71 22.01 -5.30 5.43
C GLY A 71 21.97 -4.48 6.71
N ALA A 72 22.55 -5.01 7.77
CA ALA A 72 22.44 -4.46 9.12
C ALA A 72 23.43 -3.31 9.44
N SER A 73 23.43 -2.27 8.62
CA SER A 73 24.29 -1.13 8.84
C SER A 73 23.60 -0.01 9.65
N HIS A 74 22.32 -0.21 10.02
CA HIS A 74 21.57 0.86 10.66
C HIS A 74 22.03 1.11 12.08
N ASN A 75 21.93 2.37 12.51
CA ASN A 75 22.47 2.79 13.82
C ASN A 75 21.36 3.21 14.76
N ARG A 76 21.73 3.56 16.00
CA ARG A 76 20.77 3.95 17.03
C ARG A 76 19.98 5.21 16.68
N PHE A 77 20.58 6.06 15.84
CA PHE A 77 20.07 7.40 15.51
C PHE A 77 18.66 7.33 14.86
N GLU A 78 18.52 6.58 13.76
CA GLU A 78 17.22 6.41 13.09
C GLU A 78 16.18 5.60 13.91
N HIS A 79 16.62 4.58 14.65
CA HIS A 79 15.76 3.84 15.62
C HIS A 79 15.19 4.75 16.73
N SER A 80 16.03 5.62 17.28
CA SER A 80 15.60 6.53 18.31
C SER A 80 14.56 7.51 17.76
N LEU A 81 14.77 7.97 16.52
CA LEU A 81 13.81 8.87 15.90
C LEU A 81 12.46 8.20 15.75
N GLY A 82 12.49 6.93 15.35
CA GLY A 82 11.27 6.20 15.11
C GLY A 82 10.51 5.98 16.40
N VAL A 83 11.23 5.62 17.45
CA VAL A 83 10.60 5.46 18.75
C VAL A 83 9.93 6.73 19.20
N GLY A 84 10.63 7.85 19.03
CA GLY A 84 10.12 9.14 19.46
C GLY A 84 8.86 9.48 18.72
N TYR A 85 8.88 9.20 17.43
CA TYR A 85 7.73 9.44 16.58
C TYR A 85 6.57 8.51 17.01
N LEU A 86 6.82 7.21 17.13
CA LEU A 86 5.80 6.24 17.54
C LEU A 86 5.21 6.50 18.94
N ALA A 87 6.04 6.94 19.87
CA ALA A 87 5.52 7.32 21.18
C ALA A 87 4.40 8.34 20.99
N GLY A 88 4.71 9.45 20.30
CA GLY A 88 3.75 10.51 20.04
C GLY A 88 2.49 10.05 19.33
N CYS A 89 2.62 9.17 18.34
CA CYS A 89 1.49 8.60 17.61
C CYS A 89 0.53 7.89 18.57
N LEU A 90 1.07 7.17 19.56
CA LEU A 90 0.24 6.44 20.50
C LEU A 90 -0.47 7.40 21.45
N VAL A 91 0.28 8.35 22.03
CA VAL A 91 -0.28 9.32 22.98
C VAL A 91 -1.36 10.19 22.36
N HIS A 92 -1.07 10.72 21.18
CA HIS A 92 -2.01 11.57 20.47
C HIS A 92 -3.29 10.79 20.14
N ALA A 93 -3.14 9.50 19.88
CA ALA A 93 -4.29 8.65 19.59
C ALA A 93 -5.18 8.53 20.81
N LEU A 94 -4.57 8.25 21.95
CA LEU A 94 -5.31 8.12 23.20
C LEU A 94 -5.98 9.44 23.59
N GLY A 95 -5.28 10.56 23.40
CA GLY A 95 -5.82 11.86 23.73
C GLY A 95 -7.04 12.27 22.92
N GLU A 96 -7.03 11.92 21.64
CA GLU A 96 -8.16 12.23 20.77
C GLU A 96 -9.35 11.27 20.99
N LYS A 97 -9.13 9.97 21.17
CA LYS A 97 -10.27 9.04 21.36
C LYS A 97 -10.85 9.11 22.77
N GLN A 98 -10.03 9.49 23.74
CA GLN A 98 -10.47 9.53 25.14
C GLN A 98 -10.08 10.82 25.87
N PRO A 99 -10.87 11.90 25.66
CA PRO A 99 -10.54 13.21 26.25
C PRO A 99 -10.57 13.28 27.77
N GLU A 100 -11.27 12.36 28.44
CA GLU A 100 -11.38 12.41 29.89
C GLU A 100 -10.06 12.06 30.60
N LEU A 101 -9.11 11.50 29.85
CA LEU A 101 -7.81 11.14 30.39
C LEU A 101 -7.00 12.40 30.73
N GLN A 102 -7.44 13.52 30.15
CA GLN A 102 -6.81 14.81 30.34
C GLN A 102 -5.34 14.81 29.89
N ILE A 103 -5.09 14.32 28.68
CA ILE A 103 -3.74 14.28 28.12
C ILE A 103 -3.41 15.59 27.41
N SER A 104 -2.37 16.28 27.86
CA SER A 104 -2.03 17.60 27.35
C SER A 104 -0.95 17.59 26.25
N GLU A 105 -0.77 18.69 25.52
CA GLU A 105 0.34 18.80 24.57
C GLU A 105 1.70 18.69 25.27
N ARG A 106 1.71 19.02 26.56
CA ARG A 106 2.87 18.88 27.44
C ARG A 106 3.25 17.39 27.70
N ASP A 107 2.22 16.56 27.88
CA ASP A 107 2.39 15.12 28.08
C ASP A 107 2.92 14.46 26.81
N VAL A 108 2.41 14.90 25.66
CA VAL A 108 2.84 14.39 24.37
C VAL A 108 4.31 14.68 24.11
N LEU A 109 4.73 15.91 24.38
CA LEU A 109 6.14 16.27 24.25
C LEU A 109 7.03 15.45 25.16
N CYS A 110 6.56 15.15 26.36
CA CYS A 110 7.37 14.42 27.31
C CYS A 110 7.54 12.95 26.92
N VAL A 111 6.47 12.36 26.39
CA VAL A 111 6.53 10.99 25.94
C VAL A 111 7.45 10.89 24.74
N GLN A 112 7.37 11.89 23.85
CA GLN A 112 8.22 12.00 22.64
C GLN A 112 9.68 12.14 22.96
N ILE A 113 10.01 13.08 23.84
CA ILE A 113 11.37 13.26 24.30
C ILE A 113 11.86 11.98 24.94
N ALA A 114 11.03 11.31 25.72
CA ALA A 114 11.44 10.06 26.35
C ALA A 114 11.73 8.98 25.30
N GLY A 115 10.84 8.83 24.32
CA GLY A 115 11.04 7.87 23.26
C GLY A 115 12.34 8.15 22.53
N LEU A 116 12.53 9.42 22.21
CA LEU A 116 13.71 9.94 21.51
C LEU A 116 15.08 9.67 22.17
N CYS A 117 15.11 9.69 23.50
CA CYS A 117 16.35 9.67 24.30
C CYS A 117 16.55 8.43 25.14
N HIS A 118 15.68 7.45 24.95
CA HIS A 118 15.74 6.21 25.68
C HIS A 118 17.02 5.43 25.37
N ASP A 119 17.71 5.73 24.26
CA ASP A 119 18.95 5.01 23.96
C ASP A 119 20.23 5.89 24.02
N LEU A 120 20.14 7.07 24.62
CA LEU A 120 21.29 7.97 24.67
C LEU A 120 22.56 7.33 25.28
N GLY A 121 22.37 6.34 26.15
CA GLY A 121 23.47 5.76 26.88
C GLY A 121 24.07 4.45 26.34
N HIS A 122 23.64 3.98 25.18
CA HIS A 122 24.23 2.76 24.59
C HIS A 122 25.67 3.08 24.28
N GLY A 123 26.55 2.08 24.35
CA GLY A 123 27.99 2.27 24.16
C GLY A 123 28.45 1.63 22.87
N PRO A 124 29.78 1.57 22.64
CA PRO A 124 30.34 0.98 21.41
C PRO A 124 29.66 -0.32 21.05
N PHE A 125 28.99 -0.37 19.90
CA PHE A 125 28.26 -1.57 19.45
C PHE A 125 27.13 -1.97 20.41
N SER A 126 26.48 -0.98 21.02
CA SER A 126 25.23 -1.19 21.76
C SER A 126 25.28 -2.22 22.91
N HIS A 127 24.57 -3.33 22.73
CA HIS A 127 24.39 -4.30 23.80
C HIS A 127 25.65 -5.05 24.19
N MET A 128 26.64 -5.06 23.33
CA MET A 128 27.91 -5.70 23.64
C MET A 128 28.55 -5.01 24.83
N PHE A 129 28.30 -3.71 24.94
CA PHE A 129 29.01 -2.86 25.88
C PHE A 129 28.49 -2.99 27.30
N ASP A 130 27.17 -2.90 27.51
CA ASP A 130 26.70 -2.94 28.89
C ASP A 130 26.47 -4.39 29.33
N GLY A 131 26.31 -5.28 28.36
CA GLY A 131 26.06 -6.69 28.62
C GLY A 131 27.24 -7.65 28.79
N ARG A 132 28.40 -7.30 28.20
CA ARG A 132 29.59 -8.17 28.24
C ARG A 132 30.93 -7.45 28.54
N PHE A 133 31.20 -6.33 27.90
CA PHE A 133 32.50 -5.66 28.14
C PHE A 133 32.64 -5.12 29.59
N ILE A 134 31.73 -4.25 30.05
CA ILE A 134 31.80 -3.73 31.42
C ILE A 134 31.72 -4.85 32.48
N PRO A 135 30.85 -5.85 32.30
CA PRO A 135 30.95 -6.97 33.26
C PRO A 135 32.31 -7.73 33.28
N LEU A 136 33.04 -7.73 32.16
CA LEU A 136 34.39 -8.28 32.10
C LEU A 136 35.49 -7.26 32.42
N ALA A 137 35.21 -5.99 32.17
CA ALA A 137 36.24 -4.98 32.36
C ALA A 137 36.19 -4.48 33.80
N ARG A 138 34.98 -4.36 34.35
CA ARG A 138 34.78 -3.87 35.71
C ARG A 138 33.65 -4.52 36.49
N PRO A 139 33.84 -5.77 36.95
CA PRO A 139 32.82 -6.65 37.57
C PRO A 139 32.17 -6.03 38.80
N GLU A 140 32.92 -5.14 39.43
CA GLU A 140 32.53 -4.41 40.62
C GLU A 140 31.33 -3.49 40.36
N VAL A 141 31.30 -2.89 39.17
CA VAL A 141 30.35 -1.86 38.79
C VAL A 141 28.99 -2.42 38.38
N LYS A 142 27.94 -1.69 38.74
CA LYS A 142 26.60 -1.94 38.25
C LYS A 142 26.35 -0.92 37.16
N TRP A 143 26.24 -1.34 35.91
CA TRP A 143 25.97 -0.38 34.86
C TRP A 143 24.91 -0.91 33.86
N THR A 144 23.92 -0.08 33.56
CA THR A 144 22.98 -0.40 32.48
C THR A 144 22.90 0.80 31.55
N HIS A 145 22.55 0.56 30.29
CA HIS A 145 22.49 1.67 29.36
C HIS A 145 21.34 2.58 29.74
N GLU A 146 20.38 2.03 30.50
CA GLU A 146 19.28 2.84 31.01
C GLU A 146 19.72 3.89 32.06
N GLN A 147 20.67 3.53 32.92
CA GLN A 147 21.31 4.51 33.79
C GLN A 147 22.01 5.48 32.89
N GLY A 148 22.75 4.91 31.94
CA GLY A 148 23.47 5.68 30.96
C GLY A 148 22.61 6.66 30.17
N SER A 149 21.39 6.26 29.83
CA SER A 149 20.54 7.19 29.11
C SER A 149 20.22 8.42 29.93
N VAL A 150 19.96 8.23 31.21
CA VAL A 150 19.62 9.37 32.05
C VAL A 150 20.82 10.31 32.25
N MET A 151 21.98 9.74 32.55
CA MET A 151 23.16 10.55 32.78
C MET A 151 23.43 11.39 31.56
N MET A 152 23.36 10.75 30.40
CA MET A 152 23.61 11.43 29.13
C MET A 152 22.50 12.45 28.79
N PHE A 153 21.26 12.13 29.14
CA PHE A 153 20.18 13.07 28.87
C PHE A 153 20.35 14.31 29.73
N GLU A 154 20.77 14.10 30.98
CA GLU A 154 21.05 15.20 31.90
C GLU A 154 22.21 16.05 31.36
N HIS A 155 23.23 15.37 30.85
CA HIS A 155 24.37 16.06 30.25
C HIS A 155 23.95 16.91 29.04
N LEU A 156 23.02 16.39 28.25
CA LEU A 156 22.55 17.04 27.02
C LEU A 156 21.79 18.34 27.33
N ILE A 157 20.81 18.26 28.22
CA ILE A 157 19.98 19.42 28.48
C ILE A 157 20.78 20.49 29.21
N ASN A 158 21.84 20.07 29.90
CA ASN A 158 22.69 21.02 30.59
C ASN A 158 23.71 21.63 29.63
N SER A 159 24.37 20.80 28.83
CA SER A 159 25.37 21.26 27.84
C SER A 159 24.84 22.13 26.71
N ASN A 160 23.54 22.07 26.43
CA ASN A 160 22.98 22.77 25.29
C ASN A 160 21.91 23.81 25.66
N GLY A 161 21.77 24.12 26.95
CA GLY A 161 20.85 25.15 27.39
C GLY A 161 19.42 24.90 26.94
N ILE A 162 18.97 23.67 27.17
CA ILE A 162 17.69 23.19 26.69
C ILE A 162 16.54 23.62 27.59
N LYS A 163 16.80 23.79 28.88
CA LYS A 163 15.73 24.06 29.82
C LYS A 163 15.02 25.40 29.54
N PRO A 164 15.77 26.48 29.20
CA PRO A 164 15.07 27.68 28.73
C PRO A 164 14.12 27.45 27.54
N VAL A 165 14.52 26.61 26.60
CA VAL A 165 13.70 26.29 25.43
C VAL A 165 12.54 25.36 25.79
N MET A 166 12.70 24.55 26.82
CA MET A 166 11.62 23.68 27.31
C MET A 166 10.44 24.49 27.83
N GLU A 167 10.72 25.49 28.66
CA GLU A 167 9.69 26.37 29.18
C GLU A 167 9.07 27.24 28.07
N GLN A 168 9.86 27.58 27.06
CA GLN A 168 9.39 28.37 25.92
C GLN A 168 8.17 27.70 25.26
N TYR A 169 8.14 26.36 25.31
CA TYR A 169 7.05 25.58 24.72
C TYR A 169 6.15 24.94 25.77
N GLY A 170 6.24 25.41 27.01
CA GLY A 170 5.27 25.09 28.05
C GLY A 170 5.62 23.96 29.00
N LEU A 171 6.87 23.51 28.96
CA LEU A 171 7.27 22.45 29.87
C LEU A 171 7.78 23.03 31.18
N ILE A 172 7.52 22.33 32.27
CA ILE A 172 8.05 22.69 33.58
C ILE A 172 9.27 21.85 33.89
N PRO A 173 10.46 22.42 33.63
CA PRO A 173 11.75 21.72 33.66
C PRO A 173 11.89 20.78 34.86
N GLU A 174 11.61 21.27 36.06
CA GLU A 174 11.74 20.44 37.25
C GLU A 174 10.85 19.19 37.20
N GLU A 175 9.55 19.37 36.97
CA GLU A 175 8.61 18.25 37.07
C GLU A 175 8.67 17.32 35.85
N ASP A 176 8.88 17.87 34.66
CA ASP A 176 8.84 17.04 33.45
C ASP A 176 10.16 16.28 33.18
N ILE A 177 11.31 16.85 33.53
CA ILE A 177 12.57 16.12 33.38
C ILE A 177 12.57 14.85 34.24
N CYS A 178 11.87 14.91 35.38
CA CYS A 178 11.63 13.73 36.22
C CYS A 178 10.84 12.70 35.45
N PHE A 179 9.72 13.13 34.87
CA PHE A 179 8.81 12.26 34.13
C PHE A 179 9.55 11.48 33.03
N ILE A 180 10.38 12.20 32.29
CA ILE A 180 11.18 11.61 31.23
C ILE A 180 12.20 10.60 31.76
N LYS A 181 12.95 10.96 32.79
CA LYS A 181 13.92 10.04 33.37
C LYS A 181 13.20 8.79 33.84
N GLU A 182 12.03 9.00 34.43
CA GLU A 182 11.24 7.91 34.96
C GLU A 182 10.67 7.04 33.86
N GLN A 183 10.35 7.64 32.71
CA GLN A 183 9.94 6.79 31.59
C GLN A 183 11.09 5.89 31.07
N ILE A 184 12.33 6.29 31.35
CA ILE A 184 13.45 5.57 30.78
C ILE A 184 14.03 4.58 31.78
N VAL A 185 14.27 5.03 33.00
CA VAL A 185 15.00 4.23 33.96
C VAL A 185 14.15 3.75 35.15
N GLY A 186 12.87 4.11 35.17
CA GLY A 186 11.97 3.69 36.22
C GLY A 186 11.97 4.60 37.42
N PRO A 187 11.20 4.24 38.48
CA PRO A 187 11.09 5.05 39.70
C PRO A 187 12.47 5.25 40.35
N LEU A 188 12.80 6.50 40.67
CA LEU A 188 14.15 6.93 41.03
C LEU A 188 14.56 6.69 42.50
N TRP A 197 2.12 3.97 45.21
CA TRP A 197 2.49 4.64 43.96
C TRP A 197 3.86 5.31 44.04
N PRO A 198 4.86 4.76 43.33
CA PRO A 198 6.29 5.11 43.40
C PRO A 198 6.74 6.35 42.61
N TYR A 199 5.92 6.84 41.67
CA TYR A 199 6.33 7.86 40.72
C TYR A 199 6.13 9.32 41.14
N LYS A 200 7.15 10.14 40.92
CA LYS A 200 7.08 11.58 41.21
C LYS A 200 6.74 12.49 40.01
N GLY A 201 6.85 11.96 38.81
CA GLY A 201 6.64 12.73 37.58
C GLY A 201 5.20 12.99 37.17
N ARG A 202 4.34 12.01 37.38
CA ARG A 202 2.92 12.10 37.03
C ARG A 202 2.08 11.37 38.04
N PRO A 203 0.89 11.90 38.32
CA PRO A 203 -0.01 11.26 39.29
C PRO A 203 -0.46 9.87 38.81
N GLU A 204 -1.01 9.08 39.71
CA GLU A 204 -1.41 7.73 39.37
C GLU A 204 -2.58 7.70 38.36
N ASN A 205 -3.31 8.81 38.26
CA ASN A 205 -4.40 8.90 37.29
C ASN A 205 -3.86 9.04 35.85
N LYS A 206 -2.55 9.23 35.73
CA LYS A 206 -1.87 9.22 34.44
C LYS A 206 -0.81 8.12 34.35
N SER A 207 -1.03 6.98 35.01
CA SER A 207 -0.03 5.91 34.98
C SER A 207 0.19 5.36 33.58
N PHE A 208 -0.86 5.30 32.77
CA PHE A 208 -0.78 4.62 31.46
C PHE A 208 0.26 5.26 30.55
N LEU A 209 0.63 6.51 30.84
CA LEU A 209 1.71 7.20 30.13
C LEU A 209 3.07 6.52 30.37
N TYR A 210 3.12 5.62 31.36
CA TYR A 210 4.33 4.88 31.68
C TYR A 210 4.46 3.53 30.93
N GLU A 211 3.52 3.20 30.06
CA GLU A 211 3.55 1.94 29.32
C GLU A 211 3.85 2.11 27.83
N ILE A 212 4.05 3.36 27.42
CA ILE A 212 4.23 3.76 26.01
C ILE A 212 5.64 3.46 25.51
N VAL A 213 6.63 4.10 26.12
CA VAL A 213 8.01 3.92 25.65
C VAL A 213 8.57 2.55 26.01
N SER A 214 8.55 2.18 27.29
CA SER A 214 9.03 0.85 27.69
C SER A 214 8.08 0.16 28.69
N ASN A 215 7.64 -1.05 28.35
CA ASN A 215 6.69 -1.80 29.19
C ASN A 215 7.29 -3.07 29.79
N LYS A 216 7.44 -3.06 31.12
CA LYS A 216 8.00 -4.18 31.86
C LYS A 216 7.04 -5.37 31.82
N ARG A 217 5.75 -5.08 31.96
CA ARG A 217 4.71 -6.10 32.11
C ARG A 217 4.35 -6.93 30.85
N ASN A 218 3.83 -6.34 29.76
CA ASN A 218 3.31 -7.19 28.67
C ASN A 218 4.12 -7.22 27.37
N GLY A 219 5.33 -6.67 27.36
CA GLY A 219 6.15 -6.66 26.17
C GLY A 219 5.55 -5.98 24.94
N ILE A 220 4.62 -5.04 25.17
CA ILE A 220 4.03 -4.21 24.11
C ILE A 220 4.31 -2.72 24.31
N ASP A 221 5.24 -2.20 23.53
CA ASP A 221 5.61 -0.79 23.60
C ASP A 221 6.10 -0.29 22.25
N VAL A 222 6.16 1.03 22.09
CA VAL A 222 6.58 1.60 20.82
C VAL A 222 8.09 1.41 20.55
N ASP A 223 8.88 1.15 21.59
CA ASP A 223 10.28 0.86 21.34
C ASP A 223 10.48 -0.45 20.60
N LYS A 224 9.84 -1.51 21.06
CA LYS A 224 9.98 -2.78 20.34
C LYS A 224 9.35 -2.61 18.98
N TRP A 225 8.27 -1.85 18.89
CA TRP A 225 7.61 -1.69 17.62
C TRP A 225 8.58 -1.19 16.57
N ASP A 226 9.40 -0.22 16.94
CA ASP A 226 10.29 0.34 15.95
C ASP A 226 11.29 -0.68 15.51
N TYR A 227 12.12 -1.19 16.41
CA TYR A 227 13.19 -2.04 15.93
C TYR A 227 12.70 -3.44 15.48
N PHE A 228 11.48 -3.85 15.76
CA PHE A 228 10.96 -5.05 15.09
C PHE A 228 10.85 -4.79 13.58
N ALA A 229 10.22 -3.68 13.21
CA ALA A 229 10.11 -3.28 11.81
C ALA A 229 11.47 -2.93 11.19
N ARG A 230 12.20 -2.10 11.92
CA ARG A 230 13.51 -1.61 11.50
C ARG A 230 14.52 -2.73 11.30
N ASP A 231 14.54 -3.69 12.22
CA ASP A 231 15.50 -4.78 12.10
C ASP A 231 15.13 -5.77 11.02
N CYS A 232 13.85 -6.07 10.88
CA CYS A 232 13.38 -6.88 9.77
C CYS A 232 13.67 -6.19 8.45
N HIS A 233 13.49 -4.88 8.39
CA HIS A 233 13.68 -4.14 7.13
C HIS A 233 15.12 -4.31 6.61
N HIS A 234 16.06 -4.36 7.53
CA HIS A 234 17.46 -4.45 7.16
C HIS A 234 17.96 -5.89 7.10
N LEU A 235 17.25 -6.81 7.74
CA LEU A 235 17.64 -8.21 7.75
C LEU A 235 16.98 -9.11 6.71
N GLY A 236 15.95 -8.63 6.01
CA GLY A 236 15.26 -9.45 5.02
C GLY A 236 14.38 -10.54 5.63
N ILE A 237 13.66 -10.13 6.68
CA ILE A 237 12.67 -10.92 7.40
C ILE A 237 11.31 -10.23 7.20
N GLN A 238 10.20 -10.98 7.20
CA GLN A 238 8.93 -10.30 7.00
C GLN A 238 8.26 -9.98 8.31
N ASN A 239 7.88 -8.73 8.43
CA ASN A 239 7.27 -8.20 9.62
C ASN A 239 5.82 -7.91 9.23
N ASN A 240 4.89 -8.73 9.74
CA ASN A 240 3.50 -8.58 9.34
C ASN A 240 2.76 -7.70 10.33
N PHE A 241 3.44 -7.31 11.41
CA PHE A 241 2.78 -6.51 12.42
C PHE A 241 2.57 -5.07 11.94
N ASP A 242 1.32 -4.62 12.04
CA ASP A 242 0.93 -3.29 11.63
C ASP A 242 0.65 -2.40 12.83
N TYR A 243 1.61 -1.57 13.21
CA TYR A 243 1.39 -0.79 14.40
C TYR A 243 0.29 0.24 14.18
N LYS A 244 0.11 0.73 12.95
CA LYS A 244 -0.87 1.79 12.73
C LYS A 244 -2.25 1.29 13.11
N ARG A 245 -2.54 0.06 12.68
CA ARG A 245 -3.79 -0.65 12.95
C ARG A 245 -3.98 -0.87 14.45
N PHE A 246 -2.93 -1.30 15.11
CA PHE A 246 -2.95 -1.50 16.55
C PHE A 246 -3.18 -0.18 17.29
N ILE A 247 -2.56 0.90 16.82
CA ILE A 247 -2.69 2.20 17.47
C ILE A 247 -4.11 2.75 17.34
N LYS A 248 -4.73 2.52 16.17
CA LYS A 248 -6.09 3.00 15.91
C LYS A 248 -7.13 2.42 16.87
N PHE A 249 -6.89 1.21 17.35
CA PHE A 249 -7.84 0.52 18.21
C PHE A 249 -7.38 0.47 19.67
N ALA A 250 -6.28 1.14 19.98
CA ALA A 250 -5.82 1.17 21.36
C ALA A 250 -6.65 2.13 22.22
N ARG A 251 -6.94 1.70 23.44
CA ARG A 251 -7.74 2.47 24.38
C ARG A 251 -7.19 2.27 25.79
N VAL A 252 -7.39 3.25 26.67
CA VAL A 252 -7.04 3.06 28.08
C VAL A 252 -8.24 2.51 28.84
N CYS A 253 -8.02 1.52 29.69
CA CYS A 253 -9.11 0.92 30.45
C CYS A 253 -8.73 0.59 31.89
N GLU A 254 -9.76 0.40 32.72
CA GLU A 254 -9.56 0.08 34.12
C GLU A 254 -9.43 -1.44 34.23
N VAL A 255 -8.30 -1.90 34.78
CA VAL A 255 -8.05 -3.31 34.95
C VAL A 255 -7.62 -3.61 36.38
N ASP A 256 -8.49 -4.21 37.18
CA ASP A 256 -8.19 -4.41 38.59
C ASP A 256 -7.92 -3.08 39.30
N ASN A 257 -8.78 -2.09 39.04
CA ASN A 257 -8.57 -0.72 39.49
C ASN A 257 -7.18 -0.21 39.11
N GLU A 258 -6.68 -0.65 37.95
CA GLU A 258 -5.45 -0.13 37.36
C GLU A 258 -5.72 0.42 35.97
N LEU A 259 -5.15 1.57 35.63
CA LEU A 259 -5.31 2.10 34.29
C LEU A 259 -4.18 1.65 33.37
N ARG A 260 -4.49 0.88 32.33
CA ARG A 260 -3.43 0.47 31.40
C ARG A 260 -3.89 0.59 29.97
N ILE A 261 -2.96 0.35 29.04
CA ILE A 261 -3.29 0.39 27.64
C ILE A 261 -3.86 -0.97 27.21
N CYS A 262 -5.02 -0.96 26.56
CA CYS A 262 -5.65 -2.20 26.15
C CYS A 262 -5.92 -2.22 24.65
N ALA A 263 -6.14 -3.41 24.10
CA ALA A 263 -6.39 -3.58 22.67
C ALA A 263 -7.76 -4.17 22.42
N ARG A 264 -8.37 -3.87 21.30
CA ARG A 264 -9.69 -4.43 21.03
C ARG A 264 -9.53 -5.91 20.72
N ASP A 265 -10.54 -6.71 21.05
CA ASP A 265 -10.45 -8.15 20.89
C ASP A 265 -10.10 -8.48 19.46
N LYS A 266 -10.55 -7.65 18.51
CA LYS A 266 -10.32 -7.92 17.09
C LYS A 266 -8.86 -8.02 16.74
N GLU A 267 -8.00 -7.38 17.52
CA GLU A 267 -6.63 -7.19 17.09
C GLU A 267 -5.69 -8.28 17.59
N VAL A 268 -6.25 -9.39 18.09
CA VAL A 268 -5.45 -10.52 18.51
C VAL A 268 -4.77 -11.14 17.29
N GLY A 269 -5.42 -11.06 16.14
CA GLY A 269 -4.80 -11.55 14.93
C GLY A 269 -3.53 -10.81 14.61
N ASN A 270 -3.55 -9.50 14.81
CA ASN A 270 -2.37 -8.68 14.58
C ASN A 270 -1.28 -8.96 15.59
N LEU A 271 -1.71 -9.08 16.85
CA LEU A 271 -0.81 -9.37 17.95
C LEU A 271 -0.11 -10.69 17.79
N TYR A 272 -0.78 -11.69 17.23
CA TYR A 272 -0.11 -12.96 17.04
C TYR A 272 1.06 -12.75 16.07
N ASP A 273 0.87 -11.89 15.07
CA ASP A 273 1.94 -11.66 14.09
C ASP A 273 3.06 -10.82 14.65
N MET A 274 2.77 -9.98 15.64
CA MET A 274 3.84 -9.24 16.30
C MET A 274 4.74 -10.19 17.03
N PHE A 275 4.15 -11.07 17.85
CA PHE A 275 4.93 -11.97 18.66
C PHE A 275 5.76 -12.96 17.84
N HIS A 276 5.24 -13.38 16.69
CA HIS A 276 6.01 -14.23 15.80
C HIS A 276 7.25 -13.50 15.27
N THR A 277 7.12 -12.21 15.01
CA THR A 277 8.27 -11.40 14.57
C THR A 277 9.32 -11.29 15.68
N ARG A 278 8.87 -11.03 16.90
CA ARG A 278 9.71 -11.01 18.07
C ARG A 278 10.48 -12.34 18.15
N ASN A 279 9.79 -13.44 17.87
CA ASN A 279 10.39 -14.76 17.90
C ASN A 279 11.38 -15.03 16.79
N SER A 280 11.10 -14.55 15.58
CA SER A 280 12.05 -14.74 14.50
C SER A 280 13.30 -13.92 14.66
N LEU A 281 13.15 -12.67 15.12
CA LEU A 281 14.31 -11.77 15.27
C LEU A 281 15.26 -12.32 16.29
N HIS A 282 14.72 -12.88 17.37
CA HIS A 282 15.55 -13.52 18.39
C HIS A 282 16.16 -14.83 17.90
N ARG A 283 15.35 -15.73 17.34
CA ARG A 283 15.86 -17.04 16.91
C ARG A 283 16.90 -16.90 15.79
N ARG A 284 16.55 -16.12 14.78
CA ARG A 284 17.38 -15.99 13.60
C ARG A 284 18.47 -14.95 13.67
N ALA A 285 18.25 -13.86 14.43
CA ALA A 285 19.18 -12.74 14.36
C ALA A 285 19.95 -12.49 15.66
N TYR A 286 19.23 -12.15 16.73
CA TYR A 286 19.87 -11.81 17.98
C TYR A 286 20.62 -13.00 18.59
N GLN A 287 20.25 -14.23 18.22
CA GLN A 287 21.02 -15.35 18.76
C GLN A 287 21.89 -16.10 17.79
N HIS A 288 22.17 -15.48 16.64
CA HIS A 288 23.02 -16.06 15.59
C HIS A 288 24.36 -16.56 16.17
N LYS A 289 24.80 -17.76 15.78
CA LYS A 289 25.99 -18.34 16.44
C LYS A 289 27.23 -17.54 16.12
N VAL A 290 27.51 -17.35 14.84
CA VAL A 290 28.67 -16.55 14.46
C VAL A 290 28.51 -15.06 14.84
N GLY A 291 27.29 -14.55 14.73
CA GLY A 291 27.02 -13.20 15.18
C GLY A 291 27.55 -13.03 16.60
N ASN A 292 27.31 -13.99 17.48
CA ASN A 292 27.74 -13.87 18.86
C ASN A 292 29.24 -14.13 19.09
N ILE A 293 29.84 -15.03 18.31
CA ILE A 293 31.28 -15.26 18.36
C ILE A 293 32.04 -13.96 18.05
N ILE A 294 31.64 -13.29 16.98
CA ILE A 294 32.29 -12.04 16.60
C ILE A 294 32.12 -10.94 17.67
N ASP A 295 30.95 -10.86 18.32
CA ASP A 295 30.79 -9.94 19.45
C ASP A 295 31.76 -10.16 20.59
N THR A 296 32.10 -11.40 20.87
CA THR A 296 33.00 -11.64 21.97
C THR A 296 34.44 -11.36 21.55
N MET A 297 34.71 -11.39 20.24
CA MET A 297 36.03 -11.04 19.75
C MET A 297 36.26 -9.55 19.88
N ILE A 298 35.29 -8.74 19.46
CA ILE A 298 35.39 -7.27 19.55
C ILE A 298 35.60 -6.88 20.98
N THR A 299 34.86 -7.54 21.85
CA THR A 299 35.02 -7.34 23.26
C THR A 299 36.41 -7.79 23.73
N ASP A 300 36.96 -8.87 23.14
CA ASP A 300 38.31 -9.35 23.53
C ASP A 300 39.36 -8.35 23.22
N ALA A 301 39.18 -7.71 22.07
CA ALA A 301 40.02 -6.64 21.57
C ALA A 301 39.90 -5.37 22.40
N PHE A 302 38.68 -4.97 22.75
CA PHE A 302 38.45 -3.83 23.65
C PHE A 302 39.09 -4.03 25.01
N LEU A 303 39.10 -5.27 25.49
CA LEU A 303 39.69 -5.58 26.78
C LEU A 303 41.21 -5.45 26.76
N LYS A 304 41.84 -6.04 25.74
CA LYS A 304 43.29 -6.00 25.56
C LYS A 304 43.81 -4.61 25.23
N ALA A 305 42.91 -3.70 24.87
CA ALA A 305 43.27 -2.35 24.49
C ALA A 305 42.90 -1.31 25.54
N ASP A 306 42.23 -1.75 26.60
CA ASP A 306 41.61 -0.83 27.55
C ASP A 306 42.61 0.04 28.27
N ASP A 307 43.79 -0.52 28.55
CA ASP A 307 44.83 0.21 29.26
C ASP A 307 45.50 1.28 28.42
N TYR A 308 45.55 1.07 27.11
CA TYR A 308 46.32 1.91 26.21
C TYR A 308 45.51 2.93 25.39
N ILE A 309 44.21 2.97 25.60
CA ILE A 309 43.40 3.94 24.88
C ILE A 309 42.88 5.02 25.82
N GLU A 310 43.12 6.28 25.47
CA GLU A 310 42.74 7.38 26.35
C GLU A 310 41.63 8.21 25.76
N ILE A 311 40.57 8.42 26.53
CA ILE A 311 39.48 9.28 26.09
C ILE A 311 39.38 10.56 26.92
N THR A 312 39.45 11.70 26.24
CA THR A 312 39.48 13.01 26.87
C THR A 312 38.13 13.39 27.44
N GLY A 313 38.08 13.60 28.76
CA GLY A 313 36.83 13.94 29.39
C GLY A 313 36.70 15.40 29.79
N ALA A 314 35.81 15.65 30.75
CA ALA A 314 35.62 16.99 31.28
C ALA A 314 36.81 17.32 32.16
N GLY A 315 37.20 18.58 32.16
CA GLY A 315 38.36 19.01 32.93
C GLY A 315 39.62 18.41 32.35
N GLY A 316 39.53 17.99 31.09
CA GLY A 316 40.67 17.45 30.36
C GLY A 316 41.21 16.09 30.77
N LYS A 317 40.67 15.48 31.82
CA LYS A 317 41.19 14.21 32.30
C LYS A 317 41.16 13.17 31.20
N LYS A 318 42.00 12.16 31.30
CA LYS A 318 41.98 11.14 30.27
C LYS A 318 41.37 9.89 30.91
N TYR A 319 40.47 9.23 30.18
CA TYR A 319 39.72 8.08 30.70
C TYR A 319 39.99 6.83 29.89
N ARG A 320 39.65 5.67 30.41
CA ARG A 320 39.73 4.47 29.63
C ARG A 320 38.35 4.07 29.10
N ILE A 321 38.32 3.13 28.15
CA ILE A 321 37.07 2.65 27.55
C ILE A 321 36.08 2.23 28.64
N SER A 322 36.61 1.52 29.63
CA SER A 322 35.82 0.97 30.71
C SER A 322 35.43 2.02 31.72
N THR A 323 36.10 3.18 31.69
CA THR A 323 35.82 4.22 32.67
C THR A 323 35.23 5.50 32.09
N ALA A 324 35.09 5.62 30.77
CA ALA A 324 34.46 6.81 30.21
C ALA A 324 32.98 6.84 30.62
N ILE A 325 32.46 5.72 31.13
CA ILE A 325 31.07 5.69 31.62
C ILE A 325 30.95 6.49 32.93
N ASP A 326 32.08 6.77 33.56
CA ASP A 326 32.07 7.52 34.82
C ASP A 326 32.01 9.04 34.59
N ASP A 327 32.37 9.48 33.38
CA ASP A 327 32.23 10.88 32.97
C ASP A 327 31.50 11.01 31.60
N MET A 328 30.40 11.74 31.61
CA MET A 328 29.52 11.88 30.44
C MET A 328 30.07 12.70 29.26
N GLU A 329 31.10 13.51 29.49
CA GLU A 329 31.74 14.32 28.44
C GLU A 329 32.67 13.49 27.57
N ALA A 330 33.36 12.57 28.23
CA ALA A 330 34.20 11.54 27.61
C ALA A 330 33.33 10.42 26.99
N TYR A 331 32.22 10.10 27.62
CA TYR A 331 31.35 9.05 27.12
C TYR A 331 30.84 9.38 25.75
N THR A 332 30.54 10.66 25.56
CA THR A 332 30.06 11.19 24.29
C THR A 332 31.00 10.87 23.14
N LYS A 333 32.29 10.89 23.40
CA LYS A 333 33.24 10.65 22.35
C LYS A 333 33.57 9.15 22.23
N LEU A 334 32.87 8.33 23.00
CA LEU A 334 33.10 6.90 22.95
C LEU A 334 32.06 6.23 22.07
N THR A 335 32.44 5.95 20.82
CA THR A 335 31.50 5.39 19.86
C THR A 335 32.13 4.18 19.18
N ASP A 336 31.46 3.68 18.14
CA ASP A 336 31.94 2.54 17.34
C ASP A 336 33.28 2.89 16.70
N ASN A 337 33.57 4.20 16.65
CA ASN A 337 34.82 4.73 16.15
C ASN A 337 36.04 4.04 16.73
N ILE A 338 35.92 3.61 17.99
CA ILE A 338 37.03 3.07 18.74
C ILE A 338 37.60 1.76 18.14
N PHE A 339 36.76 1.03 17.41
CA PHE A 339 37.13 -0.19 16.70
C PHE A 339 38.21 0.13 15.64
N LEU A 340 37.98 1.20 14.90
CA LEU A 340 38.84 1.58 13.79
C LEU A 340 40.10 2.27 14.26
N GLU A 341 40.00 2.93 15.41
CA GLU A 341 41.17 3.54 16.04
C GLU A 341 42.17 2.45 16.47
N ILE A 342 41.65 1.36 17.00
CA ILE A 342 42.47 0.19 17.34
C ILE A 342 43.07 -0.47 16.10
N LEU A 343 42.24 -0.64 15.09
CA LEU A 343 42.64 -1.35 13.88
C LEU A 343 43.68 -0.58 13.10
N TYR A 344 43.64 0.74 13.18
CA TYR A 344 44.56 1.54 12.41
C TYR A 344 45.83 1.88 13.18
N SER A 345 45.91 1.46 14.44
CA SER A 345 47.04 1.78 15.33
C SER A 345 48.35 1.17 14.86
N THR A 346 49.44 1.91 15.07
CA THR A 346 50.78 1.43 14.77
C THR A 346 51.52 1.24 16.10
N ASP A 347 50.83 1.66 17.15
CA ASP A 347 51.26 1.55 18.53
C ASP A 347 51.58 0.08 18.79
N PRO A 348 52.76 -0.22 19.34
CA PRO A 348 53.11 -1.62 19.64
C PRO A 348 52.45 -2.15 20.92
N LYS A 349 52.01 -1.26 21.79
CA LYS A 349 51.25 -1.63 22.97
C LYS A 349 49.92 -2.21 22.59
N LEU A 350 49.39 -1.76 21.47
CA LEU A 350 48.10 -2.26 20.99
C LEU A 350 48.19 -3.40 19.97
N LYS A 351 49.35 -4.02 19.79
CA LYS A 351 49.49 -5.07 18.78
C LYS A 351 48.62 -6.29 19.12
N ASP A 352 48.49 -6.55 20.41
CA ASP A 352 47.65 -7.65 20.86
C ASP A 352 46.19 -7.44 20.43
N ALA A 353 45.64 -6.25 20.72
CA ALA A 353 44.29 -5.91 20.33
C ALA A 353 44.16 -5.93 18.83
N ARG A 354 45.08 -5.20 18.19
CA ARG A 354 45.12 -5.12 16.74
CA ARG A 354 45.29 -5.14 16.74
C ARG A 354 45.12 -6.52 16.11
N GLU A 355 45.70 -7.51 16.77
CA GLU A 355 45.78 -8.82 16.16
C GLU A 355 44.40 -9.48 16.06
N ILE A 356 43.52 -9.24 17.03
CA ILE A 356 42.16 -9.80 17.04
C ILE A 356 41.24 -9.16 16.00
N LEU A 357 41.33 -7.84 15.86
CA LEU A 357 40.56 -7.16 14.85
C LEU A 357 41.00 -7.56 13.45
N LYS A 358 42.26 -7.94 13.30
CA LYS A 358 42.74 -8.51 12.03
C LYS A 358 42.18 -9.90 11.81
N GLN A 359 41.85 -10.61 12.89
CA GLN A 359 41.39 -11.97 12.68
CA GLN A 359 41.34 -11.99 12.82
C GLN A 359 39.91 -11.99 12.31
N ILE A 360 39.15 -11.01 12.78
CA ILE A 360 37.75 -10.84 12.37
C ILE A 360 37.63 -10.58 10.87
N GLU A 361 38.50 -9.70 10.39
CA GLU A 361 38.54 -9.32 8.99
C GLU A 361 39.12 -10.36 8.03
N TYR A 362 40.04 -11.20 8.51
CA TYR A 362 40.56 -12.32 7.72
C TYR A 362 39.65 -13.52 7.93
N ARG A 363 38.65 -13.32 8.77
CA ARG A 363 37.64 -14.33 9.10
C ARG A 363 38.21 -15.55 9.85
N ASN A 364 39.27 -15.34 10.62
CA ASN A 364 39.76 -16.43 11.44
C ASN A 364 39.17 -16.26 12.80
N LEU A 365 37.96 -16.76 12.93
CA LEU A 365 37.19 -16.49 14.12
C LEU A 365 37.42 -17.55 15.19
N PHE A 366 36.99 -17.24 16.40
CA PHE A 366 36.85 -18.22 17.48
C PHE A 366 35.93 -19.33 16.98
N LYS A 367 36.12 -20.54 17.50
CA LYS A 367 35.32 -21.68 17.03
C LYS A 367 34.26 -22.08 18.06
N TYR A 368 33.11 -22.53 17.58
CA TYR A 368 32.01 -22.92 18.46
C TYR A 368 32.30 -24.30 19.10
N VAL A 369 32.15 -24.41 20.42
CA VAL A 369 32.36 -25.67 21.12
C VAL A 369 31.02 -26.25 21.55
N GLY A 370 30.18 -25.43 22.16
CA GLY A 370 28.83 -25.86 22.52
C GLY A 370 27.91 -24.89 23.26
N GLU A 371 26.65 -25.30 23.44
CA GLU A 371 25.62 -24.50 24.09
C GLU A 371 25.05 -25.30 25.25
N THR A 372 24.62 -24.63 26.31
CA THR A 372 24.04 -25.32 27.46
C THR A 372 23.16 -24.33 28.19
N GLN A 373 22.33 -24.84 29.08
CA GLN A 373 21.49 -23.97 29.86
C GLN A 373 21.62 -24.32 31.34
N PRO A 374 21.49 -23.29 32.16
CA PRO A 374 21.44 -23.42 33.62
C PRO A 374 20.04 -23.79 34.07
N THR A 375 19.43 -24.80 33.44
CA THR A 375 18.04 -25.13 33.79
C THR A 375 17.91 -25.70 35.17
N GLY A 376 16.95 -25.16 35.92
CA GLY A 376 16.75 -25.60 37.29
C GLY A 376 17.75 -25.06 38.29
N GLN A 377 18.88 -24.59 37.78
CA GLN A 377 19.92 -24.10 38.67
C GLN A 377 19.81 -22.56 38.80
N ILE A 378 20.67 -21.98 39.62
CA ILE A 378 20.73 -20.52 39.75
C ILE A 378 21.34 -19.96 38.45
N LYS A 379 20.81 -18.83 37.95
CA LYS A 379 21.29 -18.25 36.69
C LYS A 379 22.64 -17.60 36.96
N ILE A 380 23.56 -17.67 35.99
CA ILE A 380 24.87 -17.04 36.14
C ILE A 380 24.70 -15.53 36.20
N LYS A 381 25.30 -14.92 37.21
CA LYS A 381 25.13 -13.48 37.37
C LYS A 381 26.19 -12.73 36.57
N ARG A 382 25.89 -11.48 36.23
CA ARG A 382 26.81 -10.64 35.46
C ARG A 382 28.13 -10.51 36.20
N GLU A 383 28.07 -10.45 37.53
CA GLU A 383 29.27 -10.33 38.37
C GLU A 383 30.26 -11.48 38.20
N ASP A 384 29.76 -12.64 37.83
CA ASP A 384 30.59 -13.82 37.79
C ASP A 384 31.07 -14.18 36.39
N TYR A 385 30.84 -13.31 35.40
CA TYR A 385 31.25 -13.62 34.03
C TYR A 385 32.76 -13.80 33.95
N GLU A 386 33.50 -12.91 34.61
CA GLU A 386 34.95 -12.92 34.51
C GLU A 386 35.59 -14.23 34.89
N SER A 387 35.03 -14.91 35.89
CA SER A 387 35.65 -16.11 36.42
C SER A 387 35.50 -17.37 35.57
N LEU A 388 34.40 -17.45 34.83
CA LEU A 388 33.98 -18.66 34.12
C LEU A 388 35.01 -19.40 33.26
N PRO A 389 35.86 -18.69 32.48
CA PRO A 389 36.79 -19.51 31.70
C PRO A 389 37.78 -20.28 32.58
N LYS A 390 38.14 -19.69 33.72
CA LYS A 390 38.99 -20.38 34.69
C LYS A 390 38.30 -21.67 35.16
N GLU A 391 36.99 -21.59 35.46
CA GLU A 391 36.22 -22.79 35.83
C GLU A 391 36.24 -23.84 34.72
N VAL A 392 36.00 -23.41 33.48
CA VAL A 392 35.84 -24.38 32.39
C VAL A 392 37.17 -25.08 32.18
N ALA A 393 38.25 -24.31 32.23
CA ALA A 393 39.61 -24.80 31.99
C ALA A 393 40.12 -25.70 33.15
N SER A 394 39.43 -25.63 34.29
CA SER A 394 39.77 -26.44 35.46
C SER A 394 38.92 -27.73 35.60
N ALA A 395 37.94 -27.91 34.74
CA ALA A 395 37.15 -29.12 34.77
C ALA A 395 38.09 -30.27 34.48
N LYS A 396 37.96 -31.35 35.24
CA LYS A 396 38.81 -32.52 35.05
C LYS A 396 38.14 -33.44 34.07
N PRO A 397 38.60 -33.43 32.82
CA PRO A 397 37.92 -34.17 31.79
C PRO A 397 38.56 -35.51 31.62
N LYS A 398 38.48 -36.37 32.62
CA LYS A 398 39.11 -37.69 32.51
C LYS A 398 38.08 -38.61 31.85
N VAL A 399 38.42 -39.27 30.74
CA VAL A 399 39.76 -39.50 30.17
C VAL A 399 40.69 -38.32 29.80
N LEU A 400 41.97 -38.50 30.09
CA LEU A 400 43.00 -37.50 29.80
C LEU A 400 43.21 -37.27 28.31
N LEU A 401 43.58 -36.05 27.97
CA LEU A 401 43.64 -35.64 26.58
C LEU A 401 45.05 -35.31 26.16
N ASP A 402 45.31 -35.42 24.86
CA ASP A 402 46.66 -35.22 24.36
C ASP A 402 47.14 -33.80 24.65
N VAL A 403 46.25 -32.83 24.56
CA VAL A 403 46.63 -31.43 24.80
C VAL A 403 45.90 -30.86 26.01
N LYS A 404 46.48 -29.79 26.55
CA LYS A 404 45.91 -29.06 27.67
C LYS A 404 45.60 -27.62 27.29
N LEU A 405 44.48 -27.10 27.77
CA LEU A 405 44.03 -25.75 27.42
C LEU A 405 44.02 -24.84 28.65
N LYS A 406 44.43 -23.60 28.49
CA LYS A 406 44.38 -22.64 29.59
C LYS A 406 43.10 -21.80 29.55
N ALA A 407 42.80 -21.09 30.64
CA ALA A 407 41.58 -20.27 30.72
C ALA A 407 41.54 -19.21 29.63
N GLU A 408 42.70 -18.80 29.16
CA GLU A 408 42.79 -17.83 28.10
C GLU A 408 42.40 -18.44 26.74
N ASP A 409 42.21 -19.74 26.69
CA ASP A 409 41.83 -20.38 25.42
C ASP A 409 40.33 -20.61 25.32
N PHE A 410 39.59 -20.17 26.33
CA PHE A 410 38.16 -20.31 26.38
C PHE A 410 37.44 -18.98 26.42
N ILE A 411 36.38 -18.86 25.62
CA ILE A 411 35.48 -17.73 25.73
C ILE A 411 34.12 -18.28 26.12
N VAL A 412 33.56 -17.85 27.24
CA VAL A 412 32.20 -18.28 27.56
C VAL A 412 31.31 -17.05 27.51
N ASP A 413 30.29 -17.18 26.66
CA ASP A 413 29.34 -16.14 26.29
C ASP A 413 27.99 -16.43 26.92
N VAL A 414 27.57 -15.57 27.85
CA VAL A 414 26.25 -15.68 28.48
C VAL A 414 25.26 -14.80 27.74
N ILE A 415 24.32 -15.44 27.07
CA ILE A 415 23.30 -14.77 26.27
C ILE A 415 21.96 -14.80 26.99
N ASN A 416 21.46 -13.64 27.41
CA ASN A 416 20.20 -13.53 28.18
C ASN A 416 19.15 -12.98 27.27
N MET A 417 17.92 -13.46 27.43
CA MET A 417 16.78 -12.95 26.66
C MET A 417 15.65 -12.94 27.64
N ASP A 418 15.69 -11.96 28.52
CA ASP A 418 14.66 -11.84 29.52
C ASP A 418 13.33 -11.46 28.88
N TYR A 419 12.32 -12.24 29.24
CA TYR A 419 10.87 -11.95 29.04
C TYR A 419 10.04 -13.20 29.32
N ASN A 425 2.14 -19.08 25.81
CA ASN A 425 1.48 -17.95 25.17
C ASN A 425 1.67 -16.67 25.97
N PRO A 426 2.39 -15.70 25.37
CA PRO A 426 2.63 -14.32 25.83
C PRO A 426 1.41 -13.44 25.58
N ILE A 427 0.69 -13.79 24.51
CA ILE A 427 -0.57 -13.21 24.11
C ILE A 427 -1.62 -13.12 25.24
N ASP A 428 -1.37 -13.81 26.35
CA ASP A 428 -2.35 -13.84 27.41
C ASP A 428 -2.14 -12.72 28.41
N HIS A 429 -0.94 -12.15 28.37
CA HIS A 429 -0.52 -11.10 29.30
C HIS A 429 -0.90 -9.71 28.79
N VAL A 430 -1.45 -9.67 27.58
CA VAL A 430 -2.03 -8.46 27.00
C VAL A 430 -3.48 -8.28 27.51
N SER A 431 -3.95 -7.04 27.60
CA SER A 431 -5.30 -6.79 28.09
C SER A 431 -6.22 -6.29 26.98
N PHE A 432 -7.42 -6.85 26.90
CA PHE A 432 -8.34 -6.48 25.82
C PHE A 432 -9.66 -5.82 26.23
N TYR A 433 -10.39 -5.37 25.21
CA TYR A 433 -11.70 -4.80 25.37
C TYR A 433 -12.49 -5.21 24.14
N CYS A 434 -13.81 -5.14 24.23
CA CYS A 434 -14.63 -5.27 23.03
C CYS A 434 -15.51 -4.03 23.04
N LYS A 435 -16.00 -3.63 21.87
CA LYS A 435 -16.76 -2.39 21.75
C LYS A 435 -17.96 -2.40 22.71
N THR A 436 -18.51 -3.57 22.98
CA THR A 436 -19.64 -3.68 23.91
C THR A 436 -19.29 -3.25 25.34
N ALA A 437 -18.07 -3.57 25.80
CA ALA A 437 -17.65 -3.18 27.14
C ALA A 437 -16.31 -2.44 27.14
N PRO A 438 -16.31 -1.22 26.55
CA PRO A 438 -15.07 -0.46 26.40
C PRO A 438 -14.53 0.03 27.73
N ASN A 439 -15.41 0.15 28.71
CA ASN A 439 -15.00 0.65 30.03
C ASN A 439 -14.06 -0.30 30.77
N ARG A 440 -14.32 -1.59 30.64
CA ARG A 440 -13.60 -2.61 31.42
C ARG A 440 -12.89 -3.64 30.55
N ALA A 441 -11.86 -4.25 31.14
CA ALA A 441 -11.00 -5.19 30.42
C ALA A 441 -11.59 -6.59 30.37
N ILE A 442 -11.39 -7.30 29.26
CA ILE A 442 -11.88 -8.67 29.09
C ILE A 442 -11.01 -9.68 29.85
N GLU A 459 14.78 -17.33 30.44
CA GLU A 459 15.80 -18.30 30.04
C GLU A 459 17.20 -17.69 30.04
N GLN A 460 18.20 -18.54 29.83
CA GLN A 460 19.59 -18.12 29.71
C GLN A 460 20.40 -19.17 28.96
N LEU A 461 21.20 -18.74 27.98
CA LEU A 461 22.11 -19.63 27.25
C LEU A 461 23.54 -19.39 27.62
N ILE A 462 24.29 -20.47 27.65
CA ILE A 462 25.70 -20.39 27.91
C ILE A 462 26.36 -21.07 26.74
N ARG A 463 27.21 -20.32 26.04
CA ARG A 463 28.01 -20.86 24.95
C ARG A 463 29.48 -20.72 25.29
N VAL A 464 30.29 -21.68 24.87
CA VAL A 464 31.73 -21.60 25.07
C VAL A 464 32.41 -21.69 23.70
N TYR A 465 33.34 -20.78 23.48
CA TYR A 465 34.10 -20.78 22.27
C TYR A 465 35.56 -21.09 22.60
N CYS A 466 36.27 -21.60 21.62
CA CYS A 466 37.68 -21.79 21.81
C CYS A 466 38.49 -20.88 20.84
N LYS A 467 39.57 -20.31 21.37
CA LYS A 467 40.47 -19.48 20.59
C LYS A 467 41.47 -20.33 19.78
N LYS A 468 41.79 -21.53 20.27
CA LYS A 468 42.64 -22.46 19.54
C LYS A 468 41.84 -23.20 18.49
N VAL A 469 42.33 -23.19 17.25
CA VAL A 469 41.55 -23.58 16.07
C VAL A 469 41.82 -24.98 15.45
N ASP A 470 42.83 -25.69 15.94
CA ASP A 470 43.15 -27.03 15.44
C ASP A 470 42.16 -28.10 15.95
N ARG A 471 42.01 -29.20 15.20
CA ARG A 471 41.06 -30.28 15.55
C ARG A 471 41.31 -30.98 16.93
N LYS A 472 42.58 -31.22 17.30
CA LYS A 472 42.89 -31.84 18.61
C LYS A 472 42.49 -30.95 19.78
N SER A 473 42.80 -29.66 19.69
CA SER A 473 42.47 -28.71 20.76
C SER A 473 40.98 -28.48 20.88
N LEU A 474 40.30 -28.45 19.73
CA LEU A 474 38.86 -28.25 19.70
C LEU A 474 38.16 -29.42 20.37
N TYR A 475 38.69 -30.60 20.08
CA TYR A 475 38.23 -31.84 20.68
C TYR A 475 38.50 -31.80 22.16
N ALA A 476 39.70 -31.38 22.54
CA ALA A 476 40.06 -31.18 23.94
C ALA A 476 39.10 -30.22 24.57
N ALA A 477 38.87 -29.11 23.90
CA ALA A 477 37.97 -28.06 24.40
C ALA A 477 36.57 -28.57 24.75
N ARG A 478 36.01 -29.41 23.88
CA ARG A 478 34.67 -29.98 24.06
C ARG A 478 34.59 -30.82 25.32
N GLN A 479 35.68 -31.51 25.62
CA GLN A 479 35.74 -32.35 26.78
C GLN A 479 35.67 -31.52 28.04
N TYR A 480 36.53 -30.51 28.13
CA TYR A 480 36.50 -29.61 29.25
C TYR A 480 35.11 -29.00 29.39
N PHE A 481 34.52 -28.56 28.28
CA PHE A 481 33.21 -27.93 28.31
C PHE A 481 32.15 -28.91 28.78
N VAL A 482 32.19 -30.14 28.27
CA VAL A 482 31.21 -31.14 28.69
C VAL A 482 31.36 -31.47 30.18
N GLN A 483 32.59 -31.46 30.66
CA GLN A 483 32.82 -31.64 32.09
C GLN A 483 32.32 -30.43 32.90
N TRP A 484 32.69 -29.22 32.52
CA TRP A 484 32.27 -28.04 33.27
C TRP A 484 30.77 -28.00 33.49
N CYS A 485 30.02 -28.39 32.47
CA CYS A 485 28.57 -28.53 32.58
C CYS A 485 28.18 -29.60 33.59
N ALA A 486 28.95 -30.68 33.61
CA ALA A 486 28.66 -31.79 34.50
C ALA A 486 28.64 -31.35 35.96
N ASP A 487 29.71 -30.72 36.44
CA ASP A 487 29.75 -30.47 37.87
C ASP A 487 29.29 -29.04 38.18
N ARG A 488 28.56 -28.46 37.25
CA ARG A 488 27.88 -27.19 37.43
C ARG A 488 26.36 -27.40 37.33
N ASN A 489 25.99 -28.64 36.99
CA ASN A 489 24.61 -29.09 36.81
C ASN A 489 23.85 -28.33 35.74
N PHE A 490 24.54 -27.96 34.69
CA PHE A 490 23.94 -27.40 33.49
C PHE A 490 23.52 -28.53 32.54
N THR A 491 22.68 -28.21 31.57
CA THR A 491 22.14 -29.26 30.68
C THR A 491 23.24 -29.96 29.87
N LYS A 492 23.04 -31.21 29.50
CA LYS A 492 24.07 -31.89 28.70
C LYS A 492 24.03 -31.30 27.29
N PRO A 493 25.19 -30.82 26.82
CA PRO A 493 25.38 -30.29 25.47
C PRO A 493 25.02 -31.32 24.40
N GLN A 494 24.42 -30.89 23.28
CA GLN A 494 24.11 -31.82 22.19
C GLN A 494 25.25 -31.90 21.16
N ASP A 495 25.27 -32.99 20.39
CA ASP A 495 26.32 -33.32 19.42
C ASP A 495 27.02 -32.13 18.74
N MET B 27 -6.94 -12.12 -24.60
CA MET B 27 -6.13 -11.81 -23.41
C MET B 27 -6.42 -10.41 -22.87
N LYS B 28 -7.64 -10.24 -22.39
CA LYS B 28 -8.15 -8.98 -21.89
C LYS B 28 -7.61 -8.70 -20.50
N VAL B 29 -7.55 -7.43 -20.11
CA VAL B 29 -7.20 -7.12 -18.74
C VAL B 29 -8.36 -6.28 -18.19
N ILE B 30 -9.02 -6.79 -17.14
CA ILE B 30 -10.17 -6.12 -16.54
C ILE B 30 -9.78 -5.51 -15.23
N ASN B 31 -10.16 -4.27 -14.97
CA ASN B 31 -9.83 -3.73 -13.66
C ASN B 31 -10.94 -3.90 -12.63
N ASP B 32 -10.63 -4.59 -11.55
CA ASP B 32 -11.55 -4.83 -10.46
C ASP B 32 -11.03 -4.10 -9.20
N PRO B 33 -11.93 -3.42 -8.47
CA PRO B 33 -11.58 -2.59 -7.29
C PRO B 33 -11.04 -3.36 -6.07
N ILE B 34 -11.26 -4.67 -6.00
CA ILE B 34 -10.78 -5.51 -4.89
C ILE B 34 -9.50 -6.27 -5.29
N HIS B 35 -9.44 -6.75 -6.52
CA HIS B 35 -8.33 -7.59 -6.98
C HIS B 35 -7.35 -6.89 -7.91
N GLY B 36 -7.63 -5.66 -8.32
CA GLY B 36 -6.77 -4.99 -9.28
C GLY B 36 -6.99 -5.46 -10.71
N HIS B 37 -5.93 -5.85 -11.42
CA HIS B 37 -6.06 -6.30 -12.80
C HIS B 37 -6.38 -7.78 -12.91
N ILE B 38 -7.40 -8.10 -13.68
CA ILE B 38 -7.75 -9.50 -13.82
C ILE B 38 -7.48 -9.86 -15.25
N GLU B 39 -6.45 -10.67 -15.46
CA GLU B 39 -6.13 -11.13 -16.78
C GLU B 39 -7.02 -12.32 -17.09
N LEU B 40 -7.62 -12.28 -18.27
CA LEU B 40 -8.61 -13.28 -18.66
C LEU B 40 -8.22 -14.08 -19.90
N HIS B 41 -8.02 -15.38 -19.74
CA HIS B 41 -7.78 -16.30 -20.85
C HIS B 41 -8.91 -16.17 -21.85
N PRO B 42 -8.58 -16.15 -23.15
CA PRO B 42 -9.56 -15.98 -24.23
C PRO B 42 -10.75 -16.95 -24.16
N LEU B 43 -10.49 -18.16 -23.71
CA LEU B 43 -11.54 -19.13 -23.43
C LEU B 43 -12.51 -18.59 -22.36
N LEU B 44 -11.92 -18.07 -21.26
CA LEU B 44 -12.68 -17.44 -20.18
C LEU B 44 -13.47 -16.30 -20.78
N VAL B 45 -12.82 -15.51 -21.62
CA VAL B 45 -13.54 -14.42 -22.26
C VAL B 45 -14.69 -14.97 -23.08
N ARG B 46 -14.48 -16.11 -23.75
CA ARG B 46 -15.53 -16.69 -24.58
C ARG B 46 -16.73 -17.14 -23.74
N ILE B 47 -16.47 -17.67 -22.56
CA ILE B 47 -17.54 -18.02 -21.62
C ILE B 47 -18.27 -16.77 -21.06
N ILE B 48 -17.51 -15.69 -20.80
CA ILE B 48 -18.06 -14.47 -20.17
C ILE B 48 -18.98 -13.61 -21.07
N ASP B 49 -18.70 -13.54 -22.38
CA ASP B 49 -19.54 -12.75 -23.28
C ASP B 49 -20.72 -13.55 -23.87
N THR B 50 -21.49 -14.19 -23.00
CA THR B 50 -22.65 -14.96 -23.41
C THR B 50 -23.77 -14.47 -22.54
N PRO B 51 -25.03 -14.66 -22.98
CA PRO B 51 -26.15 -14.19 -22.17
C PRO B 51 -26.28 -14.91 -20.82
N GLN B 52 -25.95 -16.19 -20.79
CA GLN B 52 -26.10 -16.99 -19.57
C GLN B 52 -25.15 -16.49 -18.48
N PHE B 53 -24.07 -15.83 -18.87
CA PHE B 53 -23.15 -15.25 -17.90
C PHE B 53 -23.46 -13.78 -17.62
N GLN B 54 -23.80 -13.00 -18.67
CA GLN B 54 -24.11 -11.58 -18.48
C GLN B 54 -25.37 -11.39 -17.64
N ARG B 55 -26.12 -12.48 -17.49
CA ARG B 55 -27.28 -12.55 -16.63
C ARG B 55 -26.94 -12.15 -15.20
N LEU B 56 -25.69 -12.38 -14.81
CA LEU B 56 -25.26 -12.14 -13.44
C LEU B 56 -25.08 -10.65 -13.14
N ARG B 57 -25.16 -9.82 -14.17
CA ARG B 57 -25.15 -8.36 -14.01
C ARG B 57 -26.45 -7.81 -13.43
N TYR B 58 -27.47 -8.64 -13.31
CA TYR B 58 -28.84 -8.20 -12.96
C TYR B 58 -29.36 -8.97 -11.78
N ILE B 59 -28.45 -9.37 -10.91
CA ILE B 59 -28.78 -10.15 -9.73
C ILE B 59 -27.88 -9.67 -8.56
N LYS B 60 -28.49 -8.97 -7.59
CA LYS B 60 -27.77 -8.40 -6.45
C LYS B 60 -27.08 -9.46 -5.60
N GLN B 61 -25.84 -9.19 -5.26
CA GLN B 61 -25.10 -10.08 -4.38
C GLN B 61 -25.79 -10.31 -3.04
N LEU B 62 -26.25 -9.24 -2.39
CA LEU B 62 -26.74 -9.36 -1.03
C LEU B 62 -28.25 -9.39 -0.98
N GLY B 63 -28.87 -9.57 -2.15
CA GLY B 63 -30.33 -9.59 -2.24
C GLY B 63 -30.91 -8.31 -1.68
N GLY B 64 -31.78 -8.44 -0.68
CA GLY B 64 -32.42 -7.31 -0.02
C GLY B 64 -31.49 -6.42 0.79
N GLY B 65 -30.19 -6.71 0.76
CA GLY B 65 -29.20 -5.95 1.48
C GLY B 65 -29.20 -4.48 1.13
N TYR B 66 -29.34 -4.22 -0.17
CA TYR B 66 -29.32 -2.87 -0.73
C TYR B 66 -30.35 -1.92 -0.11
N TYR B 67 -31.45 -2.47 0.39
CA TYR B 67 -32.52 -1.64 0.92
C TYR B 67 -32.24 -1.29 2.37
N VAL B 68 -31.14 -1.84 2.88
CA VAL B 68 -30.65 -1.54 4.23
C VAL B 68 -29.20 -0.99 4.14
N PHE B 69 -28.45 -1.53 3.20
CA PHE B 69 -27.12 -1.03 3.01
C PHE B 69 -26.99 -0.41 1.63
N PRO B 70 -26.98 0.93 1.58
CA PRO B 70 -26.96 1.67 0.33
C PRO B 70 -25.70 1.39 -0.51
N GLY B 71 -24.62 0.95 0.10
CA GLY B 71 -23.41 0.71 -0.69
C GLY B 71 -23.48 -0.57 -1.50
N ALA B 72 -24.38 -1.45 -1.09
CA ALA B 72 -24.44 -2.82 -1.58
C ALA B 72 -25.22 -2.99 -2.91
N SER B 73 -24.81 -2.26 -3.91
CA SER B 73 -25.45 -2.31 -5.21
C SER B 73 -24.80 -3.38 -6.09
N HIS B 74 -23.78 -4.04 -5.55
CA HIS B 74 -22.98 -4.97 -6.33
C HIS B 74 -23.71 -6.25 -6.71
N ASN B 75 -23.32 -6.83 -7.84
CA ASN B 75 -23.96 -8.02 -8.38
C ASN B 75 -23.08 -9.26 -8.44
N ARG B 76 -23.71 -10.37 -8.80
CA ARG B 76 -23.05 -11.66 -8.94
C ARG B 76 -21.99 -11.68 -10.00
N PHE B 77 -22.12 -10.79 -10.97
CA PHE B 77 -21.22 -10.77 -12.12
C PHE B 77 -19.78 -10.44 -11.76
N GLU B 78 -19.53 -9.31 -11.12
CA GLU B 78 -18.15 -8.98 -10.79
C GLU B 78 -17.59 -9.96 -9.76
N HIS B 79 -18.42 -10.41 -8.81
CA HIS B 79 -18.03 -11.46 -7.85
C HIS B 79 -17.57 -12.77 -8.54
N SER B 80 -18.32 -13.19 -9.57
CA SER B 80 -17.97 -14.37 -10.34
C SER B 80 -16.63 -14.18 -11.02
N LEU B 81 -16.37 -12.96 -11.50
CA LEU B 81 -15.09 -12.57 -12.08
C LEU B 81 -13.93 -12.71 -11.09
N GLY B 82 -14.15 -12.27 -9.86
CA GLY B 82 -13.15 -12.32 -8.81
C GLY B 82 -12.84 -13.73 -8.31
N VAL B 83 -13.88 -14.54 -8.17
CA VAL B 83 -13.67 -15.93 -7.78
C VAL B 83 -12.89 -16.69 -8.84
N GLY B 84 -13.24 -16.45 -10.11
CA GLY B 84 -12.58 -17.08 -11.23
C GLY B 84 -11.10 -16.72 -11.25
N TYR B 85 -10.85 -15.46 -10.94
CA TYR B 85 -9.49 -14.95 -10.82
C TYR B 85 -8.77 -15.61 -9.62
N LEU B 86 -9.41 -15.61 -8.46
CA LEU B 86 -8.77 -16.18 -7.28
C LEU B 86 -8.53 -17.68 -7.41
N ALA B 87 -9.46 -18.38 -8.06
CA ALA B 87 -9.29 -19.81 -8.31
C ALA B 87 -7.95 -19.99 -9.00
N GLY B 88 -7.78 -19.31 -10.13
CA GLY B 88 -6.54 -19.35 -10.90
C GLY B 88 -5.26 -18.94 -10.21
N CYS B 89 -5.29 -17.88 -9.42
CA CYS B 89 -4.09 -17.45 -8.69
C CYS B 89 -3.56 -18.56 -7.80
N LEU B 90 -4.47 -19.27 -7.14
CA LEU B 90 -4.08 -20.30 -6.18
C LEU B 90 -3.46 -21.54 -6.87
N VAL B 91 -4.11 -22.04 -7.92
CA VAL B 91 -3.64 -23.24 -8.63
C VAL B 91 -2.26 -23.05 -9.21
N HIS B 92 -2.12 -21.92 -9.89
CA HIS B 92 -0.92 -21.57 -10.61
C HIS B 92 0.19 -21.42 -9.57
N ALA B 93 -0.18 -20.94 -8.38
CA ALA B 93 0.75 -20.82 -7.26
C ALA B 93 1.18 -22.19 -6.76
N LEU B 94 0.21 -23.07 -6.52
CA LEU B 94 0.52 -24.42 -6.05
C LEU B 94 1.37 -25.16 -7.07
N GLY B 95 1.07 -24.95 -8.35
CA GLY B 95 1.82 -25.59 -9.42
C GLY B 95 3.28 -25.16 -9.49
N GLU B 96 3.54 -23.88 -9.24
CA GLU B 96 4.91 -23.36 -9.29
C GLU B 96 5.78 -23.76 -8.09
N LYS B 97 5.21 -23.79 -6.90
CA LYS B 97 5.98 -24.16 -5.72
C LYS B 97 6.20 -25.65 -5.70
N GLN B 98 5.30 -26.39 -6.32
CA GLN B 98 5.36 -27.85 -6.30
C GLN B 98 5.13 -28.49 -7.68
N PRO B 99 6.19 -28.57 -8.51
CA PRO B 99 6.05 -29.17 -9.84
C PRO B 99 5.68 -30.64 -9.80
N GLU B 100 5.90 -31.31 -8.67
CA GLU B 100 5.63 -32.75 -8.56
C GLU B 100 4.14 -33.11 -8.54
N LEU B 101 3.28 -32.13 -8.31
CA LEU B 101 1.83 -32.36 -8.34
C LEU B 101 1.29 -32.58 -9.75
N GLN B 102 2.11 -32.27 -10.76
CA GLN B 102 1.75 -32.43 -12.17
C GLN B 102 0.57 -31.56 -12.57
N ILE B 103 0.59 -30.32 -12.11
CA ILE B 103 -0.46 -29.38 -12.43
C ILE B 103 -0.23 -28.79 -13.81
N SER B 104 -1.19 -28.99 -14.71
CA SER B 104 -1.06 -28.58 -16.10
C SER B 104 -1.68 -27.22 -16.41
N GLU B 105 -1.35 -26.66 -17.57
CA GLU B 105 -2.03 -25.46 -18.06
C GLU B 105 -3.50 -25.79 -18.30
N ARG B 106 -3.78 -27.07 -18.50
CA ARG B 106 -5.14 -27.60 -18.63
C ARG B 106 -5.90 -27.54 -17.29
N ASP B 107 -5.21 -27.88 -16.21
CA ASP B 107 -5.80 -27.86 -14.87
C ASP B 107 -6.16 -26.45 -14.39
N VAL B 108 -5.28 -25.48 -14.64
CA VAL B 108 -5.52 -24.11 -14.23
C VAL B 108 -6.76 -23.52 -14.93
N LEU B 109 -6.93 -23.78 -16.23
CA LEU B 109 -8.12 -23.30 -16.95
C LEU B 109 -9.45 -23.84 -16.41
N CYS B 110 -9.47 -25.09 -15.96
CA CYS B 110 -10.71 -25.68 -15.45
C CYS B 110 -11.11 -25.11 -14.09
N VAL B 111 -10.12 -24.89 -13.24
CA VAL B 111 -10.36 -24.30 -11.94
C VAL B 111 -10.81 -22.85 -12.15
N GLN B 112 -10.21 -22.16 -13.12
CA GLN B 112 -10.64 -20.80 -13.45
C GLN B 112 -12.09 -20.78 -13.96
N ILE B 113 -12.42 -21.66 -14.89
CA ILE B 113 -13.81 -21.81 -15.40
C ILE B 113 -14.81 -22.20 -14.32
N ALA B 114 -14.41 -23.11 -13.43
CA ALA B 114 -15.31 -23.53 -12.34
C ALA B 114 -15.64 -22.36 -11.40
N GLY B 115 -14.62 -21.62 -10.98
CA GLY B 115 -14.81 -20.46 -10.12
C GLY B 115 -15.74 -19.45 -10.74
N LEU B 116 -15.51 -19.15 -12.02
CA LEU B 116 -16.33 -18.23 -12.81
C LEU B 116 -17.84 -18.59 -12.88
N CYS B 117 -18.13 -19.90 -12.91
CA CYS B 117 -19.49 -20.36 -13.20
C CYS B 117 -20.22 -21.05 -12.04
N HIS B 118 -19.60 -21.07 -10.86
CA HIS B 118 -20.23 -21.69 -9.68
C HIS B 118 -21.52 -20.97 -9.30
N ASP B 119 -21.68 -19.74 -9.78
CA ASP B 119 -22.85 -18.96 -9.45
C ASP B 119 -23.78 -18.68 -10.63
N LEU B 120 -23.64 -19.45 -11.71
CA LEU B 120 -24.49 -19.29 -12.89
C LEU B 120 -25.99 -19.45 -12.59
N GLY B 121 -26.28 -20.24 -11.55
CA GLY B 121 -27.63 -20.67 -11.21
C GLY B 121 -28.36 -19.90 -10.14
N HIS B 122 -27.80 -18.79 -9.69
CA HIS B 122 -28.50 -17.96 -8.71
C HIS B 122 -29.78 -17.37 -9.33
N GLY B 123 -30.78 -17.11 -8.49
CA GLY B 123 -32.05 -16.64 -8.98
C GLY B 123 -32.24 -15.20 -8.54
N PRO B 124 -33.43 -14.62 -8.81
CA PRO B 124 -33.73 -13.24 -8.43
C PRO B 124 -33.33 -12.96 -6.99
N PHE B 125 -32.45 -11.99 -6.79
CA PHE B 125 -31.94 -11.63 -5.45
C PHE B 125 -31.17 -12.73 -4.74
N SER B 126 -30.42 -13.51 -5.50
CA SER B 126 -29.49 -14.50 -4.96
C SER B 126 -30.08 -15.51 -3.96
N HIS B 127 -29.61 -15.47 -2.71
CA HIS B 127 -29.91 -16.50 -1.72
C HIS B 127 -31.38 -16.48 -1.33
N MET B 128 -32.05 -15.39 -1.65
CA MET B 128 -33.46 -15.30 -1.36
C MET B 128 -34.28 -16.34 -2.13
N PHE B 129 -33.81 -16.66 -3.33
CA PHE B 129 -34.59 -17.41 -4.29
C PHE B 129 -34.65 -18.91 -4.01
N ASP B 130 -33.50 -19.56 -3.80
CA ASP B 130 -33.53 -21.01 -3.62
C ASP B 130 -33.73 -21.38 -2.16
N GLY B 131 -33.47 -20.43 -1.28
CA GLY B 131 -33.61 -20.62 0.16
C GLY B 131 -34.97 -20.35 0.79
N ARG B 132 -35.79 -19.52 0.15
CA ARG B 132 -37.11 -19.15 0.69
C ARG B 132 -38.24 -19.19 -0.34
N PHE B 133 -38.02 -18.66 -1.54
CA PHE B 133 -39.10 -18.63 -2.55
C PHE B 133 -39.49 -20.05 -3.03
N ILE B 134 -38.56 -20.80 -3.59
CA ILE B 134 -38.88 -22.13 -4.11
C ILE B 134 -39.41 -23.07 -3.00
N PRO B 135 -38.80 -23.04 -1.81
CA PRO B 135 -39.41 -23.89 -0.77
C PRO B 135 -40.88 -23.54 -0.39
N LEU B 136 -41.27 -22.28 -0.53
CA LEU B 136 -42.63 -21.85 -0.23
C LEU B 136 -43.56 -22.03 -1.43
N ALA B 137 -42.99 -21.98 -2.62
CA ALA B 137 -43.77 -21.99 -3.85
C ALA B 137 -44.04 -23.40 -4.32
N ARG B 138 -43.04 -24.25 -4.15
CA ARG B 138 -43.10 -25.64 -4.56
C ARG B 138 -42.42 -26.50 -3.49
N PRO B 139 -43.11 -26.74 -2.34
CA PRO B 139 -42.45 -27.39 -1.19
C PRO B 139 -41.85 -28.76 -1.49
N GLU B 140 -42.49 -29.51 -2.36
CA GLU B 140 -42.07 -30.85 -2.77
C GLU B 140 -40.72 -30.85 -3.52
N VAL B 141 -40.42 -29.76 -4.22
CA VAL B 141 -39.23 -29.71 -5.07
C VAL B 141 -37.98 -29.50 -4.26
N LYS B 142 -36.96 -30.24 -4.65
CA LYS B 142 -35.63 -30.09 -4.12
C LYS B 142 -34.78 -29.32 -5.14
N TRP B 143 -34.42 -28.10 -4.79
CA TRP B 143 -33.66 -27.22 -5.67
C TRP B 143 -32.57 -26.44 -4.93
N THR B 144 -31.34 -26.46 -5.44
CA THR B 144 -30.27 -25.61 -4.89
C THR B 144 -29.61 -24.82 -6.00
N HIS B 145 -28.96 -23.70 -5.70
CA HIS B 145 -28.34 -22.94 -6.78
C HIS B 145 -27.16 -23.70 -7.36
N GLU B 146 -26.59 -24.61 -6.60
CA GLU B 146 -25.51 -25.42 -7.14
C GLU B 146 -26.05 -26.42 -8.21
N GLN B 147 -27.25 -26.95 -8.02
CA GLN B 147 -27.89 -27.69 -9.12
C GLN B 147 -28.11 -26.76 -10.30
N GLY B 148 -28.62 -25.58 -9.98
CA GLY B 148 -28.85 -24.52 -10.95
C GLY B 148 -27.65 -24.06 -11.76
N SER B 149 -26.49 -23.94 -11.13
CA SER B 149 -25.31 -23.55 -11.89
C SER B 149 -24.89 -24.58 -12.93
N VAL B 150 -24.94 -25.86 -12.59
CA VAL B 150 -24.48 -26.87 -13.52
C VAL B 150 -25.41 -26.91 -14.75
N MET B 151 -26.73 -26.83 -14.51
CA MET B 151 -27.67 -26.79 -15.63
C MET B 151 -27.41 -25.60 -16.55
N MET B 152 -27.16 -24.44 -15.94
CA MET B 152 -26.92 -23.19 -16.66
C MET B 152 -25.57 -23.21 -17.41
N PHE B 153 -24.57 -23.85 -16.81
CA PHE B 153 -23.27 -24.00 -17.44
C PHE B 153 -23.41 -24.92 -18.67
N GLU B 154 -24.19 -25.99 -18.53
CA GLU B 154 -24.44 -26.86 -19.66
C GLU B 154 -25.15 -26.09 -20.75
N HIS B 155 -26.19 -25.34 -20.40
CA HIS B 155 -26.88 -24.52 -21.37
C HIS B 155 -25.94 -23.51 -22.02
N LEU B 156 -24.99 -22.99 -21.24
CA LEU B 156 -24.08 -21.96 -21.73
C LEU B 156 -23.16 -22.49 -22.81
N ILE B 157 -22.46 -23.59 -22.53
CA ILE B 157 -21.49 -24.14 -23.47
C ILE B 157 -22.16 -24.75 -24.68
N ASN B 158 -23.42 -25.13 -24.57
CA ASN B 158 -24.14 -25.64 -25.74
C ASN B 158 -24.69 -24.53 -26.62
N SER B 159 -25.32 -23.52 -26.01
CA SER B 159 -25.89 -22.43 -26.79
C SER B 159 -24.87 -21.57 -27.53
N ASN B 160 -23.61 -21.60 -27.10
CA ASN B 160 -22.61 -20.70 -27.67
C ASN B 160 -21.44 -21.42 -28.30
N GLY B 161 -21.57 -22.72 -28.47
CA GLY B 161 -20.56 -23.52 -29.17
C GLY B 161 -19.18 -23.37 -28.56
N ILE B 162 -19.13 -23.53 -27.24
CA ILE B 162 -17.93 -23.31 -26.43
C ILE B 162 -16.98 -24.49 -26.50
N LYS B 163 -17.55 -25.68 -26.74
CA LYS B 163 -16.82 -26.93 -26.70
C LYS B 163 -15.71 -27.06 -27.78
N PRO B 164 -16.00 -26.65 -29.04
CA PRO B 164 -14.89 -26.52 -30.01
C PRO B 164 -13.74 -25.61 -29.55
N VAL B 165 -14.07 -24.47 -28.91
CA VAL B 165 -13.07 -23.50 -28.43
C VAL B 165 -12.30 -24.05 -27.23
N MET B 166 -12.93 -24.94 -26.46
CA MET B 166 -12.25 -25.65 -25.38
C MET B 166 -11.14 -26.52 -25.96
N GLU B 167 -11.49 -27.25 -27.03
CA GLU B 167 -10.58 -28.15 -27.72
C GLU B 167 -9.44 -27.41 -28.38
N GLN B 168 -9.75 -26.24 -28.90
CA GLN B 168 -8.77 -25.35 -29.52
C GLN B 168 -7.69 -24.94 -28.53
N TYR B 169 -8.02 -24.88 -27.24
CA TYR B 169 -7.05 -24.48 -26.21
C TYR B 169 -6.61 -25.65 -25.32
N GLY B 170 -6.88 -26.88 -25.75
CA GLY B 170 -6.26 -28.03 -25.13
C GLY B 170 -7.07 -28.75 -24.06
N LEU B 171 -8.34 -28.38 -23.95
CA LEU B 171 -9.24 -29.01 -23.00
C LEU B 171 -9.94 -30.23 -23.61
N ILE B 172 -10.19 -31.25 -22.82
CA ILE B 172 -10.95 -32.39 -23.31
C ILE B 172 -12.41 -32.30 -22.84
N PRO B 173 -13.29 -31.77 -23.70
CA PRO B 173 -14.66 -31.44 -23.30
C PRO B 173 -15.36 -32.53 -22.49
N GLU B 174 -15.34 -33.78 -22.94
CA GLU B 174 -16.01 -34.81 -22.17
C GLU B 174 -15.43 -34.86 -20.75
N GLU B 175 -14.11 -34.96 -20.66
CA GLU B 175 -13.45 -35.16 -19.38
C GLU B 175 -13.46 -33.93 -18.48
N ASP B 176 -13.28 -32.75 -19.08
CA ASP B 176 -13.15 -31.52 -18.32
C ASP B 176 -14.49 -30.90 -17.92
N ILE B 177 -15.50 -31.02 -18.78
CA ILE B 177 -16.85 -30.53 -18.43
C ILE B 177 -17.41 -31.26 -17.21
N CYS B 178 -17.10 -32.54 -17.08
CA CYS B 178 -17.45 -33.28 -15.85
C CYS B 178 -16.75 -32.66 -14.65
N PHE B 179 -15.44 -32.48 -14.76
CA PHE B 179 -14.60 -31.90 -13.72
C PHE B 179 -15.12 -30.54 -13.24
N ILE B 180 -15.47 -29.66 -14.17
CA ILE B 180 -16.00 -28.37 -13.76
C ILE B 180 -17.30 -28.58 -12.99
N LYS B 181 -18.18 -29.41 -13.51
CA LYS B 181 -19.43 -29.70 -12.82
C LYS B 181 -19.23 -30.28 -11.43
N GLU B 182 -18.28 -31.21 -11.27
CA GLU B 182 -18.08 -31.81 -9.96
C GLU B 182 -17.47 -30.81 -8.98
N GLN B 183 -16.66 -29.87 -9.47
CA GLN B 183 -16.17 -28.79 -8.60
C GLN B 183 -17.27 -27.87 -8.06
N ILE B 184 -18.45 -27.87 -8.69
CA ILE B 184 -19.52 -26.93 -8.36
C ILE B 184 -20.63 -27.53 -7.51
N VAL B 185 -21.05 -28.73 -7.86
CA VAL B 185 -22.23 -29.30 -7.22
C VAL B 185 -21.80 -30.53 -6.43
N GLY B 186 -20.51 -30.85 -6.49
CA GLY B 186 -19.97 -32.00 -5.80
C GLY B 186 -20.09 -33.22 -6.69
N PRO B 187 -19.71 -34.41 -6.18
CA PRO B 187 -19.75 -35.64 -6.98
C PRO B 187 -21.17 -35.94 -7.48
N LEU B 188 -21.29 -36.29 -8.77
CA LEU B 188 -22.58 -36.34 -9.48
C LEU B 188 -23.38 -37.62 -9.24
N TRP B 197 -13.62 -43.50 -3.94
CA TRP B 197 -13.36 -42.24 -4.63
C TRP B 197 -14.44 -41.92 -5.63
N PRO B 198 -15.28 -40.93 -5.33
CA PRO B 198 -16.49 -40.57 -6.08
C PRO B 198 -16.29 -39.72 -7.34
N TYR B 199 -15.13 -39.09 -7.50
CA TYR B 199 -14.93 -38.12 -8.59
C TYR B 199 -14.43 -38.77 -9.87
N LYS B 200 -15.13 -38.47 -10.96
CA LYS B 200 -14.77 -38.98 -12.29
C LYS B 200 -13.98 -37.98 -13.12
N GLY B 201 -13.93 -36.73 -12.68
CA GLY B 201 -13.29 -35.68 -13.44
C GLY B 201 -11.77 -35.73 -13.37
N ARG B 202 -11.27 -36.06 -12.19
CA ARG B 202 -9.84 -36.16 -11.95
C ARG B 202 -9.51 -37.27 -10.96
N PRO B 203 -8.39 -37.98 -11.17
CA PRO B 203 -8.00 -39.03 -10.22
C PRO B 203 -7.71 -38.46 -8.84
N GLU B 204 -7.60 -39.33 -7.82
CA GLU B 204 -7.39 -38.91 -6.43
C GLU B 204 -6.01 -38.27 -6.15
N ASN B 205 -5.02 -38.50 -7.02
CA ASN B 205 -3.71 -37.88 -6.83
C ASN B 205 -3.78 -36.37 -7.10
N LYS B 206 -4.92 -35.95 -7.62
CA LYS B 206 -5.24 -34.54 -7.84
C LYS B 206 -6.51 -34.11 -7.07
N SER B 207 -6.78 -34.75 -5.93
CA SER B 207 -7.97 -34.48 -5.11
C SER B 207 -8.02 -33.03 -4.60
N PHE B 208 -6.84 -32.45 -4.39
CA PHE B 208 -6.72 -31.10 -3.85
C PHE B 208 -7.32 -30.04 -4.78
N LEU B 209 -7.45 -30.36 -6.07
CA LEU B 209 -8.07 -29.44 -7.02
C LEU B 209 -9.55 -29.23 -6.69
N TYR B 210 -10.10 -30.12 -5.89
CA TYR B 210 -11.50 -30.04 -5.49
C TYR B 210 -11.76 -29.23 -4.24
N GLU B 211 -10.73 -28.66 -3.64
CA GLU B 211 -10.93 -27.88 -2.42
C GLU B 211 -10.65 -26.39 -2.67
N ILE B 212 -10.35 -26.07 -3.94
CA ILE B 212 -9.98 -24.71 -4.35
C ILE B 212 -11.16 -23.78 -4.45
N VAL B 213 -12.15 -24.13 -5.28
CA VAL B 213 -13.31 -23.28 -5.49
C VAL B 213 -14.28 -23.28 -4.30
N SER B 214 -14.78 -24.44 -3.88
CA SER B 214 -15.61 -24.50 -2.67
C SER B 214 -15.26 -25.66 -1.73
N ASN B 215 -14.96 -25.34 -0.47
CA ASN B 215 -14.50 -26.32 0.52
C ASN B 215 -15.47 -26.59 1.67
N LYS B 216 -16.01 -27.80 1.68
CA LYS B 216 -16.96 -28.28 2.67
C LYS B 216 -16.32 -28.47 4.07
N ARG B 217 -15.10 -28.99 4.11
CA ARG B 217 -14.43 -29.36 5.37
C ARG B 217 -14.00 -28.20 6.27
N ASN B 218 -13.10 -27.32 5.81
CA ASN B 218 -12.58 -26.28 6.71
C ASN B 218 -13.07 -24.84 6.36
N GLY B 219 -14.06 -24.74 5.48
CA GLY B 219 -14.62 -23.45 5.12
C GLY B 219 -13.64 -22.41 4.58
N ILE B 220 -12.54 -22.88 3.99
CA ILE B 220 -11.57 -22.00 3.35
C ILE B 220 -11.49 -22.23 1.84
N ASP B 221 -12.13 -21.33 1.09
CA ASP B 221 -12.12 -21.42 -0.34
C ASP B 221 -12.08 -20.02 -0.95
N VAL B 222 -11.69 -19.95 -2.22
CA VAL B 222 -11.52 -18.66 -2.88
C VAL B 222 -12.89 -18.01 -3.11
N ASP B 223 -13.95 -18.81 -3.04
CA ASP B 223 -15.27 -18.22 -3.11
C ASP B 223 -15.48 -17.30 -1.88
N LYS B 224 -15.15 -17.78 -0.69
CA LYS B 224 -15.34 -16.96 0.51
C LYS B 224 -14.48 -15.71 0.43
N TRP B 225 -13.24 -15.89 -0.01
CA TRP B 225 -12.28 -14.79 -0.03
C TRP B 225 -12.77 -13.61 -0.83
N ASP B 226 -13.31 -13.88 -2.01
CA ASP B 226 -13.76 -12.79 -2.84
C ASP B 226 -14.92 -12.10 -2.17
N TYR B 227 -15.98 -12.82 -1.80
CA TYR B 227 -17.14 -12.11 -1.28
C TYR B 227 -16.93 -11.67 0.17
N PHE B 228 -15.91 -12.16 0.88
CA PHE B 228 -15.51 -11.50 2.14
C PHE B 228 -14.91 -10.09 1.86
N ALA B 229 -13.97 -10.02 0.92
CA ALA B 229 -13.30 -8.77 0.55
C ALA B 229 -14.24 -7.78 -0.04
N ARG B 230 -15.02 -8.31 -0.98
CA ARG B 230 -16.02 -7.60 -1.75
C ARG B 230 -17.15 -7.04 -0.87
N ASP B 231 -17.72 -7.86 0.02
CA ASP B 231 -18.85 -7.39 0.80
C ASP B 231 -18.48 -6.39 1.85
N CYS B 232 -17.31 -6.53 2.46
CA CYS B 232 -16.83 -5.48 3.36
C CYS B 232 -16.62 -4.15 2.60
N HIS B 233 -16.05 -4.22 1.40
CA HIS B 233 -15.73 -3.02 0.59
C HIS B 233 -16.98 -2.20 0.29
N HIS B 234 -18.11 -2.86 0.14
CA HIS B 234 -19.36 -2.19 -0.15
C HIS B 234 -20.22 -1.89 1.09
N LEU B 235 -19.99 -2.63 2.16
CA LEU B 235 -20.74 -2.45 3.42
C LEU B 235 -20.04 -1.53 4.41
N GLY B 236 -18.79 -1.18 4.13
CA GLY B 236 -18.02 -0.33 5.03
C GLY B 236 -17.57 -1.04 6.30
N ILE B 237 -17.06 -2.26 6.12
CA ILE B 237 -16.47 -3.05 7.19
C ILE B 237 -14.99 -3.23 6.84
N GLN B 238 -14.12 -3.33 7.84
CA GLN B 238 -12.70 -3.44 7.57
C GLN B 238 -12.33 -4.91 7.46
N ASN B 239 -11.66 -5.27 6.36
CA ASN B 239 -11.32 -6.67 6.14
C ASN B 239 -9.83 -6.76 6.23
N ASN B 240 -9.33 -7.36 7.30
CA ASN B 240 -7.89 -7.41 7.52
C ASN B 240 -7.27 -8.66 6.97
N PHE B 241 -8.09 -9.54 6.39
CA PHE B 241 -7.59 -10.78 5.79
C PHE B 241 -6.88 -10.46 4.48
N ASP B 242 -5.66 -10.97 4.35
CA ASP B 242 -4.82 -10.78 3.16
C ASP B 242 -4.67 -12.06 2.33
N TYR B 243 -5.47 -12.25 1.30
CA TYR B 243 -5.40 -13.52 0.60
C TYR B 243 -4.08 -13.72 -0.16
N LYS B 244 -3.43 -12.65 -0.62
CA LYS B 244 -2.18 -12.81 -1.40
C LYS B 244 -1.16 -13.51 -0.53
N ARG B 245 -1.10 -13.09 0.73
CA ARG B 245 -0.20 -13.66 1.72
C ARG B 245 -0.50 -15.13 1.96
N PHE B 246 -1.79 -15.48 2.08
CA PHE B 246 -2.19 -16.87 2.29
C PHE B 246 -1.89 -17.73 1.06
N ILE B 247 -2.08 -17.18 -0.13
CA ILE B 247 -1.80 -17.91 -1.37
C ILE B 247 -0.31 -18.15 -1.53
N LYS B 248 0.50 -17.19 -1.11
CA LYS B 248 1.97 -17.27 -1.18
C LYS B 248 2.58 -18.40 -0.36
N PHE B 249 1.97 -18.67 0.79
CA PHE B 249 2.50 -19.63 1.74
C PHE B 249 1.66 -20.90 1.75
N ALA B 250 0.71 -20.98 0.83
CA ALA B 250 -0.12 -22.17 0.73
C ALA B 250 0.63 -23.34 0.07
N ARG B 251 0.40 -24.54 0.57
CA ARG B 251 1.04 -25.73 0.01
C ARG B 251 0.13 -26.96 0.04
N VAL B 252 0.35 -27.91 -0.88
CA VAL B 252 -0.34 -29.19 -0.75
C VAL B 252 0.55 -30.10 0.09
N CYS B 253 -0.07 -30.75 1.06
CA CYS B 253 0.64 -31.66 1.96
C CYS B 253 -0.23 -32.87 2.32
N GLU B 254 0.38 -33.93 2.83
CA GLU B 254 -0.31 -35.19 3.14
C GLU B 254 -0.94 -35.23 4.53
N VAL B 255 -2.25 -35.48 4.59
CA VAL B 255 -2.99 -35.61 5.84
C VAL B 255 -3.87 -36.87 5.89
N ASP B 256 -3.51 -37.84 6.73
CA ASP B 256 -4.19 -39.14 6.80
C ASP B 256 -4.15 -39.82 5.43
N ASN B 257 -2.96 -39.82 4.84
CA ASN B 257 -2.72 -40.28 3.47
C ASN B 257 -3.69 -39.65 2.47
N GLU B 258 -4.10 -38.42 2.73
CA GLU B 258 -4.91 -37.63 1.78
C GLU B 258 -4.23 -36.34 1.39
N LEU B 259 -4.36 -35.95 0.12
CA LEU B 259 -3.76 -34.70 -0.33
C LEU B 259 -4.70 -33.51 -0.10
N ARG B 260 -4.23 -32.56 0.71
CA ARG B 260 -5.01 -31.37 1.01
C ARG B 260 -4.16 -30.13 0.89
N ILE B 261 -4.83 -28.98 0.82
CA ILE B 261 -4.17 -27.71 0.80
C ILE B 261 -3.97 -27.27 2.24
N CYS B 262 -2.74 -26.90 2.59
CA CYS B 262 -2.39 -26.51 3.96
C CYS B 262 -1.81 -25.10 3.98
N ALA B 263 -1.76 -24.50 5.17
CA ALA B 263 -1.17 -23.17 5.36
C ALA B 263 0.01 -23.29 6.28
N ARG B 264 1.04 -22.46 6.12
CA ARG B 264 2.15 -22.55 7.06
C ARG B 264 1.86 -21.84 8.38
N ASP B 265 2.52 -22.34 9.43
CA ASP B 265 2.27 -21.95 10.81
C ASP B 265 2.28 -20.44 11.06
N LYS B 266 3.10 -19.69 10.32
CA LYS B 266 3.15 -18.24 10.49
C LYS B 266 1.79 -17.60 10.18
N GLU B 267 0.95 -18.27 9.40
CA GLU B 267 -0.24 -17.63 8.86
C GLU B 267 -1.52 -17.78 9.68
N VAL B 268 -1.38 -18.23 10.93
CA VAL B 268 -2.52 -18.29 11.83
C VAL B 268 -2.99 -16.87 12.24
N GLY B 269 -2.09 -15.91 12.29
CA GLY B 269 -2.52 -14.55 12.54
C GLY B 269 -3.43 -14.02 11.45
N ASN B 270 -3.09 -14.33 10.20
CA ASN B 270 -3.92 -13.95 9.07
C ASN B 270 -5.25 -14.69 9.13
N LEU B 271 -5.19 -15.96 9.49
CA LEU B 271 -6.39 -16.80 9.63
C LEU B 271 -7.36 -16.29 10.70
N TYR B 272 -6.89 -15.77 11.83
CA TYR B 272 -7.84 -15.23 12.79
C TYR B 272 -8.54 -14.04 12.15
N ASP B 273 -7.84 -13.29 11.29
CA ASP B 273 -8.46 -12.13 10.64
C ASP B 273 -9.42 -12.52 9.52
N MET B 274 -9.21 -13.69 8.92
CA MET B 274 -10.19 -14.19 7.95
C MET B 274 -11.46 -14.51 8.69
N PHE B 275 -11.33 -15.30 9.76
CA PHE B 275 -12.49 -15.75 10.51
C PHE B 275 -13.20 -14.65 11.27
N HIS B 276 -12.49 -13.65 11.76
CA HIS B 276 -13.20 -12.58 12.41
C HIS B 276 -14.10 -11.80 11.43
N THR B 277 -13.63 -11.64 10.18
CA THR B 277 -14.41 -10.99 9.12
C THR B 277 -15.69 -11.79 8.79
N ARG B 278 -15.55 -13.12 8.66
CA ARG B 278 -16.68 -13.99 8.43
C ARG B 278 -17.74 -13.78 9.52
N ASN B 279 -17.27 -13.62 10.74
CA ASN B 279 -18.21 -13.42 11.84
C ASN B 279 -18.88 -12.04 11.80
N SER B 280 -18.13 -11.00 11.40
CA SER B 280 -18.72 -9.67 11.33
C SER B 280 -19.73 -9.58 10.22
N LEU B 281 -19.42 -10.20 9.08
CA LEU B 281 -20.32 -10.16 7.94
C LEU B 281 -21.61 -10.84 8.30
N HIS B 282 -21.54 -11.98 9.00
CA HIS B 282 -22.78 -12.64 9.37
C HIS B 282 -23.56 -11.83 10.40
N ARG B 283 -22.91 -11.43 11.49
CA ARG B 283 -23.62 -10.71 12.55
C ARG B 283 -24.15 -9.35 12.07
N ARG B 284 -23.32 -8.61 11.36
CA ARG B 284 -23.69 -7.28 10.99
C ARG B 284 -24.52 -7.23 9.71
N ALA B 285 -24.31 -8.16 8.80
CA ALA B 285 -24.92 -7.99 7.48
C ALA B 285 -25.92 -9.07 7.13
N TYR B 286 -25.42 -10.29 6.97
CA TYR B 286 -26.23 -11.39 6.50
C TYR B 286 -27.41 -11.73 7.44
N GLN B 287 -27.33 -11.38 8.71
CA GLN B 287 -28.43 -11.69 9.61
C GLN B 287 -29.18 -10.45 10.07
N HIS B 288 -28.97 -9.33 9.39
CA HIS B 288 -29.61 -8.06 9.71
C HIS B 288 -31.12 -8.23 9.81
N LYS B 289 -31.79 -7.66 10.82
CA LYS B 289 -33.23 -7.93 11.02
C LYS B 289 -34.09 -7.36 9.92
N VAL B 290 -33.93 -6.07 9.67
CA VAL B 290 -34.70 -5.43 8.59
C VAL B 290 -34.24 -5.95 7.23
N GLY B 291 -32.97 -6.26 7.10
CA GLY B 291 -32.49 -6.84 5.88
C GLY B 291 -33.31 -8.08 5.58
N ASN B 292 -33.53 -8.93 6.58
CA ASN B 292 -34.24 -10.19 6.39
C ASN B 292 -35.76 -10.08 6.37
N ILE B 293 -36.30 -9.08 7.07
CA ILE B 293 -37.73 -8.75 7.02
C ILE B 293 -38.11 -8.40 5.59
N ILE B 294 -37.33 -7.51 4.99
CA ILE B 294 -37.56 -7.06 3.61
C ILE B 294 -37.47 -8.18 2.58
N ASP B 295 -36.53 -9.11 2.77
CA ASP B 295 -36.46 -10.31 1.94
C ASP B 295 -37.75 -11.13 1.91
N THR B 296 -38.44 -11.21 3.05
CA THR B 296 -39.66 -11.99 3.13
C THR B 296 -40.85 -11.27 2.52
N MET B 297 -40.75 -9.93 2.43
CA MET B 297 -41.76 -9.07 1.79
C MET B 297 -41.69 -9.25 0.27
N ILE B 298 -40.47 -9.26 -0.25
CA ILE B 298 -40.21 -9.52 -1.66
C ILE B 298 -40.70 -10.90 -2.12
N THR B 299 -40.38 -11.93 -1.33
CA THR B 299 -40.86 -13.28 -1.63
C THR B 299 -42.39 -13.39 -1.48
N ASP B 300 -42.99 -12.62 -0.58
CA ASP B 300 -44.44 -12.61 -0.46
C ASP B 300 -45.04 -11.97 -1.74
N ALA B 301 -44.33 -10.98 -2.30
CA ALA B 301 -44.75 -10.38 -3.55
C ALA B 301 -44.59 -11.35 -4.74
N PHE B 302 -43.45 -12.02 -4.83
CA PHE B 302 -43.25 -13.01 -5.88
C PHE B 302 -44.28 -14.14 -5.83
N LEU B 303 -44.71 -14.49 -4.62
CA LEU B 303 -45.70 -15.57 -4.40
C LEU B 303 -47.09 -15.16 -4.86
N LYS B 304 -47.53 -13.97 -4.48
CA LYS B 304 -48.81 -13.43 -4.90
C LYS B 304 -48.81 -13.08 -6.41
N ALA B 305 -47.62 -13.02 -7.00
CA ALA B 305 -47.45 -12.66 -8.40
C ALA B 305 -47.07 -13.83 -9.29
N ASP B 306 -46.89 -15.00 -8.68
CA ASP B 306 -46.32 -16.15 -9.39
C ASP B 306 -47.22 -16.67 -10.49
N ASP B 307 -48.52 -16.62 -10.28
CA ASP B 307 -49.48 -17.11 -11.28
C ASP B 307 -49.66 -16.20 -12.49
N TYR B 308 -49.49 -14.89 -12.32
CA TYR B 308 -49.83 -13.94 -13.38
C TYR B 308 -48.67 -13.39 -14.20
N ILE B 309 -47.47 -13.85 -13.94
CA ILE B 309 -46.33 -13.43 -14.73
C ILE B 309 -45.87 -14.57 -15.60
N GLU B 310 -45.64 -14.33 -16.89
CA GLU B 310 -45.15 -15.41 -17.76
C GLU B 310 -43.73 -15.17 -18.30
N ILE B 311 -42.87 -16.17 -18.15
CA ILE B 311 -41.51 -16.12 -18.67
C ILE B 311 -41.34 -17.10 -19.84
N THR B 312 -40.86 -16.57 -20.96
CA THR B 312 -40.72 -17.30 -22.22
C THR B 312 -39.54 -18.26 -22.31
N GLY B 313 -39.82 -19.53 -22.52
CA GLY B 313 -38.81 -20.58 -22.61
C GLY B 313 -38.53 -21.14 -23.99
N ALA B 314 -38.06 -22.39 -24.02
CA ALA B 314 -37.80 -23.13 -25.26
C ALA B 314 -39.06 -23.57 -25.97
N GLY B 315 -39.02 -23.56 -27.30
CA GLY B 315 -40.17 -23.97 -28.11
C GLY B 315 -41.30 -23.03 -27.84
N GLY B 316 -40.97 -21.84 -27.36
CA GLY B 316 -41.98 -20.85 -27.05
C GLY B 316 -42.81 -21.16 -25.83
N LYS B 317 -42.59 -22.29 -25.15
CA LYS B 317 -43.41 -22.66 -23.98
C LYS B 317 -43.31 -21.56 -22.92
N LYS B 318 -44.35 -21.40 -22.12
CA LYS B 318 -44.40 -20.33 -21.11
C LYS B 318 -44.30 -20.93 -19.72
N TYR B 319 -43.54 -20.26 -18.86
CA TYR B 319 -43.28 -20.75 -17.50
C TYR B 319 -43.74 -19.74 -16.46
N ARG B 320 -43.85 -20.16 -15.22
CA ARG B 320 -44.13 -19.22 -14.14
C ARG B 320 -42.80 -18.91 -13.48
N ILE B 321 -42.77 -17.91 -12.59
CA ILE B 321 -41.52 -17.61 -11.86
C ILE B 321 -40.90 -18.83 -11.14
N SER B 322 -41.76 -19.63 -10.50
CA SER B 322 -41.34 -20.78 -9.70
C SER B 322 -40.96 -22.03 -10.53
N THR B 323 -41.37 -22.06 -11.79
CA THR B 323 -41.08 -23.20 -12.66
C THR B 323 -40.09 -22.86 -13.77
N ALA B 324 -39.62 -21.61 -13.82
CA ALA B 324 -38.59 -21.25 -14.78
C ALA B 324 -37.29 -21.97 -14.41
N ILE B 325 -37.21 -22.50 -13.20
CA ILE B 325 -36.02 -23.26 -12.83
C ILE B 325 -36.00 -24.57 -13.60
N ASP B 326 -37.14 -24.96 -14.14
CA ASP B 326 -37.26 -26.22 -14.85
C ASP B 326 -36.79 -26.13 -16.31
N ASP B 327 -36.69 -24.92 -16.85
CA ASP B 327 -36.15 -24.70 -18.19
C ASP B 327 -35.11 -23.57 -18.26
N MET B 328 -33.88 -23.89 -18.66
CA MET B 328 -32.79 -22.93 -18.57
C MET B 328 -32.85 -21.69 -19.48
N GLU B 329 -33.57 -21.73 -20.59
CA GLU B 329 -33.65 -20.52 -21.43
C GLU B 329 -34.62 -19.52 -20.83
N ALA B 330 -35.65 -20.01 -20.14
CA ALA B 330 -36.55 -19.16 -19.38
C ALA B 330 -35.79 -18.62 -18.17
N TYR B 331 -35.00 -19.50 -17.57
CA TYR B 331 -34.25 -19.15 -16.39
C TYR B 331 -33.24 -18.06 -16.69
N THR B 332 -32.65 -18.11 -17.88
CA THR B 332 -31.74 -17.07 -18.35
C THR B 332 -32.44 -15.74 -18.21
N LYS B 333 -33.73 -15.73 -18.50
CA LYS B 333 -34.50 -14.50 -18.52
C LYS B 333 -35.08 -14.11 -17.17
N LEU B 334 -34.79 -14.89 -16.14
CA LEU B 334 -35.30 -14.62 -14.80
C LEU B 334 -34.23 -13.92 -13.95
N THR B 335 -34.36 -12.60 -13.80
CA THR B 335 -33.39 -11.78 -13.11
C THR B 335 -34.10 -10.86 -12.12
N ASP B 336 -33.36 -9.93 -11.49
CA ASP B 336 -33.90 -8.92 -10.55
C ASP B 336 -34.91 -8.04 -11.22
N ASN B 337 -34.84 -8.00 -12.55
CA ASN B 337 -35.78 -7.28 -13.40
C ASN B 337 -37.25 -7.52 -13.02
N ILE B 338 -37.52 -8.74 -12.55
CA ILE B 338 -38.89 -9.18 -12.29
C ILE B 338 -39.49 -8.36 -11.14
N PHE B 339 -38.63 -7.84 -10.27
CA PHE B 339 -39.04 -6.97 -9.17
C PHE B 339 -39.71 -5.68 -9.68
N LEU B 340 -39.10 -5.06 -10.69
CA LEU B 340 -39.55 -3.79 -11.21
C LEU B 340 -40.73 -3.98 -12.15
N GLU B 341 -40.73 -5.12 -12.79
CA GLU B 341 -41.81 -5.50 -13.67
C GLU B 341 -43.12 -5.57 -12.86
N ILE B 342 -43.05 -6.15 -11.66
CA ILE B 342 -44.18 -6.19 -10.73
C ILE B 342 -44.58 -4.81 -10.25
N LEU B 343 -43.58 -4.00 -9.93
CA LEU B 343 -43.81 -2.68 -9.35
C LEU B 343 -44.43 -1.67 -10.32
N TYR B 344 -44.04 -1.76 -11.58
CA TYR B 344 -44.47 -0.82 -12.60
C TYR B 344 -45.74 -1.33 -13.30
N SER B 345 -46.19 -2.54 -12.95
CA SER B 345 -47.33 -3.18 -13.60
C SER B 345 -48.63 -2.43 -13.33
N THR B 346 -49.49 -2.41 -14.33
CA THR B 346 -50.78 -1.78 -14.23
C THR B 346 -51.90 -2.83 -14.17
N ASP B 347 -51.52 -4.08 -14.45
CA ASP B 347 -52.41 -5.21 -14.43
C ASP B 347 -53.07 -5.30 -13.06
N PRO B 348 -54.41 -5.42 -13.01
CA PRO B 348 -55.11 -5.52 -11.73
C PRO B 348 -54.94 -6.88 -11.02
N LYS B 349 -54.58 -7.91 -11.78
CA LYS B 349 -54.26 -9.21 -11.21
C LYS B 349 -53.02 -9.19 -10.32
N LEU B 350 -52.10 -8.27 -10.59
CA LEU B 350 -50.87 -8.12 -9.80
C LEU B 350 -50.96 -7.03 -8.73
N LYS B 351 -52.16 -6.54 -8.44
CA LYS B 351 -52.29 -5.43 -7.51
C LYS B 351 -51.87 -5.83 -6.09
N ASP B 352 -52.11 -7.09 -5.72
CA ASP B 352 -51.65 -7.58 -4.43
C ASP B 352 -50.12 -7.60 -4.36
N ALA B 353 -49.48 -8.23 -5.34
CA ALA B 353 -48.03 -8.26 -5.39
C ALA B 353 -47.50 -6.82 -5.46
N ARG B 354 -48.11 -5.99 -6.30
CA ARG B 354 -47.73 -4.60 -6.35
C ARG B 354 -47.85 -3.90 -5.00
N GLU B 355 -48.88 -4.20 -4.24
CA GLU B 355 -49.11 -3.46 -3.01
C GLU B 355 -48.06 -3.73 -1.95
N ILE B 356 -47.45 -4.92 -1.97
CA ILE B 356 -46.38 -5.27 -1.02
C ILE B 356 -45.08 -4.54 -1.37
N LEU B 357 -44.76 -4.48 -2.64
CA LEU B 357 -43.63 -3.69 -3.11
C LEU B 357 -43.81 -2.19 -2.95
N LYS B 358 -45.04 -1.70 -2.97
CA LYS B 358 -45.21 -0.30 -2.68
C LYS B 358 -44.87 -0.09 -1.21
N GLN B 359 -45.11 -1.12 -0.38
CA GLN B 359 -44.85 -0.98 1.05
CA GLN B 359 -44.85 -1.10 1.06
C GLN B 359 -43.36 -1.01 1.38
N ILE B 360 -42.57 -1.73 0.59
CA ILE B 360 -41.12 -1.60 0.73
C ILE B 360 -40.67 -0.18 0.38
N GLU B 361 -41.23 0.39 -0.67
CA GLU B 361 -40.82 1.73 -1.08
C GLU B 361 -41.27 2.80 -0.09
N TYR B 362 -42.42 2.61 0.55
CA TYR B 362 -42.92 3.61 1.51
C TYR B 362 -42.37 3.36 2.91
N ARG B 363 -41.61 2.28 3.04
CA ARG B 363 -40.99 1.85 4.29
C ARG B 363 -42.01 1.45 5.36
N ASN B 364 -43.15 0.90 4.92
CA ASN B 364 -44.09 0.31 5.84
C ASN B 364 -43.85 -1.17 5.85
N LEU B 365 -42.88 -1.59 6.65
CA LEU B 365 -42.44 -2.96 6.60
C LEU B 365 -43.22 -3.84 7.58
N PHE B 366 -43.09 -5.14 7.39
CA PHE B 366 -43.54 -6.11 8.35
C PHE B 366 -42.85 -5.82 9.69
N LYS B 367 -43.51 -6.12 10.81
CA LYS B 367 -42.93 -5.76 12.10
C LYS B 367 -42.36 -6.96 12.80
N TYR B 368 -41.26 -6.75 13.50
CA TYR B 368 -40.55 -7.82 14.17
C TYR B 368 -41.29 -8.25 15.43
N VAL B 369 -41.49 -9.56 15.59
CA VAL B 369 -42.14 -10.11 16.78
C VAL B 369 -41.15 -10.80 17.71
N GLY B 370 -40.26 -11.63 17.15
CA GLY B 370 -39.25 -12.25 17.98
C GLY B 370 -38.38 -13.29 17.31
N GLU B 371 -37.38 -13.77 18.05
CA GLU B 371 -36.44 -14.76 17.55
C GLU B 371 -36.44 -15.90 18.53
N THR B 372 -36.18 -17.10 18.04
CA THR B 372 -36.07 -18.28 18.89
C THR B 372 -35.19 -19.29 18.20
N GLN B 373 -34.71 -20.30 18.92
CA GLN B 373 -33.93 -21.36 18.28
C GLN B 373 -34.38 -22.76 18.62
N PRO B 374 -34.21 -23.67 17.67
CA PRO B 374 -34.53 -25.07 17.93
C PRO B 374 -33.37 -25.79 18.61
N THR B 375 -32.90 -25.25 19.72
CA THR B 375 -31.77 -25.84 20.42
C THR B 375 -32.10 -27.19 21.02
N GLY B 376 -31.22 -28.17 20.80
CA GLY B 376 -31.44 -29.52 21.29
C GLY B 376 -32.51 -30.26 20.51
N GLN B 377 -33.22 -29.52 19.68
CA GLN B 377 -34.35 -30.04 18.93
C GLN B 377 -33.97 -30.43 17.49
N ILE B 378 -34.87 -31.16 16.83
CA ILE B 378 -34.68 -31.51 15.42
C ILE B 378 -34.82 -30.21 14.65
N LYS B 379 -34.01 -29.98 13.61
CA LYS B 379 -34.08 -28.72 12.87
C LYS B 379 -35.24 -28.65 11.87
N ILE B 380 -35.80 -27.45 11.70
CA ILE B 380 -36.87 -27.25 10.73
C ILE B 380 -36.32 -27.47 9.33
N LYS B 381 -36.97 -28.33 8.56
CA LYS B 381 -36.49 -28.65 7.22
C LYS B 381 -37.08 -27.68 6.20
N ARG B 382 -36.41 -27.52 5.06
CA ARG B 382 -36.86 -26.61 4.00
C ARG B 382 -38.30 -26.94 3.56
N GLU B 383 -38.61 -28.24 3.57
CA GLU B 383 -39.90 -28.80 3.19
C GLU B 383 -41.11 -28.33 4.04
N ASP B 384 -40.86 -27.93 5.28
CA ASP B 384 -41.93 -27.59 6.22
C ASP B 384 -42.16 -26.08 6.41
N TYR B 385 -41.52 -25.23 5.61
CA TYR B 385 -41.66 -23.78 5.73
C TYR B 385 -43.09 -23.31 5.53
N GLU B 386 -43.75 -23.89 4.53
CA GLU B 386 -45.10 -23.44 4.18
C GLU B 386 -46.07 -23.54 5.36
N SER B 387 -45.90 -24.59 6.16
CA SER B 387 -46.82 -24.87 7.25
C SER B 387 -46.67 -23.96 8.48
N LEU B 388 -45.47 -23.45 8.73
CA LEU B 388 -45.17 -22.72 9.96
C LEU B 388 -46.11 -21.56 10.37
N PRO B 389 -46.52 -20.66 9.44
CA PRO B 389 -47.41 -19.62 9.97
C PRO B 389 -48.73 -20.17 10.50
N LYS B 390 -49.25 -21.24 9.91
CA LYS B 390 -50.45 -21.86 10.45
C LYS B 390 -50.24 -22.35 11.87
N GLU B 391 -49.11 -23.00 12.15
CA GLU B 391 -48.76 -23.43 13.51
C GLU B 391 -48.68 -22.26 14.48
N VAL B 392 -48.09 -21.14 14.07
CA VAL B 392 -47.93 -20.02 14.98
C VAL B 392 -49.31 -19.48 15.32
N ALA B 393 -50.17 -19.36 14.31
CA ALA B 393 -51.50 -18.77 14.47
C ALA B 393 -52.43 -19.69 15.24
N SER B 394 -52.05 -20.96 15.35
CA SER B 394 -52.85 -21.96 16.02
C SER B 394 -52.45 -22.20 17.48
N ALA B 395 -51.34 -21.61 17.91
CA ALA B 395 -50.92 -21.77 19.29
C ALA B 395 -51.98 -21.15 20.16
N LYS B 396 -52.35 -21.84 21.24
CA LYS B 396 -53.38 -21.35 22.14
C LYS B 396 -52.74 -20.58 23.28
N PRO B 397 -52.80 -19.23 23.22
CA PRO B 397 -52.09 -18.47 24.24
C PRO B 397 -53.00 -18.05 25.36
N LYS B 398 -53.24 -18.90 26.34
CA LYS B 398 -54.09 -18.53 27.47
C LYS B 398 -53.14 -18.03 28.56
N VAL B 399 -53.32 -16.80 29.06
CA VAL B 399 -54.51 -15.93 28.92
C VAL B 399 -55.07 -15.50 27.55
N LEU B 400 -56.40 -15.53 27.44
CA LEU B 400 -57.13 -15.17 26.20
C LEU B 400 -57.01 -13.69 25.83
N LEU B 401 -57.02 -13.41 24.53
CA LEU B 401 -56.64 -12.08 24.03
C LEU B 401 -57.74 -11.28 23.32
N ASP B 402 -57.56 -9.96 23.31
CA ASP B 402 -58.50 -9.04 22.68
C ASP B 402 -58.57 -9.27 21.16
N VAL B 403 -57.43 -9.56 20.55
CA VAL B 403 -57.34 -9.75 19.09
C VAL B 403 -56.99 -11.18 18.72
N LYS B 404 -57.46 -11.58 17.54
CA LYS B 404 -57.19 -12.89 16.99
C LYS B 404 -56.47 -12.76 15.65
N LEU B 405 -55.46 -13.58 15.41
CA LEU B 405 -54.73 -13.50 14.16
C LEU B 405 -54.81 -14.79 13.35
N LYS B 406 -54.95 -14.64 12.05
CA LYS B 406 -54.95 -15.76 11.15
C LYS B 406 -53.53 -15.97 10.64
N ALA B 407 -53.26 -17.13 10.05
CA ALA B 407 -51.92 -17.49 9.58
C ALA B 407 -51.34 -16.53 8.54
N GLU B 408 -52.19 -15.82 7.81
CA GLU B 408 -51.75 -14.89 6.79
C GLU B 408 -51.18 -13.61 7.39
N ASP B 409 -51.31 -13.44 8.70
CA ASP B 409 -50.75 -12.25 9.33
C ASP B 409 -49.39 -12.55 9.93
N PHE B 410 -48.92 -13.79 9.76
CA PHE B 410 -47.64 -14.18 10.30
C PHE B 410 -46.64 -14.55 9.22
N ILE B 411 -45.42 -14.04 9.35
CA ILE B 411 -44.33 -14.46 8.49
C ILE B 411 -43.27 -15.14 9.33
N VAL B 412 -42.98 -16.40 9.00
CA VAL B 412 -41.98 -17.16 9.76
C VAL B 412 -40.77 -17.36 8.90
N ASP B 413 -39.68 -16.77 9.36
CA ASP B 413 -38.44 -16.63 8.63
C ASP B 413 -37.35 -17.49 9.21
N VAL B 414 -36.94 -18.51 8.46
CA VAL B 414 -35.89 -19.43 8.86
C VAL B 414 -34.52 -19.07 8.32
N ILE B 415 -33.61 -18.76 9.24
CA ILE B 415 -32.25 -18.37 8.91
C ILE B 415 -31.32 -19.53 9.24
N ASN B 416 -30.65 -20.10 8.24
CA ASN B 416 -29.77 -21.25 8.45
C ASN B 416 -28.33 -20.78 8.39
N MET B 417 -27.47 -21.33 9.23
CA MET B 417 -26.15 -20.73 9.33
C MET B 417 -25.03 -21.46 8.53
N ASP B 418 -25.26 -22.73 8.23
CA ASP B 418 -24.35 -23.54 7.42
C ASP B 418 -22.98 -23.60 8.09
N PRO B 426 -12.48 -23.71 15.99
CA PRO B 426 -12.67 -22.62 15.03
C PRO B 426 -11.57 -22.58 13.98
N ILE B 427 -10.52 -21.82 14.31
CA ILE B 427 -9.24 -21.80 13.62
C ILE B 427 -8.65 -23.20 13.54
N ASP B 428 -8.92 -24.00 14.56
CA ASP B 428 -8.26 -25.29 14.74
C ASP B 428 -8.52 -26.31 13.61
N HIS B 429 -9.53 -26.06 12.78
CA HIS B 429 -10.02 -27.09 11.88
C HIS B 429 -9.33 -27.05 10.50
N VAL B 430 -8.48 -26.05 10.29
CA VAL B 430 -7.58 -25.98 9.14
C VAL B 430 -6.29 -26.74 9.48
N SER B 431 -5.59 -27.25 8.48
CA SER B 431 -4.38 -28.04 8.71
C SER B 431 -3.15 -27.25 8.29
N PHE B 432 -2.11 -27.28 9.12
CA PHE B 432 -0.90 -26.49 8.90
C PHE B 432 0.37 -27.31 8.62
N TYR B 433 1.45 -26.59 8.30
CA TYR B 433 2.75 -27.21 8.05
C TYR B 433 3.82 -26.28 8.60
N CYS B 434 5.04 -26.80 8.76
CA CYS B 434 6.18 -25.98 9.16
C CYS B 434 7.29 -26.04 8.13
N LYS B 435 8.13 -25.01 8.08
CA LYS B 435 9.17 -24.91 7.05
C LYS B 435 10.14 -26.10 7.11
N THR B 436 10.40 -26.59 8.32
CA THR B 436 11.29 -27.73 8.56
C THR B 436 10.81 -29.04 7.92
N ALA B 437 9.51 -29.29 7.98
CA ALA B 437 8.96 -30.51 7.40
C ALA B 437 7.83 -30.19 6.42
N PRO B 438 8.17 -29.59 5.27
CA PRO B 438 7.15 -29.15 4.31
C PRO B 438 6.39 -30.34 3.74
N ASN B 439 7.02 -31.51 3.78
CA ASN B 439 6.40 -32.75 3.33
C ASN B 439 5.23 -33.20 4.21
N ARG B 440 5.30 -32.94 5.51
CA ARG B 440 4.33 -33.52 6.43
C ARG B 440 3.42 -32.48 7.10
N ALA B 441 2.20 -32.90 7.42
CA ALA B 441 1.18 -32.02 8.00
C ALA B 441 1.24 -31.94 9.53
N ILE B 442 1.04 -30.74 10.10
CA ILE B 442 1.01 -30.60 11.57
C ILE B 442 -0.35 -31.02 12.16
N GLU B 459 -26.42 -24.26 13.08
CA GLU B 459 -27.40 -23.43 13.75
C GLU B 459 -28.62 -23.13 12.88
N GLN B 460 -29.62 -22.56 13.55
CA GLN B 460 -30.82 -22.14 12.86
C GLN B 460 -31.54 -21.11 13.74
N LEU B 461 -31.89 -19.96 13.16
CA LEU B 461 -32.65 -18.96 13.89
C LEU B 461 -34.02 -18.97 13.28
N ILE B 462 -35.03 -18.76 14.11
CA ILE B 462 -36.39 -18.66 13.60
C ILE B 462 -36.97 -17.35 14.05
N ARG B 463 -37.33 -16.52 13.09
CA ARG B 463 -37.91 -15.23 13.41
C ARG B 463 -39.33 -15.12 12.92
N VAL B 464 -40.13 -14.35 13.62
CA VAL B 464 -41.49 -14.17 13.21
C VAL B 464 -41.72 -12.67 13.04
N TYR B 465 -42.38 -12.36 11.95
CA TYR B 465 -42.79 -11.03 11.64
C TYR B 465 -44.31 -10.97 11.61
N CYS B 466 -44.86 -9.79 11.80
CA CYS B 466 -46.28 -9.59 11.64
C CYS B 466 -46.57 -8.59 10.50
N LYS B 467 -47.59 -8.86 9.72
CA LYS B 467 -48.00 -7.94 8.69
C LYS B 467 -48.86 -6.86 9.28
N LYS B 468 -49.59 -7.17 10.35
CA LYS B 468 -50.41 -6.15 10.99
C LYS B 468 -49.56 -5.27 11.91
N VAL B 469 -49.71 -3.95 11.77
CA VAL B 469 -48.74 -3.03 12.37
C VAL B 469 -49.14 -2.32 13.67
N ASP B 470 -50.40 -2.43 14.08
CA ASP B 470 -50.88 -1.80 15.32
C ASP B 470 -50.43 -2.51 16.61
N ARG B 471 -50.26 -1.72 17.68
CA ARG B 471 -49.74 -2.23 18.96
C ARG B 471 -50.62 -3.33 19.60
N LYS B 472 -51.93 -3.20 19.50
CA LYS B 472 -52.82 -4.17 20.10
C LYS B 472 -52.61 -5.55 19.41
N SER B 473 -52.52 -5.56 18.07
CA SER B 473 -52.26 -6.80 17.30
C SER B 473 -50.85 -7.33 17.45
N LEU B 474 -49.90 -6.41 17.56
CA LEU B 474 -48.50 -6.76 17.71
C LEU B 474 -48.22 -7.46 19.02
N TYR B 475 -48.96 -7.01 20.04
CA TYR B 475 -48.92 -7.59 21.36
C TYR B 475 -49.44 -9.00 21.32
N ALA B 476 -50.56 -9.18 20.61
CA ALA B 476 -51.16 -10.50 20.37
C ALA B 476 -50.15 -11.42 19.70
N ALA B 477 -49.50 -10.91 18.65
CA ALA B 477 -48.54 -11.69 17.89
C ALA B 477 -47.41 -12.22 18.76
N ARG B 478 -46.91 -11.39 19.67
CA ARG B 478 -45.85 -11.80 20.60
C ARG B 478 -46.35 -12.93 21.49
N GLN B 479 -47.63 -12.89 21.83
CA GLN B 479 -48.28 -13.93 22.64
C GLN B 479 -48.41 -15.24 21.92
N TYR B 480 -48.97 -15.23 20.71
CA TYR B 480 -49.01 -16.46 19.92
C TYR B 480 -47.60 -17.02 19.76
N PHE B 481 -46.68 -16.12 19.41
CA PHE B 481 -45.34 -16.54 19.11
C PHE B 481 -44.71 -17.22 20.30
N VAL B 482 -44.78 -16.60 21.47
CA VAL B 482 -44.21 -17.21 22.65
C VAL B 482 -44.90 -18.56 22.96
N GLN B 483 -46.19 -18.66 22.70
CA GLN B 483 -46.85 -19.94 22.90
C GLN B 483 -46.35 -20.99 21.94
N TRP B 484 -46.32 -20.68 20.65
CA TRP B 484 -45.83 -21.61 19.63
C TRP B 484 -44.44 -22.17 19.99
N CYS B 485 -43.56 -21.31 20.53
CA CYS B 485 -42.22 -21.70 20.98
C CYS B 485 -42.27 -22.70 22.11
N ALA B 486 -43.21 -22.47 23.03
CA ALA B 486 -43.39 -23.32 24.20
C ALA B 486 -43.68 -24.74 23.78
N ASP B 487 -44.69 -24.91 22.93
CA ASP B 487 -45.15 -26.25 22.60
C ASP B 487 -44.50 -26.77 21.34
N ARG B 488 -43.37 -26.20 21.00
CA ARG B 488 -42.54 -26.76 19.96
C ARG B 488 -41.19 -27.15 20.59
N ASN B 489 -41.04 -26.71 21.83
CA ASN B 489 -39.83 -26.84 22.64
C ASN B 489 -38.62 -26.12 22.03
N PHE B 490 -38.88 -24.96 21.44
CA PHE B 490 -37.83 -24.04 20.98
C PHE B 490 -37.44 -23.17 22.18
N THR B 491 -36.32 -22.46 22.13
CA THR B 491 -35.87 -21.67 23.28
C THR B 491 -36.81 -20.51 23.59
N LYS B 492 -36.84 -20.06 24.84
CA LYS B 492 -37.72 -18.96 25.22
C LYS B 492 -37.12 -17.68 24.66
N PRO B 493 -37.92 -16.94 23.87
CA PRO B 493 -37.59 -15.64 23.24
C PRO B 493 -37.23 -14.56 24.27
N GLN B 494 -36.29 -13.66 23.96
CA GLN B 494 -35.95 -12.63 24.94
C GLN B 494 -36.91 -11.44 24.81
N ASP B 495 -36.94 -10.62 25.85
CA ASP B 495 -37.94 -9.58 26.00
C ASP B 495 -37.57 -8.25 25.35
N PRO C 26 32.48 -26.14 -1.70
CA PRO C 26 31.93 -25.52 -0.49
C PRO C 26 31.40 -24.10 -0.80
N MET C 27 30.10 -23.86 -0.83
CA MET C 27 29.64 -22.52 -1.24
C MET C 27 29.02 -21.72 -0.10
N LYS C 28 29.55 -20.53 0.26
CA LYS C 28 28.94 -19.74 1.35
C LYS C 28 27.70 -18.98 0.88
N VAL C 29 26.73 -18.84 1.77
CA VAL C 29 25.52 -18.10 1.41
C VAL C 29 25.18 -17.00 2.43
N ILE C 30 25.12 -15.77 1.89
CA ILE C 30 24.84 -14.54 2.62
C ILE C 30 23.44 -14.03 2.30
N ASN C 31 22.66 -13.67 3.31
CA ASN C 31 21.32 -13.16 3.11
C ASN C 31 21.38 -11.66 2.96
N ASP C 32 20.86 -11.17 1.84
CA ASP C 32 20.84 -9.75 1.54
C ASP C 32 19.42 -9.23 1.56
N PRO C 33 19.20 -8.04 2.14
CA PRO C 33 17.81 -7.58 2.20
C PRO C 33 17.20 -7.33 0.82
N ILE C 34 18.01 -7.05 -0.20
CA ILE C 34 17.54 -6.70 -1.53
C ILE C 34 17.59 -7.88 -2.52
N HIS C 35 18.62 -8.71 -2.44
CA HIS C 35 18.81 -9.77 -3.41
C HIS C 35 18.55 -11.17 -2.87
N GLY C 36 18.23 -11.25 -1.58
CA GLY C 36 17.98 -12.51 -0.89
C GLY C 36 19.25 -13.26 -0.58
N HIS C 37 19.30 -14.52 -0.96
CA HIS C 37 20.47 -15.36 -0.74
C HIS C 37 21.46 -15.16 -1.86
N ILE C 38 22.71 -14.92 -1.46
CA ILE C 38 23.81 -14.71 -2.38
C ILE C 38 24.86 -15.80 -2.16
N GLU C 39 24.96 -16.71 -3.11
CA GLU C 39 25.97 -17.74 -3.03
C GLU C 39 27.29 -17.23 -3.55
N LEU C 40 28.35 -17.48 -2.80
CA LEU C 40 29.66 -16.96 -3.12
C LEU C 40 30.65 -18.08 -3.38
N HIS C 41 31.23 -18.08 -4.57
CA HIS C 41 32.32 -18.99 -4.90
C HIS C 41 33.41 -18.79 -3.83
N PRO C 42 34.03 -19.89 -3.36
CA PRO C 42 35.09 -19.82 -2.35
C PRO C 42 36.21 -18.85 -2.73
N LEU C 43 36.56 -18.80 -4.01
CA LEU C 43 37.50 -17.81 -4.51
C LEU C 43 36.98 -16.42 -4.18
N LEU C 44 35.70 -16.15 -4.48
CA LEU C 44 35.12 -14.86 -4.12
C LEU C 44 35.23 -14.56 -2.61
N VAL C 45 34.95 -15.55 -1.77
CA VAL C 45 35.08 -15.40 -0.31
C VAL C 45 36.53 -15.11 0.10
N ARG C 46 37.47 -15.70 -0.64
CA ARG C 46 38.86 -15.49 -0.33
C ARG C 46 39.28 -14.05 -0.54
N ILE C 47 38.72 -13.44 -1.59
CA ILE C 47 38.94 -12.03 -1.93
C ILE C 47 38.24 -11.05 -0.96
N ILE C 48 37.05 -11.42 -0.49
CA ILE C 48 36.21 -10.57 0.36
C ILE C 48 36.76 -10.41 1.77
N ASP C 49 37.32 -11.51 2.29
CA ASP C 49 37.85 -11.55 3.64
C ASP C 49 39.30 -11.08 3.69
N THR C 50 39.52 -9.88 3.16
CA THR C 50 40.82 -9.22 3.13
C THR C 50 40.60 -7.81 3.66
N PRO C 51 41.66 -7.14 4.17
CA PRO C 51 41.48 -5.76 4.68
C PRO C 51 41.14 -4.77 3.56
N GLN C 52 41.68 -5.00 2.37
CA GLN C 52 41.48 -4.10 1.26
C GLN C 52 40.04 -4.10 0.82
N PHE C 53 39.34 -5.19 1.08
CA PHE C 53 37.94 -5.25 0.70
C PHE C 53 36.99 -4.85 1.84
N GLN C 54 37.27 -5.37 3.03
CA GLN C 54 36.49 -5.11 4.24
C GLN C 54 36.64 -3.62 4.60
N ARG C 55 37.58 -2.97 3.92
CA ARG C 55 37.74 -1.54 4.02
C ARG C 55 36.42 -0.81 3.70
N LEU C 56 35.64 -1.40 2.79
CA LEU C 56 34.38 -0.85 2.31
C LEU C 56 33.24 -0.93 3.29
N ARG C 57 33.45 -1.64 4.39
CA ARG C 57 32.48 -1.62 5.48
C ARG C 57 32.51 -0.28 6.20
N TYR C 58 33.44 0.62 5.83
CA TYR C 58 33.61 1.88 6.56
C TYR C 58 33.53 3.07 5.63
N ILE C 59 32.72 2.96 4.61
CA ILE C 59 32.53 4.02 3.60
C ILE C 59 31.06 4.12 3.19
N LYS C 60 30.38 5.21 3.59
CA LYS C 60 28.97 5.35 3.27
C LYS C 60 28.73 5.37 1.74
N GLN C 61 27.73 4.60 1.29
CA GLN C 61 27.29 4.58 -0.12
C GLN C 61 26.92 5.98 -0.61
N LEU C 62 26.12 6.67 0.19
CA LEU C 62 25.64 7.98 -0.20
C LEU C 62 26.42 9.07 0.51
N GLY C 63 27.52 8.68 1.18
CA GLY C 63 28.36 9.65 1.88
C GLY C 63 27.55 10.50 2.83
N GLY C 64 27.63 11.82 2.64
CA GLY C 64 26.95 12.80 3.46
C GLY C 64 25.45 12.81 3.35
N GLY C 65 24.92 11.90 2.52
CA GLY C 65 23.49 11.72 2.35
C GLY C 65 22.85 11.34 3.66
N TYR C 66 23.56 10.51 4.42
CA TYR C 66 23.09 10.05 5.72
C TYR C 66 22.77 11.20 6.64
N TYR C 67 23.36 12.37 6.41
CA TYR C 67 23.08 13.50 7.31
C TYR C 67 21.83 14.26 6.90
N VAL C 68 21.17 13.78 5.84
CA VAL C 68 19.88 14.28 5.37
C VAL C 68 18.81 13.18 5.39
N PHE C 69 19.19 11.94 5.06
CA PHE C 69 18.26 10.78 5.12
C PHE C 69 18.63 9.68 6.13
N PRO C 70 17.89 9.61 7.24
CA PRO C 70 18.25 8.68 8.31
C PRO C 70 18.32 7.21 7.88
N GLY C 71 17.62 6.86 6.82
CA GLY C 71 17.64 5.49 6.35
C GLY C 71 18.91 5.17 5.59
N ALA C 72 19.63 6.22 5.15
CA ALA C 72 20.79 6.07 4.26
C ALA C 72 22.13 5.79 4.98
N SER C 73 22.15 4.78 5.82
CA SER C 73 23.33 4.39 6.58
C SER C 73 24.18 3.31 5.90
N HIS C 74 23.74 2.80 4.76
CA HIS C 74 24.40 1.65 4.11
C HIS C 74 25.75 2.02 3.51
N ASN C 75 26.67 1.05 3.42
CA ASN C 75 28.02 1.34 2.93
C ASN C 75 28.34 0.66 1.60
N ARG C 76 29.50 0.95 1.03
CA ARG C 76 29.91 0.37 -0.25
C ARG C 76 29.98 -1.15 -0.27
N PHE C 77 30.20 -1.73 0.91
CA PHE C 77 30.46 -3.15 1.07
C PHE C 77 29.28 -4.01 0.64
N GLU C 78 28.11 -3.74 1.19
CA GLU C 78 26.95 -4.53 0.84
C GLU C 78 26.61 -4.27 -0.63
N HIS C 79 26.77 -3.03 -1.09
CA HIS C 79 26.58 -2.73 -2.50
C HIS C 79 27.53 -3.55 -3.40
N SER C 80 28.81 -3.67 -3.00
CA SER C 80 29.75 -4.44 -3.81
C SER C 80 29.34 -5.90 -3.91
N LEU C 81 28.80 -6.46 -2.82
CA LEU C 81 28.33 -7.84 -2.85
C LEU C 81 27.20 -7.99 -3.84
N GLY C 82 26.29 -7.02 -3.86
CA GLY C 82 25.14 -7.08 -4.75
C GLY C 82 25.52 -7.00 -6.22
N VAL C 83 26.46 -6.13 -6.54
CA VAL C 83 26.94 -6.04 -7.91
C VAL C 83 27.54 -7.36 -8.32
N GLY C 84 28.36 -7.95 -7.43
CA GLY C 84 28.97 -9.23 -7.69
C GLY C 84 27.91 -10.31 -7.89
N TYR C 85 26.85 -10.24 -7.08
CA TYR C 85 25.76 -11.19 -7.20
C TYR C 85 25.10 -11.04 -8.57
N LEU C 86 24.76 -9.80 -8.92
CA LEU C 86 24.09 -9.51 -10.18
C LEU C 86 24.91 -9.83 -11.42
N ALA C 87 26.21 -9.55 -11.37
CA ALA C 87 27.11 -9.84 -12.48
C ALA C 87 27.01 -11.32 -12.83
N GLY C 88 27.25 -12.19 -11.84
CA GLY C 88 27.15 -13.62 -12.05
C GLY C 88 25.78 -14.05 -12.54
N CYS C 89 24.74 -13.46 -11.96
CA CYS C 89 23.37 -13.77 -12.34
C CYS C 89 23.16 -13.56 -13.82
N LEU C 90 23.69 -12.46 -14.34
CA LEU C 90 23.46 -12.13 -15.73
C LEU C 90 24.31 -12.97 -16.66
N VAL C 91 25.59 -13.12 -16.34
CA VAL C 91 26.53 -13.92 -17.15
C VAL C 91 26.05 -15.34 -17.26
N HIS C 92 25.59 -15.89 -16.13
CA HIS C 92 25.12 -17.26 -16.09
C HIS C 92 23.89 -17.49 -16.94
N ALA C 93 23.00 -16.50 -16.96
CA ALA C 93 21.79 -16.58 -17.78
C ALA C 93 22.09 -16.52 -19.29
N LEU C 94 22.99 -15.63 -19.71
CA LEU C 94 23.35 -15.51 -21.12
C LEU C 94 23.95 -16.82 -21.63
N GLY C 95 24.78 -17.45 -20.82
CA GLY C 95 25.40 -18.72 -21.10
C GLY C 95 24.41 -19.86 -21.20
N GLU C 96 23.38 -19.84 -20.38
CA GLU C 96 22.43 -20.95 -20.39
C GLU C 96 21.53 -20.93 -21.62
N LYS C 97 21.07 -19.75 -22.02
CA LYS C 97 20.22 -19.64 -23.21
C LYS C 97 21.02 -19.72 -24.49
N GLN C 98 22.29 -19.32 -24.40
CA GLN C 98 23.14 -19.24 -25.59
C GLN C 98 24.49 -19.93 -25.37
N PRO C 99 24.51 -21.27 -25.45
CA PRO C 99 25.72 -22.08 -25.27
C PRO C 99 26.75 -21.78 -26.34
N GLU C 100 26.28 -21.24 -27.46
CA GLU C 100 27.16 -20.97 -28.57
C GLU C 100 28.09 -19.79 -28.29
N LEU C 101 27.78 -18.98 -27.29
CA LEU C 101 28.66 -17.86 -26.95
C LEU C 101 29.98 -18.30 -26.31
N GLN C 102 30.08 -19.58 -25.96
CA GLN C 102 31.30 -20.16 -25.39
C GLN C 102 31.67 -19.50 -24.06
N ILE C 103 30.66 -19.24 -23.22
CA ILE C 103 30.91 -18.65 -21.89
C ILE C 103 31.33 -19.71 -20.86
N SER C 104 32.54 -19.57 -20.32
CA SER C 104 33.10 -20.59 -19.42
C SER C 104 32.91 -20.25 -17.96
N GLU C 105 33.08 -21.27 -17.12
CA GLU C 105 33.06 -21.08 -15.68
C GLU C 105 34.16 -20.10 -15.27
N ARG C 106 35.21 -20.03 -16.09
CA ARG C 106 36.29 -19.06 -15.93
C ARG C 106 35.87 -17.64 -16.25
N ASP C 107 35.05 -17.49 -17.30
CA ASP C 107 34.55 -16.18 -17.69
C ASP C 107 33.62 -15.61 -16.63
N VAL C 108 32.72 -16.46 -16.13
CA VAL C 108 31.77 -16.05 -15.12
C VAL C 108 32.45 -15.58 -13.83
N LEU C 109 33.48 -16.29 -13.39
CA LEU C 109 34.21 -15.93 -12.19
C LEU C 109 34.81 -14.54 -12.25
N CYS C 110 35.30 -14.18 -13.45
CA CYS C 110 36.00 -12.92 -13.68
C CYS C 110 35.09 -11.73 -13.66
N VAL C 111 33.91 -11.91 -14.23
CA VAL C 111 32.92 -10.86 -14.27
C VAL C 111 32.43 -10.58 -12.86
N GLN C 112 32.26 -11.66 -12.08
CA GLN C 112 31.83 -11.56 -10.70
C GLN C 112 32.82 -10.82 -9.81
N ILE C 113 34.09 -11.20 -9.93
CA ILE C 113 35.16 -10.54 -9.18
C ILE C 113 35.15 -9.04 -9.53
N ALA C 114 34.91 -8.75 -10.82
CA ALA C 114 34.88 -7.38 -11.31
C ALA C 114 33.75 -6.58 -10.67
N GLY C 115 32.57 -7.18 -10.59
CA GLY C 115 31.45 -6.53 -9.93
C GLY C 115 31.77 -6.22 -8.48
N LEU C 116 32.34 -7.21 -7.80
CA LEU C 116 32.77 -7.15 -6.41
C LEU C 116 33.78 -6.05 -6.08
N CYS C 117 34.69 -5.83 -7.03
CA CYS C 117 35.86 -5.00 -6.78
C CYS C 117 35.83 -3.69 -7.52
N HIS C 118 34.76 -3.42 -8.27
CA HIS C 118 34.68 -2.17 -9.00
C HIS C 118 34.68 -0.98 -8.03
N ASP C 119 34.31 -1.21 -6.78
CA ASP C 119 34.25 -0.10 -5.84
C ASP C 119 35.36 -0.11 -4.76
N LEU C 120 36.38 -0.93 -5.01
CA LEU C 120 37.54 -1.03 -4.14
C LEU C 120 38.27 0.30 -3.92
N GLY C 121 38.16 1.22 -4.87
CA GLY C 121 38.95 2.43 -4.83
C GLY C 121 38.25 3.65 -4.27
N HIS C 122 36.99 3.49 -3.82
CA HIS C 122 36.29 4.65 -3.28
C HIS C 122 36.96 5.14 -2.00
N GLY C 123 36.88 6.44 -1.76
CA GLY C 123 37.53 7.04 -0.62
C GLY C 123 36.43 7.47 0.31
N PRO C 124 36.82 8.12 1.43
CA PRO C 124 35.93 8.59 2.49
C PRO C 124 34.71 9.29 1.91
N PHE C 125 33.52 8.80 2.24
CA PHE C 125 32.29 9.38 1.73
C PHE C 125 32.14 9.27 0.19
N SER C 126 32.65 8.18 -0.37
CA SER C 126 32.38 7.81 -1.76
C SER C 126 32.69 8.88 -2.81
N HIS C 127 31.65 9.32 -3.49
CA HIS C 127 31.83 10.17 -4.65
C HIS C 127 32.32 11.56 -4.25
N MET C 128 32.15 11.89 -2.99
CA MET C 128 32.59 13.18 -2.47
C MET C 128 34.10 13.38 -2.64
N PHE C 129 34.84 12.27 -2.62
CA PHE C 129 36.29 12.26 -2.53
C PHE C 129 37.04 12.57 -3.82
N ASP C 130 36.71 11.87 -4.88
CA ASP C 130 37.46 12.07 -6.11
C ASP C 130 36.79 13.12 -6.93
N GLY C 131 35.53 13.36 -6.62
CA GLY C 131 34.74 14.31 -7.36
C GLY C 131 34.94 15.72 -6.89
N ARG C 132 35.33 15.88 -5.63
CA ARG C 132 35.52 17.21 -5.12
C ARG C 132 36.79 17.38 -4.26
N PHE C 133 37.05 16.48 -3.33
CA PHE C 133 38.18 16.71 -2.41
C PHE C 133 39.54 16.73 -3.14
N ILE C 134 39.85 15.67 -3.88
CA ILE C 134 41.10 15.61 -4.65
C ILE C 134 41.25 16.70 -5.74
N PRO C 135 40.19 17.01 -6.50
CA PRO C 135 40.28 18.14 -7.44
C PRO C 135 40.54 19.51 -6.78
N LEU C 136 40.06 19.72 -5.56
CA LEU C 136 40.32 20.96 -4.83
C LEU C 136 41.66 20.94 -4.07
N ALA C 137 42.10 19.75 -3.67
CA ALA C 137 43.31 19.60 -2.84
C ALA C 137 44.57 19.45 -3.68
N ARG C 138 44.43 18.79 -4.83
CA ARG C 138 45.54 18.59 -5.78
C ARG C 138 45.02 18.76 -7.21
N PRO C 139 44.81 20.03 -7.63
CA PRO C 139 44.10 20.32 -8.88
C PRO C 139 44.79 19.76 -10.11
N GLU C 140 46.11 19.64 -10.04
CA GLU C 140 46.91 19.13 -11.16
C GLU C 140 46.64 17.65 -11.47
N VAL C 141 46.33 16.87 -10.43
CA VAL C 141 46.23 15.41 -10.57
C VAL C 141 44.91 14.91 -11.19
N LYS C 142 45.04 13.90 -12.04
CA LYS C 142 43.89 13.22 -12.59
C LYS C 142 43.72 11.91 -11.81
N TRP C 143 42.66 11.86 -11.00
CA TRP C 143 42.32 10.73 -10.14
C TRP C 143 40.83 10.45 -10.21
N THR C 144 40.50 9.17 -10.44
CA THR C 144 39.14 8.65 -10.30
C THR C 144 39.21 7.41 -9.42
N HIS C 145 38.08 7.05 -8.83
CA HIS C 145 38.06 5.89 -7.96
C HIS C 145 38.26 4.59 -8.77
N GLU C 146 37.90 4.60 -10.04
CA GLU C 146 38.01 3.41 -10.86
C GLU C 146 39.50 3.14 -11.06
N GLN C 147 40.29 4.19 -11.21
CA GLN C 147 41.74 3.98 -11.19
C GLN C 147 42.10 3.38 -9.82
N GLY C 148 41.57 3.99 -8.77
CA GLY C 148 41.79 3.52 -7.42
C GLY C 148 41.40 2.07 -7.18
N SER C 149 40.27 1.67 -7.77
CA SER C 149 39.80 0.29 -7.70
C SER C 149 40.80 -0.65 -8.34
N VAL C 150 41.46 -0.20 -9.40
CA VAL C 150 42.41 -1.08 -10.08
C VAL C 150 43.66 -1.29 -9.23
N MET C 151 44.21 -0.21 -8.68
CA MET C 151 45.38 -0.31 -7.78
C MET C 151 45.09 -1.11 -6.53
N MET C 152 43.93 -0.85 -5.94
CA MET C 152 43.58 -1.53 -4.71
C MET C 152 43.44 -3.00 -5.01
N PHE C 153 42.91 -3.31 -6.18
CA PHE C 153 42.69 -4.70 -6.53
C PHE C 153 44.02 -5.44 -6.68
N GLU C 154 45.00 -4.82 -7.33
CA GLU C 154 46.31 -5.45 -7.48
C GLU C 154 47.04 -5.59 -6.13
N HIS C 155 46.96 -4.54 -5.30
CA HIS C 155 47.50 -4.62 -3.94
C HIS C 155 46.81 -5.76 -3.21
N LEU C 156 45.53 -5.96 -3.50
CA LEU C 156 44.77 -6.96 -2.79
C LEU C 156 45.35 -8.32 -3.07
N ILE C 157 45.46 -8.70 -4.36
CA ILE C 157 45.92 -10.07 -4.69
C ILE C 157 47.39 -10.30 -4.41
N ASN C 158 48.15 -9.22 -4.32
CA ASN C 158 49.56 -9.36 -4.02
C ASN C 158 49.78 -9.62 -2.54
N SER C 159 49.16 -8.78 -1.71
CA SER C 159 49.28 -8.90 -0.27
C SER C 159 48.60 -10.11 0.34
N ASN C 160 47.67 -10.72 -0.38
CA ASN C 160 46.90 -11.79 0.22
C ASN C 160 47.02 -13.13 -0.52
N GLY C 161 47.98 -13.20 -1.44
CA GLY C 161 48.32 -14.44 -2.12
C GLY C 161 47.17 -15.08 -2.87
N ILE C 162 46.46 -14.28 -3.65
CA ILE C 162 45.24 -14.73 -4.32
C ILE C 162 45.60 -15.49 -5.60
N LYS C 163 46.75 -15.17 -6.22
CA LYS C 163 47.10 -15.76 -7.53
C LYS C 163 47.28 -17.30 -7.49
N PRO C 164 47.95 -17.84 -6.46
CA PRO C 164 47.89 -19.30 -6.32
C PRO C 164 46.45 -19.83 -6.22
N VAL C 165 45.58 -19.09 -5.52
CA VAL C 165 44.18 -19.49 -5.34
C VAL C 165 43.39 -19.31 -6.64
N MET C 166 43.79 -18.32 -7.45
CA MET C 166 43.16 -18.14 -8.76
C MET C 166 43.39 -19.34 -9.64
N GLU C 167 44.63 -19.80 -9.66
CA GLU C 167 45.02 -20.92 -10.50
C GLU C 167 44.33 -22.20 -10.09
N GLN C 168 44.08 -22.34 -8.79
CA GLN C 168 43.37 -23.50 -8.28
C GLN C 168 41.92 -23.67 -8.83
N TYR C 169 41.24 -22.57 -9.16
CA TYR C 169 39.88 -22.71 -9.65
C TYR C 169 39.82 -22.47 -11.17
N GLY C 170 40.99 -22.47 -11.81
CA GLY C 170 41.09 -22.49 -13.26
C GLY C 170 41.28 -21.14 -13.93
N LEU C 171 41.57 -20.10 -13.16
CA LEU C 171 41.78 -18.80 -13.77
C LEU C 171 43.24 -18.74 -14.19
N ILE C 172 43.54 -18.10 -15.31
CA ILE C 172 44.93 -17.87 -15.70
C ILE C 172 45.31 -16.44 -15.34
N PRO C 173 45.99 -16.27 -14.20
CA PRO C 173 46.26 -14.98 -13.53
C PRO C 173 46.69 -13.88 -14.49
N GLU C 174 47.68 -14.14 -15.36
CA GLU C 174 48.15 -13.11 -16.28
C GLU C 174 47.01 -12.57 -17.17
N GLU C 175 46.28 -13.46 -17.84
CA GLU C 175 45.28 -13.01 -18.81
C GLU C 175 44.04 -12.43 -18.15
N ASP C 176 43.60 -13.06 -17.07
CA ASP C 176 42.34 -12.70 -16.42
C ASP C 176 42.42 -11.50 -15.48
N ILE C 177 43.52 -11.34 -14.77
CA ILE C 177 43.70 -10.17 -13.92
C ILE C 177 43.65 -8.90 -14.78
N CYS C 178 44.13 -9.02 -16.03
CA CYS C 178 44.01 -7.95 -17.01
C CYS C 178 42.52 -7.74 -17.28
N PHE C 179 41.81 -8.83 -17.59
CA PHE C 179 40.37 -8.80 -17.87
C PHE C 179 39.52 -8.14 -16.76
N ILE C 180 39.81 -8.49 -15.51
CA ILE C 180 39.11 -7.91 -14.37
C ILE C 180 39.38 -6.40 -14.29
N LYS C 181 40.62 -5.99 -14.46
CA LYS C 181 40.96 -4.57 -14.42
C LYS C 181 40.25 -3.78 -15.52
N GLU C 182 40.16 -4.38 -16.70
CA GLU C 182 39.58 -3.71 -17.86
C GLU C 182 38.07 -3.48 -17.77
N GLN C 183 37.40 -4.39 -17.08
CA GLN C 183 35.98 -4.25 -16.75
C GLN C 183 35.74 -3.08 -15.80
N ILE C 184 36.83 -2.65 -15.14
CA ILE C 184 36.80 -1.64 -14.11
C ILE C 184 37.25 -0.26 -14.62
N VAL C 185 38.39 -0.20 -15.30
CA VAL C 185 38.93 1.11 -15.69
C VAL C 185 38.97 1.29 -17.22
N GLY C 186 38.59 0.25 -17.95
CA GLY C 186 38.60 0.35 -19.39
C GLY C 186 39.97 0.03 -19.95
N PRO C 187 40.11 0.17 -21.27
CA PRO C 187 41.36 -0.09 -21.99
C PRO C 187 42.51 0.75 -21.46
N LEU C 188 43.66 0.13 -21.26
CA LEU C 188 44.81 0.76 -20.63
C LEU C 188 45.66 1.54 -21.64
N LEU C 196 40.34 -0.01 -33.69
CA LEU C 196 41.09 -1.20 -33.28
C LEU C 196 40.56 -1.71 -31.96
N TRP C 197 40.66 -3.01 -31.75
CA TRP C 197 40.15 -3.61 -30.51
C TRP C 197 41.13 -3.36 -29.37
N PRO C 198 40.73 -2.51 -28.41
CA PRO C 198 41.65 -2.01 -27.37
C PRO C 198 41.93 -2.99 -26.23
N TYR C 199 41.10 -4.01 -26.05
CA TYR C 199 41.20 -4.86 -24.87
C TYR C 199 42.14 -6.03 -25.06
N LYS C 200 43.05 -6.24 -24.12
CA LYS C 200 43.97 -7.37 -24.19
C LYS C 200 43.49 -8.59 -23.38
N GLY C 201 42.50 -8.39 -22.51
CA GLY C 201 42.04 -9.43 -21.59
C GLY C 201 41.18 -10.52 -22.21
N ARG C 202 40.30 -10.13 -23.14
CA ARG C 202 39.38 -11.05 -23.83
C ARG C 202 39.22 -10.64 -25.30
N PRO C 203 39.08 -11.64 -26.19
CA PRO C 203 38.88 -11.40 -27.63
C PRO C 203 37.56 -10.68 -27.91
N GLU C 204 37.38 -10.14 -29.12
CA GLU C 204 36.15 -9.42 -29.47
C GLU C 204 34.90 -10.31 -29.57
N ASN C 205 35.07 -11.61 -29.78
CA ASN C 205 33.89 -12.48 -29.88
C ASN C 205 33.24 -12.68 -28.51
N LYS C 206 33.95 -12.24 -27.48
CA LYS C 206 33.43 -12.24 -26.12
C LYS C 206 33.37 -10.78 -25.64
N SER C 207 33.14 -9.85 -26.57
CA SER C 207 33.09 -8.44 -26.24
C SER C 207 31.96 -8.11 -25.27
N PHE C 208 30.84 -8.82 -25.38
CA PHE C 208 29.65 -8.46 -24.60
C PHE C 208 29.89 -8.54 -23.10
N LEU C 209 30.85 -9.36 -22.68
CA LEU C 209 31.20 -9.49 -21.27
C LEU C 209 31.74 -8.19 -20.66
N TYR C 210 32.11 -7.25 -21.51
CA TYR C 210 32.59 -5.95 -21.05
C TYR C 210 31.45 -4.97 -20.82
N GLU C 211 30.22 -5.42 -21.04
CA GLU C 211 29.09 -4.50 -20.95
C GLU C 211 28.24 -4.78 -19.72
N ILE C 212 28.63 -5.79 -18.96
CA ILE C 212 27.88 -6.27 -17.80
C ILE C 212 28.08 -5.49 -16.49
N VAL C 213 29.30 -5.43 -15.98
CA VAL C 213 29.56 -4.75 -14.70
C VAL C 213 29.43 -3.26 -14.87
N SER C 214 30.16 -2.69 -15.82
CA SER C 214 30.04 -1.27 -16.08
C SER C 214 29.86 -1.04 -17.57
N ASN C 215 28.75 -0.39 -17.92
CA ASN C 215 28.45 -0.19 -19.32
C ASN C 215 28.54 1.29 -19.65
N LYS C 216 29.61 1.70 -20.35
CA LYS C 216 29.86 3.13 -20.60
C LYS C 216 28.85 3.81 -21.51
N ARG C 217 28.41 3.14 -22.57
CA ARG C 217 27.53 3.79 -23.54
C ARG C 217 26.07 4.04 -23.10
N ASN C 218 25.31 3.00 -22.79
CA ASN C 218 23.85 3.17 -22.62
C ASN C 218 23.36 3.16 -21.16
N GLY C 219 24.30 3.32 -20.23
CA GLY C 219 24.01 3.43 -18.80
C GLY C 219 23.22 2.30 -18.18
N ILE C 220 23.26 1.12 -18.82
CA ILE C 220 22.56 -0.03 -18.29
C ILE C 220 23.51 -1.15 -17.92
N ASP C 221 23.80 -1.25 -16.62
CA ASP C 221 24.66 -2.29 -16.09
C ASP C 221 24.18 -2.67 -14.68
N VAL C 222 24.62 -3.83 -14.24
CA VAL C 222 24.16 -4.38 -12.99
C VAL C 222 24.65 -3.58 -11.76
N ASP C 223 25.67 -2.75 -11.95
CA ASP C 223 26.08 -1.84 -10.90
C ASP C 223 24.95 -0.86 -10.67
N LYS C 224 24.46 -0.30 -11.77
CA LYS C 224 23.37 0.65 -11.66
C LYS C 224 22.14 -0.06 -11.07
N TRP C 225 21.92 -1.31 -11.46
CA TRP C 225 20.75 -2.01 -10.94
C TRP C 225 20.79 -2.06 -9.43
N ASP C 226 21.94 -2.41 -8.89
CA ASP C 226 22.06 -2.61 -7.46
C ASP C 226 21.81 -1.34 -6.69
N TYR C 227 22.50 -0.26 -7.01
CA TYR C 227 22.30 0.90 -6.18
C TYR C 227 21.00 1.63 -6.49
N PHE C 228 20.34 1.33 -7.61
CA PHE C 228 18.98 1.79 -7.82
C PHE C 228 18.05 1.07 -6.81
N ALA C 229 18.15 -0.26 -6.71
CA ALA C 229 17.31 -1.00 -5.76
C ALA C 229 17.64 -0.62 -4.32
N ARG C 230 18.91 -0.69 -3.95
CA ARG C 230 19.35 -0.42 -2.59
C ARG C 230 19.07 1.04 -2.16
N ASP C 231 19.27 2.02 -3.04
CA ASP C 231 19.08 3.42 -2.66
C ASP C 231 17.59 3.71 -2.48
N CYS C 232 16.73 3.06 -3.26
CA CYS C 232 15.29 3.14 -3.01
C CYS C 232 14.87 2.55 -1.65
N HIS C 233 15.42 1.39 -1.35
CA HIS C 233 15.07 0.63 -0.16
C HIS C 233 15.39 1.39 1.11
N HIS C 234 16.49 2.12 1.11
CA HIS C 234 16.93 2.84 2.29
C HIS C 234 16.44 4.30 2.30
N LEU C 235 15.98 4.79 1.16
CA LEU C 235 15.44 6.15 1.08
C LEU C 235 13.90 6.20 1.16
N GLY C 236 13.27 5.04 0.98
CA GLY C 236 11.81 4.95 0.99
C GLY C 236 11.18 5.54 -0.25
N ILE C 237 11.76 5.20 -1.39
CA ILE C 237 11.37 5.62 -2.74
C ILE C 237 10.85 4.37 -3.47
N GLN C 238 9.92 4.55 -4.40
CA GLN C 238 9.38 3.39 -5.05
C GLN C 238 10.16 3.10 -6.33
N ASN C 239 10.61 1.84 -6.41
CA ASN C 239 11.43 1.35 -7.49
C ASN C 239 10.65 0.29 -8.25
N ASN C 240 10.21 0.62 -9.47
CA ASN C 240 9.33 -0.27 -10.22
C ASN C 240 10.04 -1.24 -11.16
N PHE C 241 11.36 -1.11 -11.29
CA PHE C 241 12.14 -1.94 -12.19
C PHE C 241 12.37 -3.36 -11.64
N ASP C 242 12.12 -4.38 -12.45
CA ASP C 242 12.31 -5.77 -12.02
C ASP C 242 13.50 -6.40 -12.73
N TYR C 243 14.66 -6.42 -12.07
CA TYR C 243 15.88 -6.90 -12.71
C TYR C 243 15.81 -8.40 -12.99
N LYS C 244 15.12 -9.15 -12.14
CA LYS C 244 15.04 -10.60 -12.31
C LYS C 244 14.38 -10.89 -13.64
N ARG C 245 13.34 -10.12 -13.93
CA ARG C 245 12.62 -10.22 -15.21
C ARG C 245 13.47 -9.82 -16.40
N PHE C 246 14.13 -8.68 -16.30
CA PHE C 246 14.98 -8.15 -17.37
C PHE C 246 16.09 -9.13 -17.70
N ILE C 247 16.61 -9.80 -16.67
CA ILE C 247 17.67 -10.78 -16.84
C ILE C 247 17.17 -11.98 -17.59
N LYS C 248 15.93 -12.37 -17.31
CA LYS C 248 15.31 -13.53 -17.98
C LYS C 248 15.16 -13.35 -19.49
N PHE C 249 14.96 -12.12 -19.96
CA PHE C 249 14.72 -11.89 -21.38
C PHE C 249 15.92 -11.26 -22.10
N ALA C 250 17.05 -11.15 -21.42
CA ALA C 250 18.27 -10.62 -22.03
C ALA C 250 18.88 -11.67 -22.94
N ARG C 251 19.44 -11.22 -24.06
CA ARG C 251 20.11 -12.07 -25.04
C ARG C 251 21.31 -11.34 -25.63
N VAL C 252 22.30 -12.09 -26.12
CA VAL C 252 23.38 -11.47 -26.88
C VAL C 252 22.98 -11.52 -28.38
N CYS C 253 23.13 -10.40 -29.09
CA CYS C 253 22.78 -10.34 -30.50
C CYS C 253 23.73 -9.44 -31.28
N GLU C 254 23.72 -9.55 -32.60
CA GLU C 254 24.65 -8.81 -33.44
C GLU C 254 24.11 -7.41 -33.73
N VAL C 255 24.89 -6.39 -33.40
CA VAL C 255 24.50 -4.99 -33.64
C VAL C 255 25.63 -4.28 -34.40
N ASP C 256 25.37 -3.95 -35.67
CA ASP C 256 26.40 -3.45 -36.58
C ASP C 256 27.49 -4.50 -36.63
N ASN C 257 27.02 -5.75 -36.66
CA ASN C 257 27.85 -6.95 -36.55
C ASN C 257 28.88 -6.80 -35.42
N GLU C 258 28.49 -6.11 -34.36
CA GLU C 258 29.26 -6.05 -33.13
C GLU C 258 28.35 -6.65 -32.08
N LEU C 259 28.90 -7.39 -31.12
CA LEU C 259 28.06 -8.08 -30.14
C LEU C 259 27.65 -7.22 -28.94
N ARG C 260 26.35 -7.14 -28.74
CA ARG C 260 25.81 -6.33 -27.68
C ARG C 260 24.79 -7.11 -26.86
N ILE C 261 24.48 -6.62 -25.66
CA ILE C 261 23.45 -7.22 -24.82
C ILE C 261 22.14 -6.55 -25.17
N CYS C 262 21.11 -7.36 -25.44
CA CYS C 262 19.84 -6.82 -25.87
C CYS C 262 18.68 -7.19 -24.93
N ALA C 263 17.57 -6.47 -25.10
CA ALA C 263 16.35 -6.67 -24.34
C ALA C 263 15.26 -7.09 -25.29
N ARG C 264 14.29 -7.87 -24.83
CA ARG C 264 13.19 -8.23 -25.73
C ARG C 264 12.27 -7.01 -25.87
N ASP C 265 11.68 -6.82 -27.06
CA ASP C 265 10.88 -5.63 -27.34
C ASP C 265 9.67 -5.45 -26.42
N LYS C 266 9.02 -6.55 -26.07
CA LYS C 266 7.80 -6.50 -25.27
C LYS C 266 8.05 -5.89 -23.91
N GLU C 267 9.28 -6.07 -23.44
CA GLU C 267 9.72 -5.76 -22.09
C GLU C 267 10.37 -4.37 -21.96
N VAL C 268 10.11 -3.48 -22.92
CA VAL C 268 10.59 -2.09 -22.86
C VAL C 268 9.89 -1.36 -21.71
N GLY C 269 8.70 -1.83 -21.36
CA GLY C 269 7.96 -1.30 -20.23
C GLY C 269 8.77 -1.38 -18.96
N ASN C 270 9.54 -2.46 -18.82
CA ASN C 270 10.47 -2.61 -17.72
C ASN C 270 11.60 -1.58 -17.78
N LEU C 271 12.13 -1.33 -18.98
CA LEU C 271 13.18 -0.34 -19.16
C LEU C 271 12.81 1.10 -18.81
N TYR C 272 11.59 1.50 -19.14
CA TYR C 272 11.18 2.88 -18.88
C TYR C 272 11.12 3.14 -17.38
N ASP C 273 10.73 2.10 -16.64
CA ASP C 273 10.62 2.20 -15.19
C ASP C 273 11.99 2.12 -14.52
N MET C 274 12.97 1.57 -15.21
CA MET C 274 14.34 1.64 -14.72
C MET C 274 14.77 3.09 -14.73
N PHE C 275 14.57 3.73 -15.88
CA PHE C 275 14.97 5.11 -16.08
C PHE C 275 14.16 6.05 -15.20
N HIS C 276 12.91 5.71 -14.94
CA HIS C 276 12.11 6.49 -14.00
C HIS C 276 12.68 6.39 -12.58
N THR C 277 13.23 5.24 -12.21
CA THR C 277 13.87 5.13 -10.91
C THR C 277 15.14 5.99 -10.89
N ARG C 278 15.95 5.89 -11.94
CA ARG C 278 17.14 6.73 -12.08
C ARG C 278 16.75 8.21 -11.99
N ASN C 279 15.61 8.57 -12.56
CA ASN C 279 15.18 9.96 -12.52
C ASN C 279 14.75 10.42 -11.13
N SER C 280 13.98 9.61 -10.41
CA SER C 280 13.54 10.01 -9.08
C SER C 280 14.69 10.05 -8.08
N LEU C 281 15.63 9.11 -8.16
CA LEU C 281 16.77 9.11 -7.26
C LEU C 281 17.57 10.38 -7.45
N HIS C 282 17.76 10.80 -8.70
CA HIS C 282 18.48 12.03 -8.98
C HIS C 282 17.71 13.28 -8.55
N ARG C 283 16.42 13.38 -8.90
CA ARG C 283 15.64 14.55 -8.51
C ARG C 283 15.41 14.62 -7.00
N ARG C 284 15.02 13.50 -6.41
CA ARG C 284 14.66 13.51 -4.99
C ARG C 284 15.84 13.33 -4.03
N ALA C 285 16.88 12.62 -4.43
CA ALA C 285 17.94 12.25 -3.48
C ALA C 285 19.38 12.76 -3.77
N TYR C 286 19.97 12.31 -4.88
CA TYR C 286 21.36 12.61 -5.17
C TYR C 286 21.63 14.11 -5.39
N GLN C 287 20.63 14.86 -5.84
CA GLN C 287 20.81 16.30 -6.08
C GLN C 287 20.11 17.13 -5.03
N HIS C 288 19.74 16.49 -3.92
CA HIS C 288 19.12 17.11 -2.77
C HIS C 288 19.89 18.36 -2.32
N LYS C 289 19.19 19.44 -2.01
CA LYS C 289 19.86 20.72 -1.75
C LYS C 289 20.78 20.71 -0.50
N VAL C 290 20.25 20.34 0.65
CA VAL C 290 21.05 20.33 1.89
C VAL C 290 22.10 19.19 1.94
N GLY C 291 21.78 18.06 1.32
CA GLY C 291 22.73 16.97 1.21
C GLY C 291 24.00 17.42 0.55
N ASN C 292 23.88 18.16 -0.54
CA ASN C 292 25.05 18.65 -1.27
C ASN C 292 25.75 19.85 -0.59
N ILE C 293 25.00 20.66 0.15
CA ILE C 293 25.65 21.70 0.94
C ILE C 293 26.59 21.01 1.94
N ILE C 294 26.05 20.03 2.67
CA ILE C 294 26.79 19.32 3.72
C ILE C 294 28.06 18.63 3.22
N ASP C 295 27.99 18.03 2.05
CA ASP C 295 29.18 17.46 1.45
C ASP C 295 30.33 18.47 1.25
N THR C 296 30.02 19.71 0.93
CA THR C 296 31.08 20.67 0.75
C THR C 296 31.63 21.15 2.10
N MET C 297 30.82 21.00 3.15
CA MET C 297 31.25 21.32 4.51
C MET C 297 32.26 20.29 5.05
N ILE C 298 31.94 19.02 4.81
CA ILE C 298 32.81 17.91 5.11
C ILE C 298 34.13 18.08 4.38
N THR C 299 34.03 18.47 3.11
CA THR C 299 35.17 18.73 2.24
C THR C 299 35.99 19.92 2.71
N ASP C 300 35.33 20.94 3.26
CA ASP C 300 36.03 22.09 3.81
C ASP C 300 36.80 21.69 5.06
N ALA C 301 36.23 20.78 5.83
CA ALA C 301 36.89 20.25 7.02
C ALA C 301 38.09 19.36 6.65
N PHE C 302 37.93 18.47 5.68
CA PHE C 302 39.05 17.65 5.22
C PHE C 302 40.19 18.52 4.68
N LEU C 303 39.84 19.62 4.03
CA LEU C 303 40.86 20.51 3.45
C LEU C 303 41.65 21.25 4.53
N LYS C 304 40.95 21.83 5.49
CA LYS C 304 41.58 22.54 6.59
C LYS C 304 42.34 21.55 7.48
N ALA C 305 42.10 20.27 7.27
CA ALA C 305 42.80 19.26 8.06
C ALA C 305 43.84 18.48 7.27
N ASP C 306 43.95 18.72 5.97
CA ASP C 306 44.76 17.85 5.11
C ASP C 306 46.21 17.82 5.53
N ASP C 307 46.67 18.96 6.03
CA ASP C 307 48.06 19.18 6.45
C ASP C 307 48.47 18.55 7.80
N TYR C 308 47.55 18.45 8.75
CA TYR C 308 47.93 18.03 10.09
C TYR C 308 47.62 16.58 10.37
N ILE C 309 47.07 15.86 9.40
CA ILE C 309 46.77 14.45 9.61
C ILE C 309 47.68 13.49 8.87
N GLU C 310 48.22 12.52 9.60
CA GLU C 310 49.11 11.55 9.00
C GLU C 310 48.47 10.17 8.95
N ILE C 311 48.53 9.57 7.77
CA ILE C 311 48.10 8.18 7.59
C ILE C 311 49.30 7.33 7.23
N THR C 312 49.55 6.29 8.01
CA THR C 312 50.74 5.46 7.79
C THR C 312 50.62 4.45 6.64
N GLY C 313 51.52 4.58 5.68
CA GLY C 313 51.54 3.70 4.54
C GLY C 313 52.66 2.67 4.50
N ALA C 314 52.98 2.22 3.30
CA ALA C 314 54.03 1.23 3.06
C ALA C 314 55.42 1.84 3.24
N GLY C 315 56.35 1.03 3.74
CA GLY C 315 57.70 1.49 3.99
C GLY C 315 57.73 2.51 5.11
N GLY C 316 56.68 2.46 5.95
CA GLY C 316 56.56 3.32 7.11
C GLY C 316 56.34 4.79 6.82
N LYS C 317 56.39 5.17 5.55
CA LYS C 317 56.26 6.58 5.16
C LYS C 317 54.93 7.18 5.63
N LYS C 318 54.91 8.50 5.82
CA LYS C 318 53.71 9.17 6.29
C LYS C 318 53.09 9.93 5.14
N TYR C 319 51.77 9.83 5.01
CA TYR C 319 51.03 10.46 3.92
C TYR C 319 49.98 11.44 4.45
N ARG C 320 49.52 12.34 3.59
CA ARG C 320 48.40 13.18 3.98
C ARG C 320 47.13 12.60 3.34
N ILE C 321 45.97 13.09 3.78
CA ILE C 321 44.70 12.63 3.26
C ILE C 321 44.67 12.68 1.72
N SER C 322 45.18 13.78 1.15
CA SER C 322 45.12 13.99 -0.31
C SER C 322 46.16 13.22 -1.10
N THR C 323 47.18 12.75 -0.40
CA THR C 323 48.26 12.02 -1.05
C THR C 323 48.29 10.53 -0.65
N ALA C 324 47.37 10.13 0.22
CA ALA C 324 47.29 8.72 0.59
C ALA C 324 46.90 7.90 -0.63
N ILE C 325 46.40 8.56 -1.67
CA ILE C 325 46.05 7.87 -2.91
C ILE C 325 47.31 7.36 -3.61
N ASP C 326 48.46 7.91 -3.24
CA ASP C 326 49.71 7.56 -3.88
C ASP C 326 50.22 6.22 -3.36
N ASP C 327 49.75 5.82 -2.19
CA ASP C 327 50.13 4.54 -1.62
C ASP C 327 48.92 3.71 -1.15
N MET C 328 48.77 2.54 -1.74
CA MET C 328 47.58 1.73 -1.48
C MET C 328 47.52 1.20 -0.04
N GLU C 329 48.68 1.18 0.60
CA GLU C 329 48.75 0.71 1.96
C GLU C 329 48.25 1.78 2.88
N ALA C 330 48.53 3.02 2.54
CA ALA C 330 47.98 4.13 3.30
C ALA C 330 46.51 4.24 3.00
N TYR C 331 46.17 4.05 1.73
CA TYR C 331 44.80 4.23 1.30
C TYR C 331 43.89 3.25 2.00
N THR C 332 44.40 2.05 2.24
CA THR C 332 43.65 1.04 2.96
C THR C 332 43.15 1.60 4.31
N LYS C 333 43.97 2.36 5.02
CA LYS C 333 43.59 2.89 6.35
C LYS C 333 42.80 4.21 6.29
N LEU C 334 42.47 4.68 5.10
CA LEU C 334 41.71 5.91 4.94
C LEU C 334 40.22 5.65 4.56
N THR C 335 39.35 5.74 5.58
CA THR C 335 37.92 5.41 5.50
C THR C 335 37.08 6.54 6.08
N ASP C 336 35.79 6.32 6.30
CA ASP C 336 34.94 7.36 6.90
C ASP C 336 35.51 7.76 8.23
N ASN C 337 36.31 6.86 8.79
CA ASN C 337 36.94 7.05 10.08
C ASN C 337 37.64 8.42 10.24
N ILE C 338 38.16 8.97 9.15
CA ILE C 338 38.90 10.21 9.20
C ILE C 338 37.99 11.33 9.72
N PHE C 339 36.68 11.22 9.50
CA PHE C 339 35.73 12.24 9.98
C PHE C 339 35.69 12.39 11.51
N LEU C 340 35.62 11.25 12.21
CA LEU C 340 35.48 11.24 13.66
C LEU C 340 36.84 11.49 14.31
N GLU C 341 37.89 11.13 13.58
CA GLU C 341 39.27 11.37 14.00
C GLU C 341 39.52 12.88 14.15
N ILE C 342 39.08 13.64 13.15
CA ILE C 342 39.15 15.11 13.16
C ILE C 342 38.26 15.75 14.24
N LEU C 343 37.04 15.25 14.38
CA LEU C 343 36.05 15.79 15.31
C LEU C 343 36.40 15.56 16.78
N TYR C 344 36.98 14.40 17.07
CA TYR C 344 37.28 14.00 18.45
C TYR C 344 38.64 14.52 18.85
N SER C 345 39.32 15.16 17.91
CA SER C 345 40.65 15.66 18.16
C SER C 345 40.64 16.77 19.22
N THR C 346 41.71 16.82 20.01
CA THR C 346 41.93 17.89 20.98
C THR C 346 43.09 18.78 20.51
N ASP C 347 43.77 18.33 19.46
CA ASP C 347 44.85 19.06 18.77
C ASP C 347 44.40 20.44 18.26
N PRO C 348 45.15 21.50 18.62
CA PRO C 348 44.85 22.88 18.23
C PRO C 348 45.26 23.24 16.81
N LYS C 349 46.17 22.46 16.21
CA LYS C 349 46.45 22.68 14.80
C LYS C 349 45.20 22.32 13.99
N LEU C 350 44.40 21.39 14.51
CA LEU C 350 43.15 20.96 13.89
C LEU C 350 41.89 21.66 14.40
N LYS C 351 42.01 22.72 15.18
CA LYS C 351 40.83 23.36 15.78
C LYS C 351 39.90 24.03 14.73
N ASP C 352 40.48 24.58 13.66
CA ASP C 352 39.69 25.22 12.61
C ASP C 352 38.77 24.23 11.88
N ALA C 353 39.34 23.11 11.45
CA ALA C 353 38.58 22.05 10.78
C ALA C 353 37.51 21.46 11.68
N ARG C 354 37.88 21.19 12.93
CA ARG C 354 36.99 20.64 13.95
C ARG C 354 35.72 21.45 14.06
N GLU C 355 35.86 22.77 13.92
CA GLU C 355 34.73 23.67 14.10
C GLU C 355 33.74 23.57 12.95
N ILE C 356 34.19 23.15 11.77
CA ILE C 356 33.26 23.01 10.66
C ILE C 356 32.39 21.77 10.90
N LEU C 357 33.00 20.68 11.35
CA LEU C 357 32.27 19.48 11.71
C LEU C 357 31.41 19.65 12.98
N LYS C 358 31.83 20.51 13.90
CA LYS C 358 30.99 20.85 15.03
C LYS C 358 29.79 21.67 14.58
N GLN C 359 29.92 22.42 13.48
CA GLN C 359 28.77 23.17 12.99
CA GLN C 359 28.81 23.17 12.88
C GLN C 359 27.73 22.24 12.37
N ILE C 360 28.19 21.12 11.80
CA ILE C 360 27.30 20.13 11.22
C ILE C 360 26.42 19.48 12.28
N GLU C 361 27.02 19.15 13.41
CA GLU C 361 26.32 18.54 14.54
C GLU C 361 25.31 19.47 15.16
N TYR C 362 25.59 20.77 15.16
CA TYR C 362 24.65 21.73 15.74
C TYR C 362 23.66 22.21 14.68
N ARG C 363 23.88 21.74 13.44
CA ARG C 363 23.06 22.07 12.27
C ARG C 363 23.12 23.55 11.83
N ASN C 364 24.26 24.20 12.01
CA ASN C 364 24.43 25.54 11.47
C ASN C 364 25.17 25.48 10.15
N LEU C 365 24.43 25.26 9.08
CA LEU C 365 25.03 24.94 7.81
C LEU C 365 25.40 26.17 7.00
N PHE C 366 26.18 25.94 5.95
CA PHE C 366 26.37 26.92 4.93
C PHE C 366 25.00 27.23 4.33
N LYS C 367 24.86 28.43 3.79
CA LYS C 367 23.60 28.85 3.25
C LYS C 367 23.60 28.88 1.74
N TYR C 368 22.44 28.56 1.19
CA TYR C 368 22.22 28.50 -0.25
C TYR C 368 22.09 29.89 -0.87
N VAL C 369 22.85 30.13 -1.92
CA VAL C 369 22.76 31.39 -2.64
C VAL C 369 22.02 31.24 -3.98
N GLY C 370 22.37 30.23 -4.77
CA GLY C 370 21.67 30.02 -6.02
C GLY C 370 22.23 28.91 -6.88
N GLU C 371 21.54 28.64 -7.97
CA GLU C 371 21.91 27.56 -8.88
C GLU C 371 22.00 28.11 -10.31
N THR C 372 22.79 27.46 -11.14
CA THR C 372 22.89 27.84 -12.53
C THR C 372 23.35 26.66 -13.35
N GLN C 373 23.28 26.80 -14.67
CA GLN C 373 23.80 25.79 -15.60
C GLN C 373 24.72 26.41 -16.65
N PRO C 374 25.73 25.65 -17.07
CA PRO C 374 26.60 26.12 -18.14
C PRO C 374 25.92 25.97 -19.48
N THR C 375 25.43 27.10 -20.02
CA THR C 375 24.74 27.16 -21.31
C THR C 375 25.78 26.88 -22.40
N GLY C 376 25.32 26.28 -23.49
CA GLY C 376 26.19 25.68 -24.49
C GLY C 376 26.45 24.28 -23.97
N GLN C 377 27.21 23.47 -24.67
CA GLN C 377 27.39 22.10 -24.19
C GLN C 377 28.67 21.99 -23.38
N ILE C 378 29.23 23.14 -23.01
CA ILE C 378 30.45 23.17 -22.23
C ILE C 378 30.31 22.82 -20.74
N LYS C 379 31.15 21.91 -20.25
CA LYS C 379 31.19 21.55 -18.83
C LYS C 379 32.43 22.09 -18.11
N ILE C 380 32.26 22.53 -16.86
CA ILE C 380 33.40 22.97 -16.07
C ILE C 380 34.26 21.78 -15.72
N LYS C 381 35.57 21.90 -15.91
CA LYS C 381 36.46 20.77 -15.69
C LYS C 381 36.84 20.69 -14.23
N ARG C 382 37.11 19.47 -13.77
CA ARG C 382 37.45 19.20 -12.37
C ARG C 382 38.68 19.98 -11.94
N GLU C 383 39.61 20.11 -12.90
CA GLU C 383 40.87 20.83 -12.71
C GLU C 383 40.64 22.29 -12.32
N ASP C 384 39.51 22.84 -12.73
CA ASP C 384 39.25 24.25 -12.57
C ASP C 384 38.32 24.56 -11.40
N TYR C 385 37.99 23.52 -10.63
CA TYR C 385 37.08 23.66 -9.50
C TYR C 385 37.61 24.61 -8.45
N GLU C 386 38.93 24.54 -8.20
CA GLU C 386 39.58 25.33 -7.16
C GLU C 386 39.43 26.84 -7.33
N SER C 387 39.50 27.28 -8.58
CA SER C 387 39.45 28.70 -8.94
C SER C 387 38.03 29.27 -8.93
N LEU C 388 37.04 28.41 -9.08
CA LEU C 388 35.67 28.88 -9.23
C LEU C 388 35.28 29.94 -8.16
N PRO C 389 35.67 29.75 -6.88
CA PRO C 389 35.39 30.82 -5.91
C PRO C 389 36.16 32.14 -6.16
N LYS C 390 37.38 32.07 -6.72
CA LYS C 390 38.15 33.27 -7.06
C LYS C 390 37.42 34.14 -8.09
N GLU C 391 36.90 33.53 -9.15
CA GLU C 391 36.08 34.21 -10.16
C GLU C 391 34.81 34.82 -9.57
N VAL C 392 34.15 34.09 -8.69
CA VAL C 392 32.90 34.56 -8.12
C VAL C 392 33.13 35.80 -7.25
N ALA C 393 34.22 35.76 -6.48
CA ALA C 393 34.51 36.85 -5.55
C ALA C 393 35.00 38.11 -6.23
N SER C 394 35.54 37.98 -7.45
CA SER C 394 36.09 39.13 -8.14
C SER C 394 35.10 39.74 -9.12
N ALA C 395 33.92 39.15 -9.24
CA ALA C 395 32.92 39.71 -10.13
C ALA C 395 32.56 41.11 -9.63
N LYS C 396 32.57 42.08 -10.54
CA LYS C 396 32.21 43.45 -10.21
C LYS C 396 30.75 43.60 -10.51
N PRO C 397 29.92 43.58 -9.45
CA PRO C 397 28.46 43.50 -9.56
C PRO C 397 27.67 44.79 -9.40
N LYS C 398 28.04 45.91 -10.05
CA LYS C 398 27.29 47.15 -9.86
C LYS C 398 25.82 46.89 -10.17
N VAL C 399 24.89 47.19 -9.25
CA VAL C 399 25.09 48.04 -8.05
C VAL C 399 26.16 47.73 -6.99
N LEU C 400 26.81 48.80 -6.49
CA LEU C 400 27.75 48.67 -5.39
C LEU C 400 27.00 48.33 -4.11
N LEU C 401 27.60 47.50 -3.28
CA LEU C 401 26.91 46.93 -2.13
C LEU C 401 27.53 47.33 -0.82
N ASP C 402 26.75 47.23 0.24
CA ASP C 402 27.21 47.65 1.56
C ASP C 402 28.42 46.83 2.00
N VAL C 403 28.43 45.54 1.67
CA VAL C 403 29.56 44.68 2.01
C VAL C 403 30.27 44.08 0.80
N LYS C 404 31.53 43.73 1.02
CA LYS C 404 32.32 43.06 0.01
C LYS C 404 32.79 41.71 0.57
N LEU C 405 32.75 40.66 -0.24
CA LEU C 405 33.11 39.34 0.24
C LEU C 405 34.38 38.83 -0.46
N LYS C 406 35.21 38.12 0.30
CA LYS C 406 36.43 37.51 -0.25
C LYS C 406 36.14 36.08 -0.72
N ALA C 407 37.05 35.53 -1.52
CA ALA C 407 36.90 34.19 -2.08
C ALA C 407 36.76 33.10 -1.01
N GLU C 408 37.31 33.34 0.17
CA GLU C 408 37.22 32.35 1.23
C GLU C 408 35.79 32.22 1.73
N ASP C 409 34.90 33.11 1.32
CA ASP C 409 33.51 33.03 1.75
C ASP C 409 32.61 32.33 0.73
N PHE C 410 33.19 31.87 -0.37
CA PHE C 410 32.34 31.22 -1.36
C PHE C 410 32.64 29.74 -1.55
N ILE C 411 31.58 28.96 -1.63
CA ILE C 411 31.67 27.56 -2.03
C ILE C 411 30.91 27.38 -3.33
N VAL C 412 31.59 26.86 -4.34
CA VAL C 412 30.94 26.61 -5.62
C VAL C 412 30.85 25.13 -5.84
N ASP C 413 29.62 24.64 -5.97
CA ASP C 413 29.37 23.21 -5.99
C ASP C 413 29.04 22.81 -7.40
N VAL C 414 29.90 21.99 -7.98
CA VAL C 414 29.62 21.48 -9.30
C VAL C 414 28.96 20.10 -9.17
N ILE C 415 27.70 20.06 -9.57
CA ILE C 415 26.88 18.86 -9.50
C ILE C 415 26.71 18.26 -10.89
N ASN C 416 27.23 17.06 -11.06
CA ASN C 416 27.21 16.37 -12.33
C ASN C 416 26.21 15.21 -12.42
N MET C 417 25.69 14.93 -13.61
CA MET C 417 24.77 13.82 -13.77
C MET C 417 25.43 12.55 -14.35
N ASP C 418 26.76 12.60 -14.48
CA ASP C 418 27.70 11.56 -14.95
C ASP C 418 28.80 12.25 -15.77
N ILE C 427 16.89 6.67 -23.34
CA ILE C 427 15.79 5.72 -23.42
C ILE C 427 15.74 4.98 -24.76
N ASP C 428 16.34 5.54 -25.82
CA ASP C 428 16.27 4.90 -27.12
C ASP C 428 17.56 4.21 -27.54
N HIS C 429 18.65 4.48 -26.83
CA HIS C 429 19.97 3.95 -27.20
C HIS C 429 20.18 2.50 -26.75
N VAL C 430 19.12 1.91 -26.20
CA VAL C 430 19.10 0.49 -25.89
C VAL C 430 18.87 -0.32 -27.16
N SER C 431 19.37 -1.56 -27.18
CA SER C 431 19.23 -2.41 -28.35
C SER C 431 18.23 -3.50 -28.04
N PHE C 432 17.26 -3.71 -28.94
CA PHE C 432 16.20 -4.69 -28.71
C PHE C 432 16.26 -5.83 -29.71
N TYR C 433 15.41 -6.83 -29.52
CA TYR C 433 15.32 -7.96 -30.43
C TYR C 433 13.87 -8.44 -30.45
N CYS C 434 13.51 -9.26 -31.44
CA CYS C 434 12.17 -9.87 -31.47
C CYS C 434 12.24 -11.38 -31.40
N LYS C 435 11.20 -12.02 -30.86
CA LYS C 435 11.23 -13.45 -30.57
C LYS C 435 11.44 -14.29 -31.84
N THR C 436 10.86 -13.82 -32.94
CA THR C 436 10.99 -14.47 -34.24
C THR C 436 12.40 -14.40 -34.86
N ALA C 437 13.08 -13.24 -34.73
CA ALA C 437 14.43 -13.07 -35.28
C ALA C 437 15.40 -12.58 -34.20
N PRO C 438 15.69 -13.46 -33.21
CA PRO C 438 16.48 -13.14 -32.00
C PRO C 438 17.97 -12.86 -32.23
N ASN C 439 18.53 -13.41 -33.31
CA ASN C 439 19.95 -13.26 -33.61
C ASN C 439 20.33 -11.81 -33.92
N ARG C 440 19.38 -11.06 -34.50
CA ARG C 440 19.64 -9.70 -34.98
C ARG C 440 18.82 -8.67 -34.20
N ALA C 441 19.36 -7.46 -34.07
CA ALA C 441 18.74 -6.39 -33.28
C ALA C 441 17.74 -5.57 -34.07
N ILE C 442 16.61 -5.23 -33.47
CA ILE C 442 15.63 -4.34 -34.11
C ILE C 442 16.03 -2.88 -33.96
N GLU C 459 24.27 16.96 -18.77
CA GLU C 459 23.91 18.10 -17.93
C GLU C 459 24.97 18.39 -16.89
N GLN C 460 24.86 19.55 -16.26
CA GLN C 460 25.69 19.92 -15.12
C GLN C 460 25.01 21.06 -14.37
N LEU C 461 24.94 20.96 -13.05
CA LEU C 461 24.39 22.07 -12.27
C LEU C 461 25.50 22.71 -11.42
N ILE C 462 25.44 24.03 -11.26
CA ILE C 462 26.43 24.72 -10.43
C ILE C 462 25.71 25.47 -9.33
N ARG C 463 26.05 25.16 -8.09
CA ARG C 463 25.48 25.83 -6.94
C ARG C 463 26.55 26.58 -6.19
N VAL C 464 26.15 27.67 -5.57
CA VAL C 464 27.04 28.50 -4.77
C VAL C 464 26.47 28.64 -3.35
N TYR C 465 27.30 28.42 -2.33
CA TYR C 465 26.89 28.58 -0.94
C TYR C 465 27.71 29.70 -0.29
N CYS C 466 27.16 30.31 0.75
CA CYS C 466 27.91 31.30 1.51
C CYS C 466 28.17 30.82 2.92
N LYS C 467 29.38 31.06 3.42
CA LYS C 467 29.74 30.68 4.78
C LYS C 467 29.28 31.70 5.82
N LYS C 468 29.21 32.97 5.45
CA LYS C 468 28.68 33.99 6.34
C LYS C 468 27.15 33.96 6.30
N VAL C 469 26.53 33.91 7.46
CA VAL C 469 25.10 33.56 7.60
C VAL C 469 24.16 34.75 7.83
N ASP C 470 24.73 35.94 8.02
CA ASP C 470 23.96 37.15 8.28
C ASP C 470 23.22 37.68 7.06
N ARG C 471 22.14 38.41 7.29
CA ARG C 471 21.32 38.92 6.18
C ARG C 471 22.13 39.83 5.23
N LYS C 472 22.99 40.69 5.77
CA LYS C 472 23.75 41.65 4.95
C LYS C 472 24.80 41.03 3.98
N SER C 473 25.60 40.07 4.46
CA SER C 473 26.61 39.37 3.64
C SER C 473 26.01 38.41 2.61
N LEU C 474 24.89 37.79 2.98
CA LEU C 474 24.16 36.86 2.12
C LEU C 474 23.56 37.53 0.90
N TYR C 475 23.09 38.75 1.06
CA TYR C 475 22.57 39.52 -0.05
C TYR C 475 23.65 39.80 -1.08
N ALA C 476 24.83 40.19 -0.59
CA ALA C 476 25.99 40.42 -1.43
C ALA C 476 26.30 39.18 -2.23
N ALA C 477 26.32 38.02 -1.57
CA ALA C 477 26.63 36.75 -2.21
C ALA C 477 25.76 36.51 -3.45
N ARG C 478 24.47 36.83 -3.35
CA ARG C 478 23.55 36.65 -4.47
C ARG C 478 23.92 37.51 -5.67
N GLN C 479 24.39 38.73 -5.39
CA GLN C 479 24.76 39.66 -6.45
C GLN C 479 26.05 39.26 -7.16
N TYR C 480 27.10 38.94 -6.38
CA TYR C 480 28.35 38.46 -6.95
C TYR C 480 28.04 37.28 -7.83
N PHE C 481 27.21 36.36 -7.32
CA PHE C 481 26.88 35.14 -8.04
C PHE C 481 26.12 35.45 -9.33
N VAL C 482 25.10 36.31 -9.26
CA VAL C 482 24.29 36.65 -10.45
C VAL C 482 25.17 37.28 -11.55
N GLN C 483 26.13 38.08 -11.13
CA GLN C 483 27.10 38.69 -12.04
C GLN C 483 28.01 37.64 -12.66
N TRP C 484 28.60 36.78 -11.83
CA TRP C 484 29.48 35.72 -12.32
C TRP C 484 28.77 34.88 -13.38
N CYS C 485 27.50 34.58 -13.14
CA CYS C 485 26.70 33.83 -14.11
C CYS C 485 26.61 34.60 -15.40
N ALA C 486 26.44 35.92 -15.27
CA ALA C 486 26.36 36.85 -16.39
C ALA C 486 27.63 36.86 -17.24
N ASP C 487 28.79 37.08 -16.62
CA ASP C 487 30.00 37.23 -17.43
C ASP C 487 30.82 35.94 -17.55
N ARG C 488 30.15 34.82 -17.29
CA ARG C 488 30.63 33.49 -17.63
C ARG C 488 29.65 33.02 -18.70
N ASN C 489 28.62 33.84 -18.88
CA ASN C 489 27.49 33.59 -19.77
C ASN C 489 26.75 32.34 -19.39
N PHE C 490 26.67 32.06 -18.09
CA PHE C 490 25.80 31.00 -17.61
C PHE C 490 24.39 31.57 -17.47
N THR C 491 23.41 30.69 -17.36
CA THR C 491 22.01 31.09 -17.31
C THR C 491 21.60 31.86 -16.05
N LYS C 492 20.56 32.68 -16.15
CA LYS C 492 20.12 33.55 -15.06
C LYS C 492 19.52 32.79 -13.89
N PRO C 493 20.05 33.03 -12.69
CA PRO C 493 19.57 32.42 -11.45
C PRO C 493 18.10 32.72 -11.20
N GLN C 494 17.38 31.74 -10.66
CA GLN C 494 15.96 31.88 -10.35
C GLN C 494 15.70 32.35 -8.91
N ASP C 495 14.44 32.75 -8.67
CA ASP C 495 13.95 33.38 -7.45
C ASP C 495 14.43 34.82 -7.38
N PRO D 26 -35.95 12.30 16.34
CA PRO D 26 -35.72 10.87 16.05
C PRO D 26 -34.86 10.70 14.78
N MET D 27 -33.60 10.31 14.87
CA MET D 27 -32.78 10.31 13.65
C MET D 27 -32.59 8.90 13.11
N LYS D 28 -32.68 8.74 11.79
CA LYS D 28 -32.26 7.45 11.20
C LYS D 28 -30.78 7.51 10.95
N VAL D 29 -30.09 6.39 11.07
CA VAL D 29 -28.68 6.41 10.77
C VAL D 29 -28.34 5.31 9.75
N ILE D 30 -27.83 5.77 8.59
CA ILE D 30 -27.48 4.95 7.45
C ILE D 30 -25.97 4.75 7.35
N ASN D 31 -25.53 3.51 7.18
CA ASN D 31 -24.11 3.26 7.05
C ASN D 31 -23.67 3.27 5.59
N ASP D 32 -22.81 4.20 5.27
CA ASP D 32 -22.33 4.38 3.91
C ASP D 32 -20.83 4.08 3.77
N PRO D 33 -20.42 3.37 2.69
CA PRO D 33 -19.00 3.00 2.59
C PRO D 33 -18.00 4.16 2.45
N ILE D 34 -18.42 5.33 1.96
CA ILE D 34 -17.48 6.43 1.73
C ILE D 34 -17.54 7.49 2.84
N HIS D 35 -18.74 7.76 3.36
CA HIS D 35 -18.95 8.82 4.36
C HIS D 35 -19.27 8.28 5.74
N GLY D 36 -19.42 6.96 5.86
CA GLY D 36 -19.69 6.30 7.13
C GLY D 36 -21.11 6.35 7.66
N HIS D 37 -21.29 6.81 8.90
CA HIS D 37 -22.63 6.93 9.45
C HIS D 37 -23.20 8.24 9.01
N ILE D 38 -24.39 8.19 8.42
CA ILE D 38 -25.10 9.38 7.96
C ILE D 38 -26.37 9.52 8.77
N GLU D 39 -26.45 10.57 9.56
CA GLU D 39 -27.64 10.86 10.33
C GLU D 39 -28.64 11.62 9.43
N LEU D 40 -29.89 11.16 9.44
CA LEU D 40 -30.91 11.72 8.56
C LEU D 40 -32.06 12.30 9.39
N HIS D 41 -32.25 13.60 9.26
CA HIS D 41 -33.40 14.28 9.85
C HIS D 41 -34.65 13.56 9.35
N PRO D 42 -35.68 13.38 10.22
CA PRO D 42 -36.94 12.70 9.90
C PRO D 42 -37.64 13.27 8.66
N LEU D 43 -37.55 14.60 8.49
CA LEU D 43 -38.05 15.25 7.29
C LEU D 43 -37.33 14.70 6.07
N LEU D 44 -35.99 14.62 6.11
CA LEU D 44 -35.25 14.03 4.99
C LEU D 44 -35.71 12.59 4.70
N VAL D 45 -35.92 11.84 5.77
CA VAL D 45 -36.38 10.46 5.66
C VAL D 45 -37.74 10.36 4.98
N ARG D 46 -38.60 11.31 5.29
CA ARG D 46 -39.97 11.30 4.79
C ARG D 46 -39.98 11.44 3.27
N ILE D 47 -39.05 12.26 2.79
CA ILE D 47 -38.79 12.50 1.38
C ILE D 47 -38.17 11.28 0.68
N ILE D 48 -37.27 10.56 1.38
CA ILE D 48 -36.48 9.44 0.81
C ILE D 48 -37.32 8.21 0.52
N ASP D 49 -38.28 7.96 1.41
CA ASP D 49 -39.16 6.82 1.32
C ASP D 49 -40.37 7.12 0.44
N THR D 50 -40.08 7.54 -0.78
CA THR D 50 -41.11 7.82 -1.75
C THR D 50 -40.69 7.15 -3.03
N PRO D 51 -41.61 6.93 -3.97
CA PRO D 51 -41.19 6.34 -5.24
C PRO D 51 -40.34 7.33 -6.09
N GLN D 52 -40.61 8.62 -5.99
CA GLN D 52 -39.92 9.61 -6.82
C GLN D 52 -38.45 9.63 -6.45
N PHE D 53 -38.13 9.21 -5.22
CA PHE D 53 -36.73 9.13 -4.80
C PHE D 53 -36.11 7.75 -4.94
N GLN D 54 -36.81 6.71 -4.51
CA GLN D 54 -36.30 5.34 -4.54
C GLN D 54 -36.08 4.90 -5.98
N ARG D 55 -36.74 5.64 -6.87
CA ARG D 55 -36.56 5.53 -8.30
C ARG D 55 -35.06 5.57 -8.70
N LEU D 56 -34.28 6.30 -7.88
CA LEU D 56 -32.86 6.49 -8.07
C LEU D 56 -32.08 5.24 -7.73
N ARG D 57 -32.71 4.25 -7.12
CA ARG D 57 -32.06 2.97 -6.87
C ARG D 57 -31.92 2.15 -8.16
N TYR D 58 -32.54 2.63 -9.24
CA TYR D 58 -32.64 1.84 -10.46
C TYR D 58 -32.07 2.61 -11.65
N ILE D 59 -31.05 3.41 -11.34
CA ILE D 59 -30.39 4.28 -12.30
C ILE D 59 -28.90 4.32 -12.04
N LYS D 60 -28.13 3.72 -12.95
CA LYS D 60 -26.68 3.64 -12.77
C LYS D 60 -26.07 5.02 -12.70
N GLN D 61 -25.22 5.21 -11.71
CA GLN D 61 -24.48 6.45 -11.60
C GLN D 61 -23.69 6.64 -12.92
N LEU D 62 -23.02 5.58 -13.35
CA LEU D 62 -22.11 5.70 -14.49
C LEU D 62 -22.65 5.15 -15.81
N GLY D 63 -23.96 4.87 -15.89
CA GLY D 63 -24.60 4.40 -17.13
C GLY D 63 -23.98 3.14 -17.71
N GLY D 64 -23.54 3.23 -18.96
CA GLY D 64 -22.85 2.12 -19.62
C GLY D 64 -21.46 1.86 -19.09
N GLY D 65 -21.02 2.66 -18.13
CA GLY D 65 -19.72 2.49 -17.50
C GLY D 65 -19.54 1.11 -16.91
N TYR D 66 -20.61 0.59 -16.31
CA TYR D 66 -20.63 -0.75 -15.69
C TYR D 66 -20.23 -1.87 -16.66
N TYR D 67 -20.40 -1.64 -17.95
CA TYR D 67 -20.10 -2.70 -18.91
C TYR D 67 -18.64 -2.73 -19.30
N VAL D 68 -17.88 -1.78 -18.75
CA VAL D 68 -16.42 -1.69 -18.91
C VAL D 68 -15.72 -1.79 -17.56
N PHE D 69 -16.29 -1.21 -16.51
CA PHE D 69 -15.68 -1.32 -15.18
C PHE D 69 -16.61 -2.11 -14.25
N PRO D 70 -16.24 -3.36 -13.95
CA PRO D 70 -17.13 -4.22 -13.17
C PRO D 70 -17.48 -3.65 -11.80
N GLY D 71 -16.66 -2.75 -11.27
CA GLY D 71 -16.97 -2.15 -9.99
C GLY D 71 -18.04 -1.06 -10.01
N ALA D 72 -18.32 -0.53 -11.19
CA ALA D 72 -19.19 0.64 -11.32
C ALA D 72 -20.68 0.29 -11.34
N SER D 73 -21.12 -0.45 -10.33
CA SER D 73 -22.51 -0.89 -10.23
C SER D 73 -23.32 0.06 -9.38
N HIS D 74 -22.67 1.07 -8.82
CA HIS D 74 -23.34 1.95 -7.87
C HIS D 74 -24.37 2.82 -8.58
N ASN D 75 -25.42 3.21 -7.87
CA ASN D 75 -26.48 3.97 -8.53
C ASN D 75 -26.58 5.39 -8.00
N ARG D 76 -27.47 6.17 -8.61
CA ARG D 76 -27.66 7.56 -8.21
C ARG D 76 -28.13 7.68 -6.79
N PHE D 77 -28.78 6.61 -6.31
CA PHE D 77 -29.44 6.65 -5.01
C PHE D 77 -28.43 6.87 -3.87
N GLU D 78 -27.42 6.01 -3.78
CA GLU D 78 -26.48 6.16 -2.68
C GLU D 78 -25.72 7.47 -2.82
N HIS D 79 -25.41 7.82 -4.05
CA HIS D 79 -24.80 9.12 -4.31
C HIS D 79 -25.71 10.28 -3.85
N SER D 80 -27.03 10.23 -4.08
CA SER D 80 -27.89 11.34 -3.60
C SER D 80 -27.87 11.49 -2.07
N LEU D 81 -27.80 10.36 -1.34
CA LEU D 81 -27.70 10.37 0.12
C LEU D 81 -26.46 11.09 0.56
N GLY D 82 -25.36 10.82 -0.13
CA GLY D 82 -24.06 11.39 0.22
C GLY D 82 -23.95 12.88 0.03
N VAL D 83 -24.50 13.38 -1.08
CA VAL D 83 -24.56 14.82 -1.32
C VAL D 83 -25.40 15.51 -0.26
N GLY D 84 -26.53 14.92 0.09
CA GLY D 84 -27.40 15.50 1.09
C GLY D 84 -26.64 15.62 2.39
N TYR D 85 -25.86 14.58 2.68
CA TYR D 85 -25.03 14.53 3.86
C TYR D 85 -23.95 15.57 3.82
N LEU D 86 -23.19 15.63 2.71
CA LEU D 86 -22.09 16.61 2.65
C LEU D 86 -22.60 18.03 2.67
N ALA D 87 -23.74 18.27 2.02
CA ALA D 87 -24.35 19.59 2.03
C ALA D 87 -24.54 20.03 3.47
N GLY D 88 -25.26 19.20 4.23
CA GLY D 88 -25.50 19.49 5.62
C GLY D 88 -24.23 19.68 6.42
N CYS D 89 -23.26 18.80 6.16
CA CYS D 89 -21.99 18.90 6.87
C CYS D 89 -21.32 20.23 6.69
N LEU D 90 -21.32 20.74 5.46
CA LEU D 90 -20.68 22.00 5.17
C LEU D 90 -21.43 23.21 5.73
N VAL D 91 -22.75 23.28 5.55
CA VAL D 91 -23.55 24.41 6.05
C VAL D 91 -23.44 24.53 7.56
N HIS D 92 -23.59 23.38 8.22
CA HIS D 92 -23.56 23.30 9.67
C HIS D 92 -22.20 23.72 10.22
N ALA D 93 -21.17 23.38 9.47
CA ALA D 93 -19.82 23.79 9.83
C ALA D 93 -19.61 25.33 9.72
N LEU D 94 -20.04 25.93 8.60
CA LEU D 94 -19.90 27.39 8.43
C LEU D 94 -20.69 28.14 9.50
N GLY D 95 -21.88 27.62 9.81
CA GLY D 95 -22.74 28.23 10.81
C GLY D 95 -22.14 28.21 12.20
N GLU D 96 -21.43 27.14 12.57
CA GLU D 96 -20.85 27.08 13.91
C GLU D 96 -19.63 27.99 14.06
N LYS D 97 -18.80 28.07 13.02
CA LYS D 97 -17.61 28.89 13.08
C LYS D 97 -17.93 30.39 12.92
N GLN D 98 -18.98 30.70 12.19
CA GLN D 98 -19.36 32.09 11.92
C GLN D 98 -20.86 32.34 12.21
N PRO D 99 -21.23 32.53 13.48
CA PRO D 99 -22.63 32.74 13.87
C PRO D 99 -23.23 34.01 13.28
N GLU D 100 -22.39 34.96 12.86
CA GLU D 100 -22.89 36.23 12.33
C GLU D 100 -23.52 36.06 10.94
N LEU D 101 -23.29 34.92 10.30
CA LEU D 101 -23.90 34.58 9.01
C LEU D 101 -25.41 34.29 9.15
N GLN D 102 -25.88 34.09 10.38
CA GLN D 102 -27.29 33.90 10.70
C GLN D 102 -27.87 32.68 9.98
N ILE D 103 -27.10 31.60 9.96
CA ILE D 103 -27.56 30.37 9.32
C ILE D 103 -28.49 29.60 10.27
N SER D 104 -29.74 29.39 9.84
CA SER D 104 -30.75 28.79 10.70
C SER D 104 -30.88 27.29 10.47
N GLU D 105 -31.57 26.60 11.38
CA GLU D 105 -31.96 25.22 11.15
C GLU D 105 -32.91 25.13 9.94
N ARG D 106 -33.64 26.20 9.67
CA ARG D 106 -34.52 26.23 8.52
C ARG D 106 -33.68 26.18 7.26
N ASP D 107 -32.62 26.98 7.26
CA ASP D 107 -31.74 27.08 6.12
C ASP D 107 -30.96 25.79 5.88
N VAL D 108 -30.46 25.17 6.94
CA VAL D 108 -29.68 23.96 6.78
C VAL D 108 -30.49 22.83 6.19
N LEU D 109 -31.71 22.67 6.69
CA LEU D 109 -32.62 21.64 6.20
C LEU D 109 -32.89 21.79 4.73
N CYS D 110 -32.96 23.03 4.27
CA CYS D 110 -33.26 23.34 2.89
C CYS D 110 -32.12 22.99 1.97
N VAL D 111 -30.89 23.24 2.43
CA VAL D 111 -29.70 22.93 1.66
C VAL D 111 -29.54 21.41 1.52
N GLN D 112 -29.85 20.71 2.61
CA GLN D 112 -29.78 19.25 2.64
C GLN D 112 -30.73 18.58 1.65
N ILE D 113 -31.97 19.03 1.61
CA ILE D 113 -32.94 18.53 0.67
C ILE D 113 -32.43 18.75 -0.76
N ALA D 114 -31.77 19.89 -0.97
CA ALA D 114 -31.25 20.23 -2.30
C ALA D 114 -30.25 19.19 -2.75
N GLY D 115 -29.32 18.81 -1.87
CA GLY D 115 -28.38 17.74 -2.18
C GLY D 115 -29.13 16.43 -2.46
N LEU D 116 -30.08 16.13 -1.57
CA LEU D 116 -30.87 14.90 -1.64
C LEU D 116 -31.61 14.75 -2.98
N CYS D 117 -32.06 15.89 -3.50
CA CYS D 117 -32.99 15.88 -4.63
C CYS D 117 -32.37 16.46 -5.90
N HIS D 118 -31.09 16.78 -5.85
CA HIS D 118 -30.44 17.32 -7.02
C HIS D 118 -30.41 16.27 -8.14
N ASP D 119 -30.54 14.99 -7.81
CA ASP D 119 -30.49 13.97 -8.87
C ASP D 119 -31.83 13.21 -9.15
N LEU D 120 -32.93 13.75 -8.63
CA LEU D 120 -34.25 13.20 -8.83
C LEU D 120 -34.62 13.02 -10.29
N GLY D 121 -34.04 13.84 -11.16
CA GLY D 121 -34.45 13.90 -12.55
C GLY D 121 -33.59 13.13 -13.51
N HIS D 122 -32.61 12.38 -13.03
CA HIS D 122 -31.79 11.61 -13.96
C HIS D 122 -32.61 10.56 -14.59
N GLY D 123 -32.21 10.20 -15.81
CA GLY D 123 -33.00 9.28 -16.59
C GLY D 123 -32.24 8.01 -16.74
N PRO D 124 -32.79 7.06 -17.51
CA PRO D 124 -32.13 5.75 -17.74
C PRO D 124 -30.66 5.92 -18.08
N PHE D 125 -29.81 5.36 -17.25
CA PHE D 125 -28.36 5.44 -17.41
C PHE D 125 -27.77 6.85 -17.26
N SER D 126 -28.43 7.67 -16.46
CA SER D 126 -27.98 9.02 -16.09
C SER D 126 -27.68 9.92 -17.28
N HIS D 127 -26.44 10.34 -17.44
CA HIS D 127 -26.13 11.38 -18.42
C HIS D 127 -26.31 10.94 -19.87
N MET D 128 -26.37 9.63 -20.12
CA MET D 128 -26.60 9.16 -21.47
C MET D 128 -27.96 9.71 -21.99
N PHE D 129 -28.90 9.89 -21.08
CA PHE D 129 -30.29 10.17 -21.41
C PHE D 129 -30.61 11.59 -21.85
N ASP D 130 -30.12 12.60 -21.12
CA ASP D 130 -30.43 13.98 -21.48
C ASP D 130 -29.34 14.52 -22.38
N GLY D 131 -28.20 13.86 -22.33
CA GLY D 131 -27.03 14.25 -23.09
C GLY D 131 -26.92 13.72 -24.51
N ARG D 132 -27.60 12.61 -24.79
CA ARG D 132 -27.56 12.01 -26.13
C ARG D 132 -28.92 11.56 -26.62
N PHE D 133 -29.67 10.89 -25.76
CA PHE D 133 -30.93 10.32 -26.20
C PHE D 133 -31.98 11.36 -26.57
N ILE D 134 -32.30 12.24 -25.63
CA ILE D 134 -33.28 13.29 -25.88
C ILE D 134 -32.78 14.22 -26.99
N PRO D 135 -31.50 14.56 -26.99
CA PRO D 135 -31.09 15.34 -28.17
C PRO D 135 -31.24 14.60 -29.50
N LEU D 136 -31.10 13.29 -29.54
CA LEU D 136 -31.27 12.54 -30.80
C LEU D 136 -32.70 12.17 -31.16
N ALA D 137 -33.55 12.04 -30.15
CA ALA D 137 -34.93 11.63 -30.31
C ALA D 137 -35.93 12.80 -30.47
N ARG D 138 -35.68 13.92 -29.79
CA ARG D 138 -36.51 15.13 -29.86
C ARG D 138 -35.62 16.38 -29.89
N PRO D 139 -35.01 16.66 -31.05
CA PRO D 139 -34.03 17.74 -31.12
C PRO D 139 -34.63 19.10 -30.79
N GLU D 140 -35.94 19.23 -31.00
CA GLU D 140 -36.63 20.49 -30.77
C GLU D 140 -36.58 20.94 -29.29
N VAL D 141 -36.57 19.97 -28.37
CA VAL D 141 -36.71 20.19 -26.92
C VAL D 141 -35.42 20.65 -26.20
N LYS D 142 -35.59 21.53 -25.24
CA LYS D 142 -34.49 21.84 -24.36
C LYS D 142 -34.74 21.10 -23.08
N TRP D 143 -33.96 20.06 -22.83
CA TRP D 143 -34.18 19.26 -21.64
C TRP D 143 -32.88 18.93 -20.90
N THR D 144 -32.90 19.20 -19.61
CA THR D 144 -31.84 18.84 -18.70
C THR D 144 -32.35 18.01 -17.52
N HIS D 145 -31.46 17.24 -16.91
CA HIS D 145 -31.86 16.43 -15.78
C HIS D 145 -32.16 17.39 -14.61
N GLU D 146 -31.54 18.58 -14.64
CA GLU D 146 -31.74 19.58 -13.60
C GLU D 146 -33.15 20.17 -13.62
N GLN D 147 -33.69 20.40 -14.83
CA GLN D 147 -35.10 20.74 -14.96
C GLN D 147 -35.91 19.57 -14.42
N GLY D 148 -35.54 18.37 -14.87
CA GLY D 148 -36.19 17.16 -14.44
C GLY D 148 -36.21 16.95 -12.94
N SER D 149 -35.09 17.26 -12.29
CA SER D 149 -35.00 17.17 -10.83
C SER D 149 -36.00 18.11 -10.18
N VAL D 150 -36.21 19.28 -10.78
CA VAL D 150 -37.14 20.22 -10.19
C VAL D 150 -38.59 19.74 -10.38
N MET D 151 -38.96 19.25 -11.57
CA MET D 151 -40.34 18.74 -11.77
C MET D 151 -40.61 17.55 -10.84
N MET D 152 -39.64 16.64 -10.74
CA MET D 152 -39.77 15.44 -9.93
C MET D 152 -39.89 15.82 -8.46
N PHE D 153 -39.20 16.88 -8.06
CA PHE D 153 -39.28 17.32 -6.69
C PHE D 153 -40.64 17.94 -6.38
N GLU D 154 -41.20 18.73 -7.31
CA GLU D 154 -42.56 19.29 -7.11
C GLU D 154 -43.57 18.16 -7.09
N HIS D 155 -43.40 17.23 -8.03
CA HIS D 155 -44.22 16.03 -8.07
C HIS D 155 -44.15 15.22 -6.79
N LEU D 156 -42.95 15.15 -6.20
CA LEU D 156 -42.69 14.36 -4.99
C LEU D 156 -43.47 14.95 -3.81
N ILE D 157 -43.32 16.26 -3.58
CA ILE D 157 -43.95 16.87 -2.39
C ILE D 157 -45.46 17.00 -2.50
N ASN D 158 -46.01 16.95 -3.72
CA ASN D 158 -47.45 17.00 -3.89
C ASN D 158 -48.10 15.62 -3.66
N SER D 159 -47.55 14.58 -4.27
CA SER D 159 -48.04 13.22 -4.14
C SER D 159 -47.94 12.60 -2.74
N ASN D 160 -47.08 13.15 -1.90
CA ASN D 160 -46.81 12.53 -0.61
C ASN D 160 -47.13 13.40 0.59
N GLY D 161 -47.83 14.51 0.36
CA GLY D 161 -48.25 15.38 1.44
C GLY D 161 -47.09 15.85 2.29
N ILE D 162 -46.01 16.28 1.65
CA ILE D 162 -44.80 16.63 2.34
C ILE D 162 -44.91 18.03 2.92
N LYS D 163 -45.73 18.86 2.30
CA LYS D 163 -45.80 20.26 2.70
C LYS D 163 -46.27 20.42 4.15
N PRO D 164 -47.30 19.67 4.60
CA PRO D 164 -47.57 19.69 6.04
C PRO D 164 -46.37 19.31 6.91
N VAL D 165 -45.60 18.34 6.44
CA VAL D 165 -44.43 17.83 7.18
C VAL D 165 -43.31 18.86 7.20
N MET D 166 -43.21 19.66 6.15
CA MET D 166 -42.23 20.73 6.16
C MET D 166 -42.59 21.74 7.24
N GLU D 167 -43.87 22.11 7.28
CA GLU D 167 -44.36 23.16 8.17
C GLU D 167 -44.13 22.79 9.62
N GLN D 168 -44.28 21.50 9.89
CA GLN D 168 -44.06 20.93 11.20
C GLN D 168 -42.62 21.13 11.73
N TYR D 169 -41.63 21.14 10.85
CA TYR D 169 -40.23 21.26 11.29
C TYR D 169 -39.65 22.67 11.02
N GLY D 170 -40.53 23.63 10.75
CA GLY D 170 -40.10 25.02 10.74
C GLY D 170 -39.82 25.60 9.38
N LEU D 171 -40.21 24.86 8.34
CA LEU D 171 -40.04 25.35 6.98
C LEU D 171 -41.29 26.15 6.60
N ILE D 172 -41.09 27.19 5.81
CA ILE D 172 -42.21 27.91 5.20
C ILE D 172 -42.28 27.44 3.75
N PRO D 173 -43.15 26.46 3.46
CA PRO D 173 -43.21 25.79 2.15
C PRO D 173 -43.13 26.77 0.98
N GLU D 174 -43.90 27.86 0.97
CA GLU D 174 -43.87 28.80 -0.15
C GLU D 174 -42.45 29.31 -0.41
N GLU D 175 -41.80 29.85 0.64
CA GLU D 175 -40.49 30.47 0.48
C GLU D 175 -39.37 29.46 0.26
N ASP D 176 -39.42 28.36 1.02
CA ASP D 176 -38.33 27.41 1.04
C ASP D 176 -38.30 26.47 -0.13
N ILE D 177 -39.48 26.05 -0.60
CA ILE D 177 -39.55 25.21 -1.80
C ILE D 177 -38.95 25.96 -2.98
N CYS D 178 -39.08 27.28 -2.97
CA CYS D 178 -38.42 28.06 -4.00
C CYS D 178 -36.90 27.83 -3.85
N PHE D 179 -36.40 28.03 -2.64
CA PHE D 179 -34.97 27.93 -2.32
C PHE D 179 -34.31 26.61 -2.77
N ILE D 180 -34.98 25.51 -2.49
CA ILE D 180 -34.51 24.20 -2.91
C ILE D 180 -34.44 24.08 -4.44
N LYS D 181 -35.48 24.52 -5.15
CA LYS D 181 -35.48 24.44 -6.61
C LYS D 181 -34.35 25.26 -7.25
N GLU D 182 -34.12 26.43 -6.68
CA GLU D 182 -33.12 27.35 -7.17
C GLU D 182 -31.68 26.88 -6.93
N GLN D 183 -31.46 26.16 -5.82
CA GLN D 183 -30.15 25.55 -5.57
C GLN D 183 -29.85 24.49 -6.63
N ILE D 184 -30.91 24.01 -7.27
CA ILE D 184 -30.83 22.89 -8.19
C ILE D 184 -30.78 23.37 -9.63
N VAL D 185 -31.64 24.31 -9.96
CA VAL D 185 -31.78 24.70 -11.36
C VAL D 185 -31.36 26.18 -11.63
N GLY D 186 -30.96 26.91 -10.61
CA GLY D 186 -30.53 28.30 -10.78
C GLY D 186 -31.68 29.30 -10.73
N PRO D 187 -31.37 30.59 -10.97
CA PRO D 187 -32.44 31.59 -10.95
C PRO D 187 -33.50 31.16 -11.95
N LEU D 188 -34.77 31.19 -11.55
CA LEU D 188 -35.85 30.53 -12.31
C LEU D 188 -36.41 31.34 -13.51
N LEU D 196 -28.41 42.70 -11.06
CA LEU D 196 -29.57 42.45 -10.21
C LEU D 196 -29.53 41.07 -9.57
N TRP D 197 -30.11 40.96 -8.37
CA TRP D 197 -30.13 39.67 -7.67
C TRP D 197 -31.25 38.78 -8.19
N PRO D 198 -30.87 37.71 -8.92
CA PRO D 198 -31.82 36.92 -9.70
C PRO D 198 -32.65 35.94 -8.87
N TYR D 199 -32.23 35.64 -7.65
CA TYR D 199 -32.85 34.60 -6.83
C TYR D 199 -34.00 35.16 -5.99
N LYS D 200 -35.16 34.50 -5.97
CA LYS D 200 -36.27 34.95 -5.13
C LYS D 200 -36.37 34.23 -3.76
N GLY D 201 -35.65 33.13 -3.61
CA GLY D 201 -35.74 32.27 -2.43
C GLY D 201 -35.07 32.69 -1.14
N ARG D 202 -33.89 33.29 -1.25
CA ARG D 202 -33.11 33.76 -0.11
C ARG D 202 -32.47 35.07 -0.53
N PRO D 203 -32.34 36.02 0.39
CA PRO D 203 -31.75 37.33 0.12
C PRO D 203 -30.27 37.21 -0.25
N GLU D 204 -29.65 38.27 -0.79
CA GLU D 204 -28.24 38.20 -1.20
C GLU D 204 -27.26 38.08 -0.01
N ASN D 205 -27.71 38.42 1.20
CA ASN D 205 -26.82 38.28 2.38
C ASN D 205 -26.63 36.83 2.80
N LYS D 206 -27.42 35.94 2.21
CA LYS D 206 -27.24 34.51 2.40
C LYS D 206 -26.91 33.86 1.08
N SER D 207 -26.25 34.61 0.21
CA SER D 207 -25.89 34.17 -1.13
C SER D 207 -25.00 32.93 -1.15
N PHE D 208 -24.15 32.80 -0.13
CA PHE D 208 -23.15 31.73 -0.07
C PHE D 208 -23.81 30.36 -0.04
N LEU D 209 -25.05 30.32 0.44
CA LEU D 209 -25.84 29.09 0.49
C LEU D 209 -26.18 28.53 -0.90
N TYR D 210 -26.02 29.36 -1.93
CA TYR D 210 -26.26 28.96 -3.32
C TYR D 210 -25.01 28.40 -3.95
N GLU D 211 -23.94 28.29 -3.17
CA GLU D 211 -22.66 27.83 -3.68
C GLU D 211 -22.30 26.47 -3.13
N ILE D 212 -23.15 25.94 -2.27
CA ILE D 212 -22.83 24.70 -1.58
C ILE D 212 -23.11 23.46 -2.43
N VAL D 213 -24.38 23.26 -2.78
CA VAL D 213 -24.81 22.07 -3.53
C VAL D 213 -24.31 22.20 -4.97
N SER D 214 -24.63 23.30 -5.63
CA SER D 214 -24.10 23.49 -6.98
C SER D 214 -23.49 24.87 -7.16
N ASN D 215 -22.20 24.84 -7.49
CA ASN D 215 -21.37 26.02 -7.63
C ASN D 215 -21.04 26.19 -9.08
N LYS D 216 -21.67 27.19 -9.68
CA LYS D 216 -21.54 27.50 -11.10
C LYS D 216 -20.17 28.04 -11.49
N ARG D 217 -19.63 28.90 -10.63
CA ARG D 217 -18.40 29.61 -10.93
C ARG D 217 -17.16 28.71 -10.95
N ASN D 218 -16.75 28.11 -9.83
CA ASN D 218 -15.46 27.42 -9.83
C ASN D 218 -15.54 25.90 -9.78
N GLY D 219 -16.73 25.35 -10.00
CA GLY D 219 -16.96 23.91 -10.02
C GLY D 219 -16.55 23.16 -8.77
N ILE D 220 -16.51 23.85 -7.64
CA ILE D 220 -16.19 23.23 -6.35
C ILE D 220 -17.40 23.26 -5.41
N ASP D 221 -18.08 22.13 -5.35
CA ASP D 221 -19.28 21.98 -4.54
C ASP D 221 -19.34 20.56 -3.98
N VAL D 222 -20.18 20.37 -2.97
CA VAL D 222 -20.17 19.12 -2.24
C VAL D 222 -20.65 17.96 -3.11
N ASP D 223 -21.38 18.27 -4.18
CA ASP D 223 -21.80 17.26 -5.13
C ASP D 223 -20.64 16.64 -5.89
N LYS D 224 -19.70 17.46 -6.35
CA LYS D 224 -18.55 16.90 -7.05
C LYS D 224 -17.78 16.06 -6.03
N TRP D 225 -17.70 16.54 -4.79
CA TRP D 225 -16.95 15.83 -3.75
C TRP D 225 -17.45 14.39 -3.60
N ASP D 226 -18.76 14.20 -3.52
CA ASP D 226 -19.31 12.87 -3.34
C ASP D 226 -18.96 11.98 -4.52
N TYR D 227 -19.24 12.41 -5.74
CA TYR D 227 -18.98 11.47 -6.82
C TYR D 227 -17.49 11.35 -7.24
N PHE D 228 -16.61 12.25 -6.80
CA PHE D 228 -15.17 11.96 -6.92
C PHE D 228 -14.74 10.85 -5.91
N ALA D 229 -15.11 10.97 -4.65
CA ALA D 229 -14.78 9.90 -3.71
C ALA D 229 -15.46 8.59 -4.11
N ARG D 230 -16.76 8.68 -4.38
CA ARG D 230 -17.54 7.51 -4.75
C ARG D 230 -17.11 6.84 -6.07
N ASP D 231 -16.81 7.63 -7.11
CA ASP D 231 -16.42 7.04 -8.41
C ASP D 231 -15.01 6.45 -8.37
N CYS D 232 -14.09 7.09 -7.63
CA CYS D 232 -12.76 6.50 -7.39
C CYS D 232 -12.87 5.19 -6.64
N HIS D 233 -13.73 5.17 -5.62
CA HIS D 233 -13.88 4.02 -4.75
C HIS D 233 -14.31 2.74 -5.46
N HIS D 234 -15.19 2.89 -6.44
CA HIS D 234 -15.74 1.73 -7.10
C HIS D 234 -14.93 1.34 -8.29
N LEU D 235 -14.14 2.29 -8.81
CA LEU D 235 -13.31 2.08 -10.00
C LEU D 235 -11.87 1.63 -9.67
N GLY D 236 -11.46 1.77 -8.41
CA GLY D 236 -10.11 1.44 -7.97
C GLY D 236 -9.04 2.45 -8.38
N ILE D 237 -9.35 3.72 -8.22
CA ILE D 237 -8.48 4.87 -8.49
C ILE D 237 -8.15 5.51 -7.15
N GLN D 238 -6.97 6.11 -7.00
CA GLN D 238 -6.65 6.68 -5.71
C GLN D 238 -7.02 8.15 -5.71
N ASN D 239 -7.76 8.53 -4.67
CA ASN D 239 -8.30 9.88 -4.49
C ASN D 239 -7.64 10.55 -3.29
N ASN D 240 -6.81 11.56 -3.52
CA ASN D 240 -6.08 12.18 -2.41
C ASN D 240 -6.73 13.41 -1.76
N PHE D 241 -7.86 13.85 -2.28
CA PHE D 241 -8.56 15.01 -1.73
C PHE D 241 -9.29 14.69 -0.42
N ASP D 242 -9.07 15.48 0.63
CA ASP D 242 -9.72 15.21 1.89
C ASP D 242 -10.77 16.25 2.19
N TYR D 243 -12.02 15.94 1.90
CA TYR D 243 -13.06 16.96 2.06
C TYR D 243 -13.27 17.26 3.54
N LYS D 244 -13.06 16.28 4.42
CA LYS D 244 -13.31 16.52 5.83
C LYS D 244 -12.41 17.67 6.24
N ARG D 245 -11.20 17.64 5.73
CA ARG D 245 -10.24 18.72 5.93
C ARG D 245 -10.71 20.03 5.31
N PHE D 246 -11.17 19.97 4.06
CA PHE D 246 -11.61 21.17 3.34
C PHE D 246 -12.79 21.81 4.04
N ILE D 247 -13.67 20.98 4.58
CA ILE D 247 -14.84 21.49 5.25
C ILE D 247 -14.42 22.14 6.56
N LYS D 248 -13.45 21.53 7.23
CA LYS D 248 -12.98 22.00 8.53
C LYS D 248 -12.34 23.40 8.44
N PHE D 249 -11.78 23.73 7.28
CA PHE D 249 -11.10 25.03 7.09
C PHE D 249 -11.86 26.02 6.21
N ALA D 250 -13.09 25.68 5.83
CA ALA D 250 -13.91 26.54 4.99
C ALA D 250 -14.51 27.73 5.73
N ARG D 251 -14.57 28.88 5.08
CA ARG D 251 -15.14 30.07 5.69
C ARG D 251 -15.86 30.93 4.67
N VAL D 252 -16.81 31.73 5.12
CA VAL D 252 -17.40 32.76 4.25
C VAL D 252 -16.55 34.04 4.39
N CYS D 253 -16.23 34.68 3.26
CA CYS D 253 -15.46 35.92 3.23
C CYS D 253 -16.01 36.82 2.12
N GLU D 254 -15.72 38.12 2.14
CA GLU D 254 -16.23 39.01 1.10
C GLU D 254 -15.27 39.13 -0.08
N VAL D 255 -15.77 38.84 -1.28
CA VAL D 255 -14.94 38.98 -2.49
C VAL D 255 -15.73 39.83 -3.48
N ASP D 256 -15.25 41.06 -3.71
CA ASP D 256 -15.99 42.03 -4.53
C ASP D 256 -17.39 42.32 -3.95
N ASN D 257 -17.41 42.51 -2.63
CA ASN D 257 -18.61 42.72 -1.82
C ASN D 257 -19.73 41.71 -2.11
N GLU D 258 -19.35 40.50 -2.50
CA GLU D 258 -20.29 39.40 -2.61
C GLU D 258 -19.80 38.35 -1.66
N LEU D 259 -20.71 37.63 -1.03
CA LEU D 259 -20.29 36.60 -0.09
C LEU D 259 -20.02 35.28 -0.82
N ARG D 260 -18.81 34.74 -0.63
CA ARG D 260 -18.44 33.48 -1.28
C ARG D 260 -17.86 32.51 -0.22
N ILE D 261 -17.79 31.21 -0.53
CA ILE D 261 -17.16 30.24 0.36
C ILE D 261 -15.66 30.15 0.03
N CYS D 262 -14.82 30.25 1.05
CA CYS D 262 -13.37 30.32 0.84
C CYS D 262 -12.55 29.24 1.54
N ALA D 263 -11.30 29.09 1.07
CA ALA D 263 -10.35 28.12 1.63
C ALA D 263 -9.16 28.83 2.26
N ARG D 264 -8.57 28.23 3.28
CA ARG D 264 -7.39 28.82 3.90
C ARG D 264 -6.23 28.63 2.94
N ASP D 265 -5.31 29.57 2.95
CA ASP D 265 -4.18 29.60 2.03
C ASP D 265 -3.36 28.30 2.09
N LYS D 266 -3.24 27.74 3.29
CA LYS D 266 -2.46 26.51 3.51
C LYS D 266 -3.05 25.33 2.75
N GLU D 267 -4.36 25.40 2.49
CA GLU D 267 -5.10 24.28 1.96
C GLU D 267 -5.18 24.38 0.43
N VAL D 268 -4.34 25.22 -0.16
CA VAL D 268 -4.28 25.28 -1.61
C VAL D 268 -3.73 23.94 -2.11
N GLY D 269 -2.93 23.28 -1.25
CA GLY D 269 -2.43 21.95 -1.48
C GLY D 269 -3.49 20.85 -1.59
N ASN D 270 -4.51 20.92 -0.74
CA ASN D 270 -5.65 19.99 -0.80
C ASN D 270 -6.49 20.22 -2.07
N LEU D 271 -6.65 21.48 -2.47
CA LEU D 271 -7.36 21.82 -3.70
C LEU D 271 -6.76 21.18 -4.94
N TYR D 272 -5.43 21.20 -5.03
CA TYR D 272 -4.75 20.63 -6.18
C TYR D 272 -4.99 19.12 -6.26
N ASP D 273 -5.21 18.48 -5.11
CA ASP D 273 -5.47 17.05 -5.09
C ASP D 273 -6.88 16.71 -5.58
N MET D 274 -7.81 17.65 -5.41
CA MET D 274 -9.15 17.49 -5.94
C MET D 274 -9.09 17.54 -7.45
N PHE D 275 -8.40 18.55 -7.98
CA PHE D 275 -8.33 18.71 -9.41
C PHE D 275 -7.53 17.59 -10.13
N HIS D 276 -6.49 17.04 -9.48
CA HIS D 276 -5.76 15.90 -10.05
C HIS D 276 -6.71 14.69 -10.09
N THR D 277 -7.61 14.63 -9.11
CA THR D 277 -8.68 13.64 -9.13
C THR D 277 -9.72 13.90 -10.26
N ARG D 278 -10.20 15.14 -10.41
CA ARG D 278 -11.16 15.45 -11.47
C ARG D 278 -10.54 15.06 -12.82
N ASN D 279 -9.25 15.36 -12.97
CA ASN D 279 -8.55 15.06 -14.21
C ASN D 279 -8.28 13.58 -14.49
N SER D 280 -7.87 12.80 -13.49
CA SER D 280 -7.65 11.37 -13.75
C SER D 280 -9.00 10.62 -13.97
N LEU D 281 -10.10 10.98 -13.27
CA LEU D 281 -11.43 10.37 -13.53
C LEU D 281 -11.94 10.62 -14.95
N HIS D 282 -11.71 11.83 -15.44
CA HIS D 282 -12.08 12.14 -16.80
C HIS D 282 -11.21 11.40 -17.81
N ARG D 283 -9.90 11.43 -17.64
CA ARG D 283 -9.04 10.75 -18.62
C ARG D 283 -9.25 9.25 -18.57
N ARG D 284 -9.27 8.69 -17.37
CA ARG D 284 -9.30 7.25 -17.24
C ARG D 284 -10.68 6.61 -17.31
N ALA D 285 -11.73 7.29 -16.84
CA ALA D 285 -13.03 6.62 -16.73
C ALA D 285 -14.15 7.20 -17.59
N TYR D 286 -14.55 8.44 -17.32
CA TYR D 286 -15.73 8.97 -18.02
C TYR D 286 -15.53 9.13 -19.55
N GLN D 287 -14.30 9.28 -20.03
CA GLN D 287 -14.05 9.45 -21.45
C GLN D 287 -13.45 8.18 -22.07
N HIS D 288 -13.55 7.07 -21.34
CA HIS D 288 -13.10 5.76 -21.80
C HIS D 288 -13.65 5.41 -23.19
N LYS D 289 -12.82 4.89 -24.09
CA LYS D 289 -13.26 4.70 -25.50
C LYS D 289 -14.39 3.66 -25.67
N VAL D 290 -14.20 2.47 -25.13
CA VAL D 290 -15.25 1.46 -25.24
C VAL D 290 -16.48 1.84 -24.44
N GLY D 291 -16.26 2.52 -23.31
CA GLY D 291 -17.35 2.99 -22.47
C GLY D 291 -18.36 3.87 -23.19
N ASN D 292 -17.84 4.83 -23.95
CA ASN D 292 -18.65 5.78 -24.70
C ASN D 292 -19.18 5.14 -26.00
N ILE D 293 -18.46 4.18 -26.57
CA ILE D 293 -18.98 3.41 -27.68
C ILE D 293 -20.25 2.66 -27.23
N ILE D 294 -20.15 1.96 -26.10
CA ILE D 294 -21.27 1.21 -25.53
C ILE D 294 -22.47 2.13 -25.21
N ASP D 295 -22.21 3.34 -24.71
CA ASP D 295 -23.30 4.31 -24.50
C ASP D 295 -24.15 4.55 -25.72
N THR D 296 -23.50 4.67 -26.88
CA THR D 296 -24.20 4.99 -28.11
C THR D 296 -24.92 3.80 -28.67
N MET D 297 -24.48 2.61 -28.26
CA MET D 297 -25.14 1.37 -28.68
C MET D 297 -26.45 1.24 -27.95
N ILE D 298 -26.37 1.49 -26.65
CA ILE D 298 -27.53 1.48 -25.77
C ILE D 298 -28.53 2.51 -26.28
N THR D 299 -28.03 3.70 -26.58
CA THR D 299 -28.86 4.79 -27.08
C THR D 299 -29.46 4.48 -28.44
N ASP D 300 -28.72 3.74 -29.26
CA ASP D 300 -29.26 3.31 -30.56
C ASP D 300 -30.43 2.35 -30.38
N ALA D 301 -30.38 1.52 -29.35
CA ALA D 301 -31.49 0.63 -29.03
C ALA D 301 -32.72 1.40 -28.51
N PHE D 302 -32.50 2.35 -27.61
CA PHE D 302 -33.59 3.17 -27.12
C PHE D 302 -34.28 3.93 -28.27
N LEU D 303 -33.50 4.36 -29.26
CA LEU D 303 -34.06 5.12 -30.38
C LEU D 303 -34.92 4.20 -31.25
N LYS D 304 -34.35 3.04 -31.59
CA LYS D 304 -35.02 2.03 -32.40
C LYS D 304 -36.22 1.37 -31.67
N ALA D 305 -36.34 1.60 -30.38
CA ALA D 305 -37.44 1.03 -29.62
C ALA D 305 -38.47 2.04 -29.15
N ASP D 306 -38.21 3.33 -29.38
CA ASP D 306 -38.97 4.41 -28.74
C ASP D 306 -40.46 4.42 -29.04
N ASP D 307 -40.78 4.07 -30.28
CA ASP D 307 -42.16 4.05 -30.76
C ASP D 307 -43.01 2.85 -30.28
N TYR D 308 -42.40 1.70 -30.01
CA TYR D 308 -43.19 0.53 -29.67
C TYR D 308 -43.26 0.26 -28.15
N ILE D 309 -42.58 1.08 -27.35
CA ILE D 309 -42.63 0.92 -25.89
C ILE D 309 -43.48 1.99 -25.23
N GLU D 310 -44.42 1.52 -24.42
CA GLU D 310 -45.34 2.41 -23.75
C GLU D 310 -45.12 2.46 -22.25
N ILE D 311 -45.03 3.68 -21.72
CA ILE D 311 -44.97 3.93 -20.28
C ILE D 311 -46.22 4.66 -19.81
N THR D 312 -46.96 4.08 -18.89
CA THR D 312 -48.23 4.68 -18.48
C THR D 312 -48.00 5.84 -17.54
N GLY D 313 -48.49 7.01 -17.91
CA GLY D 313 -48.31 8.17 -17.07
C GLY D 313 -49.56 8.55 -16.30
N ALA D 314 -49.62 9.81 -15.88
CA ALA D 314 -50.76 10.27 -15.09
C ALA D 314 -52.05 10.37 -15.91
N GLY D 315 -53.17 10.09 -15.25
CA GLY D 315 -54.45 10.12 -15.92
C GLY D 315 -54.56 8.98 -16.91
N GLY D 316 -53.76 7.94 -16.70
CA GLY D 316 -53.80 6.76 -17.55
C GLY D 316 -53.25 6.91 -18.96
N LYS D 317 -52.88 8.13 -19.36
CA LYS D 317 -52.36 8.40 -20.70
C LYS D 317 -51.09 7.60 -20.96
N LYS D 318 -50.79 7.31 -22.22
CA LYS D 318 -49.57 6.58 -22.50
C LYS D 318 -48.52 7.45 -23.13
N TYR D 319 -47.28 7.25 -22.69
CA TYR D 319 -46.15 8.01 -23.17
C TYR D 319 -45.08 7.10 -23.77
N ARG D 320 -44.21 7.67 -24.58
CA ARG D 320 -43.07 6.91 -25.08
C ARG D 320 -41.84 7.33 -24.26
N ILE D 321 -40.75 6.59 -24.39
CA ILE D 321 -39.55 6.88 -23.64
C ILE D 321 -39.13 8.36 -23.73
N SER D 322 -39.14 8.89 -24.95
CA SER D 322 -38.67 10.25 -25.22
C SER D 322 -39.69 11.31 -24.83
N THR D 323 -40.96 10.90 -24.66
CA THR D 323 -41.97 11.90 -24.32
C THR D 323 -42.46 11.71 -22.90
N ALA D 324 -41.97 10.67 -22.24
CA ALA D 324 -42.35 10.41 -20.86
C ALA D 324 -41.80 11.49 -19.96
N ILE D 325 -40.84 12.25 -20.45
CA ILE D 325 -40.30 13.37 -19.67
C ILE D 325 -41.33 14.48 -19.54
N ASP D 326 -42.38 14.41 -20.35
CA ASP D 326 -43.40 15.45 -20.35
C ASP D 326 -44.36 15.27 -19.18
N ASP D 327 -44.37 14.07 -18.62
CA ASP D 327 -45.18 13.77 -17.44
C ASP D 327 -44.41 13.07 -16.31
N MET D 328 -44.40 13.68 -15.12
CA MET D 328 -43.58 13.14 -14.03
C MET D 328 -44.03 11.79 -13.47
N GLU D 329 -45.29 11.43 -13.72
CA GLU D 329 -45.80 10.15 -13.28
C GLU D 329 -45.31 9.00 -14.19
N ALA D 330 -45.25 9.23 -15.48
CA ALA D 330 -44.68 8.24 -16.38
C ALA D 330 -43.19 8.24 -16.18
N TYR D 331 -42.62 9.41 -15.97
CA TYR D 331 -41.19 9.54 -15.81
C TYR D 331 -40.69 8.79 -14.60
N THR D 332 -41.49 8.78 -13.53
CA THR D 332 -41.16 8.01 -12.33
C THR D 332 -40.88 6.56 -12.68
N LYS D 333 -41.64 5.98 -13.61
CA LYS D 333 -41.54 4.57 -14.01
C LYS D 333 -40.48 4.24 -15.09
N LEU D 334 -39.70 5.25 -15.46
CA LEU D 334 -38.66 5.11 -16.48
C LEU D 334 -37.27 5.01 -15.83
N THR D 335 -36.76 3.78 -15.74
CA THR D 335 -35.50 3.46 -15.03
C THR D 335 -34.59 2.59 -15.89
N ASP D 336 -33.54 2.02 -15.32
CA ASP D 336 -32.68 1.13 -16.12
C ASP D 336 -33.46 -0.09 -16.57
N ASN D 337 -34.59 -0.31 -15.91
CA ASN D 337 -35.51 -1.40 -16.20
C ASN D 337 -35.80 -1.54 -17.72
N ILE D 338 -35.88 -0.41 -18.41
CA ILE D 338 -36.22 -0.35 -19.82
C ILE D 338 -35.19 -1.03 -20.73
N PHE D 339 -33.94 -1.12 -20.30
CA PHE D 339 -32.90 -1.86 -21.02
C PHE D 339 -33.27 -3.37 -21.08
N LEU D 340 -33.75 -3.92 -19.97
CA LEU D 340 -34.10 -5.32 -19.86
C LEU D 340 -35.50 -5.63 -20.41
N GLU D 341 -36.40 -4.65 -20.39
CA GLU D 341 -37.71 -4.81 -21.02
C GLU D 341 -37.51 -4.99 -22.52
N ILE D 342 -36.61 -4.20 -23.10
CA ILE D 342 -36.23 -4.36 -24.51
C ILE D 342 -35.50 -5.66 -24.79
N LEU D 343 -34.57 -6.04 -23.91
CA LEU D 343 -33.78 -7.25 -24.15
C LEU D 343 -34.61 -8.52 -24.06
N TYR D 344 -35.56 -8.54 -23.11
CA TYR D 344 -36.35 -9.74 -22.85
C TYR D 344 -37.63 -9.73 -23.65
N SER D 345 -37.87 -8.65 -24.37
CA SER D 345 -39.12 -8.54 -25.13
C SER D 345 -39.16 -9.63 -26.21
N THR D 346 -40.38 -10.11 -26.49
CA THR D 346 -40.63 -11.11 -27.54
C THR D 346 -41.33 -10.47 -28.72
N ASP D 347 -41.70 -9.21 -28.55
CA ASP D 347 -42.35 -8.41 -29.59
C ASP D 347 -41.51 -8.37 -30.88
N PRO D 348 -42.14 -8.69 -32.03
CA PRO D 348 -41.42 -8.67 -33.30
C PRO D 348 -41.22 -7.27 -33.83
N LYS D 349 -41.96 -6.30 -33.32
CA LYS D 349 -41.72 -4.91 -33.65
C LYS D 349 -40.39 -4.39 -33.09
N LEU D 350 -39.96 -4.96 -31.97
CA LEU D 350 -38.73 -4.56 -31.30
C LEU D 350 -37.48 -5.36 -31.64
N LYS D 351 -37.51 -6.21 -32.66
CA LYS D 351 -36.36 -7.07 -32.90
C LYS D 351 -35.12 -6.30 -33.34
N ASP D 352 -35.33 -5.22 -34.09
CA ASP D 352 -34.24 -4.37 -34.59
C ASP D 352 -33.42 -3.77 -33.42
N ALA D 353 -34.13 -3.20 -32.45
CA ALA D 353 -33.53 -2.68 -31.21
C ALA D 353 -32.95 -3.80 -30.34
N ARG D 354 -33.70 -4.88 -30.19
CA ARG D 354 -33.30 -6.02 -29.38
C ARG D 354 -31.96 -6.55 -29.83
N GLU D 355 -31.71 -6.50 -31.13
CA GLU D 355 -30.49 -7.05 -31.69
C GLU D 355 -29.25 -6.23 -31.31
N ILE D 356 -29.44 -4.94 -31.07
CA ILE D 356 -28.32 -4.11 -30.68
C ILE D 356 -27.93 -4.43 -29.25
N LEU D 357 -28.91 -4.62 -28.37
CA LEU D 357 -28.61 -5.07 -27.02
C LEU D 357 -28.07 -6.50 -26.95
N LYS D 358 -28.47 -7.38 -27.85
CA LYS D 358 -27.88 -8.72 -27.89
C LYS D 358 -26.42 -8.69 -28.41
N GLN D 359 -26.10 -7.72 -29.26
CA GLN D 359 -24.72 -7.60 -29.69
CA GLN D 359 -24.74 -7.42 -29.73
C GLN D 359 -23.83 -7.08 -28.57
N ILE D 360 -24.38 -6.29 -27.64
CA ILE D 360 -23.60 -5.84 -26.50
C ILE D 360 -23.27 -7.04 -25.59
N GLU D 361 -24.24 -7.92 -25.36
CA GLU D 361 -24.06 -9.12 -24.53
C GLU D 361 -23.03 -10.05 -25.15
N TYR D 362 -22.95 -10.07 -26.50
CA TYR D 362 -21.98 -10.89 -27.25
C TYR D 362 -20.68 -10.15 -27.54
N ARG D 363 -20.64 -8.86 -27.16
CA ARG D 363 -19.48 -7.97 -27.31
C ARG D 363 -19.01 -7.61 -28.76
N ASN D 364 -19.96 -7.56 -29.70
CA ASN D 364 -19.69 -7.09 -31.05
C ASN D 364 -20.11 -5.64 -31.19
N LEU D 365 -19.17 -4.76 -30.85
CA LEU D 365 -19.44 -3.35 -30.69
C LEU D 365 -19.29 -2.56 -31.96
N PHE D 366 -19.82 -1.35 -31.94
CA PHE D 366 -19.53 -0.37 -32.97
C PHE D 366 -18.03 -0.10 -33.01
N LYS D 367 -17.52 0.32 -34.16
CA LYS D 367 -16.08 0.46 -34.29
C LYS D 367 -15.56 1.89 -34.30
N TYR D 368 -14.42 2.07 -33.67
CA TYR D 368 -13.84 3.37 -33.53
C TYR D 368 -13.23 3.76 -34.89
N VAL D 369 -13.54 4.97 -35.33
CA VAL D 369 -13.04 5.53 -36.58
C VAL D 369 -11.94 6.55 -36.28
N GLY D 370 -12.20 7.46 -35.33
CA GLY D 370 -11.18 8.42 -34.95
C GLY D 370 -11.71 9.48 -34.01
N GLU D 371 -10.83 10.35 -33.54
CA GLU D 371 -11.23 11.41 -32.63
C GLU D 371 -10.74 12.74 -33.17
N THR D 372 -11.50 13.80 -32.89
CA THR D 372 -11.10 15.16 -33.27
C THR D 372 -11.76 16.17 -32.34
N GLN D 373 -11.28 17.41 -32.35
CA GLN D 373 -11.92 18.47 -31.59
C GLN D 373 -12.15 19.67 -32.49
N PRO D 374 -13.22 20.43 -32.22
CA PRO D 374 -13.51 21.67 -32.93
C PRO D 374 -12.66 22.83 -32.43
N THR D 375 -11.82 23.34 -33.34
CA THR D 375 -10.92 24.46 -33.06
C THR D 375 -11.68 25.78 -32.90
N GLY D 376 -11.07 26.68 -32.14
CA GLY D 376 -11.69 27.92 -31.75
C GLY D 376 -12.58 27.69 -30.56
N GLN D 377 -13.47 28.62 -30.30
CA GLN D 377 -14.34 28.53 -29.13
C GLN D 377 -15.70 27.93 -29.50
N ILE D 378 -15.85 27.47 -30.74
CA ILE D 378 -17.11 26.85 -31.18
C ILE D 378 -17.30 25.43 -30.63
N LYS D 379 -18.50 25.17 -30.12
CA LYS D 379 -18.85 23.85 -29.67
C LYS D 379 -20.14 23.44 -30.36
N ILE D 380 -20.20 22.18 -30.77
CA ILE D 380 -21.38 21.65 -31.43
C ILE D 380 -22.54 21.63 -30.44
N LYS D 381 -23.68 22.19 -30.82
CA LYS D 381 -24.77 22.31 -29.89
C LYS D 381 -25.57 21.02 -29.91
N ARG D 382 -26.29 20.75 -28.83
CA ARG D 382 -27.05 19.51 -28.67
C ARG D 382 -28.10 19.30 -29.76
N GLU D 383 -28.71 20.40 -30.19
CA GLU D 383 -29.73 20.38 -31.24
C GLU D 383 -29.25 19.81 -32.58
N ASP D 384 -27.95 19.91 -32.85
CA ASP D 384 -27.42 19.51 -34.14
C ASP D 384 -26.81 18.12 -34.09
N TYR D 385 -27.00 17.41 -32.98
CA TYR D 385 -26.46 16.07 -32.87
C TYR D 385 -27.05 15.15 -33.94
N GLU D 386 -28.35 15.30 -34.22
CA GLU D 386 -29.05 14.42 -35.19
C GLU D 386 -28.48 14.48 -36.59
N SER D 387 -28.02 15.67 -37.00
CA SER D 387 -27.51 15.93 -38.35
C SER D 387 -26.11 15.36 -38.58
N LEU D 388 -25.33 15.24 -37.51
CA LEU D 388 -23.92 14.88 -37.63
C LEU D 388 -23.66 13.65 -38.51
N PRO D 389 -24.42 12.56 -38.36
CA PRO D 389 -24.15 11.47 -39.30
C PRO D 389 -24.47 11.85 -40.77
N LYS D 390 -25.48 12.68 -40.99
CA LYS D 390 -25.81 13.09 -42.34
C LYS D 390 -24.63 13.83 -42.95
N GLU D 391 -24.03 14.77 -42.22
CA GLU D 391 -22.83 15.50 -42.67
C GLU D 391 -21.61 14.62 -42.91
N VAL D 392 -21.30 13.71 -42.00
CA VAL D 392 -20.08 12.94 -42.16
C VAL D 392 -20.23 12.07 -43.40
N ALA D 393 -21.40 11.46 -43.54
CA ALA D 393 -21.65 10.48 -44.61
C ALA D 393 -21.77 11.09 -45.99
N SER D 394 -22.02 12.40 -46.03
CA SER D 394 -22.18 13.10 -47.29
C SER D 394 -20.89 13.78 -47.73
N ALA D 395 -19.85 13.71 -46.90
CA ALA D 395 -18.57 14.32 -47.26
C ALA D 395 -17.99 13.67 -48.50
N LYS D 396 -17.46 14.49 -49.39
CA LYS D 396 -16.84 14.00 -50.62
C LYS D 396 -15.33 13.82 -50.47
N PRO D 397 -14.88 12.57 -50.29
CA PRO D 397 -13.46 12.26 -50.10
C PRO D 397 -12.84 11.82 -51.42
N LYS D 398 -11.68 12.35 -51.75
CA LYS D 398 -11.03 12.01 -52.99
C LYS D 398 -9.60 11.62 -52.69
N VAL D 399 -9.12 10.45 -53.12
CA VAL D 399 -9.72 9.52 -54.10
C VAL D 399 -11.07 8.87 -53.79
N LEU D 400 -11.84 8.59 -54.84
CA LEU D 400 -13.12 7.90 -54.68
C LEU D 400 -12.87 6.52 -54.10
N LEU D 401 -13.86 5.99 -53.38
CA LEU D 401 -13.63 4.78 -52.58
C LEU D 401 -14.42 3.57 -53.03
N ASP D 402 -13.93 2.39 -52.60
CA ASP D 402 -14.48 1.11 -52.99
C ASP D 402 -15.94 0.94 -52.56
N VAL D 403 -16.27 1.42 -51.37
CA VAL D 403 -17.63 1.33 -50.84
C VAL D 403 -18.20 2.73 -50.54
N LYS D 404 -19.51 2.89 -50.64
CA LYS D 404 -20.10 4.14 -50.19
C LYS D 404 -21.07 3.75 -49.07
N LEU D 405 -21.05 4.52 -48.00
CA LEU D 405 -21.81 4.21 -46.80
C LEU D 405 -22.92 5.22 -46.58
N LYS D 406 -24.04 4.77 -46.06
CA LYS D 406 -25.10 5.71 -45.75
C LYS D 406 -24.90 6.26 -44.36
N ALA D 407 -25.54 7.37 -44.06
CA ALA D 407 -25.41 8.03 -42.77
C ALA D 407 -25.88 7.15 -41.60
N GLU D 408 -26.75 6.19 -41.91
CA GLU D 408 -27.26 5.30 -40.89
C GLU D 408 -26.16 4.38 -40.40
N ASP D 409 -25.02 4.37 -41.09
CA ASP D 409 -23.90 3.52 -40.68
C ASP D 409 -22.84 4.27 -39.87
N PHE D 410 -23.14 5.53 -39.54
CA PHE D 410 -22.26 6.35 -38.72
C PHE D 410 -22.85 6.73 -37.37
N ILE D 411 -22.02 6.66 -36.33
CA ILE D 411 -22.39 7.18 -35.02
C ILE D 411 -21.43 8.29 -34.68
N VAL D 412 -21.95 9.46 -34.34
CA VAL D 412 -21.09 10.57 -34.00
C VAL D 412 -21.17 10.84 -32.51
N ASP D 413 -20.05 10.75 -31.80
CA ASP D 413 -20.09 10.86 -30.35
C ASP D 413 -19.49 12.20 -29.94
N VAL D 414 -20.31 13.08 -29.36
CA VAL D 414 -19.82 14.33 -28.80
C VAL D 414 -19.58 14.15 -27.27
N ILE D 415 -18.31 14.22 -26.87
CA ILE D 415 -17.89 14.02 -25.48
C ILE D 415 -17.50 15.35 -24.85
N ASN D 416 -18.28 15.75 -23.85
CA ASN D 416 -18.17 17.07 -23.22
C ASN D 416 -17.51 17.10 -21.85
N MET D 417 -16.86 18.21 -21.54
CA MET D 417 -16.20 18.40 -20.23
C MET D 417 -17.11 19.18 -19.28
N PRO D 426 -5.29 25.30 -11.29
CA PRO D 426 -6.67 25.69 -11.59
C PRO D 426 -7.28 26.50 -10.45
N ILE D 427 -6.41 27.07 -9.64
CA ILE D 427 -6.78 27.96 -8.56
C ILE D 427 -7.70 29.13 -8.95
N ASP D 428 -7.74 29.43 -10.24
CA ASP D 428 -8.48 30.58 -10.71
C ASP D 428 -9.97 30.43 -10.41
N HIS D 429 -10.56 31.54 -9.95
CA HIS D 429 -11.94 31.65 -9.45
C HIS D 429 -12.17 31.07 -8.06
N VAL D 430 -11.15 30.45 -7.48
CA VAL D 430 -11.24 30.09 -6.07
C VAL D 430 -10.83 31.29 -5.22
N SER D 431 -11.45 31.41 -4.05
CA SER D 431 -11.13 32.50 -3.15
C SER D 431 -10.48 31.95 -1.90
N PHE D 432 -9.39 32.59 -1.49
CA PHE D 432 -8.67 32.17 -0.30
C PHE D 432 -8.71 33.25 0.75
N TYR D 433 -8.19 32.91 1.92
CA TYR D 433 -8.05 33.84 3.03
C TYR D 433 -6.83 33.45 3.85
N CYS D 434 -6.34 34.35 4.71
CA CYS D 434 -5.24 34.00 5.60
C CYS D 434 -5.67 34.08 7.06
N LYS D 435 -4.99 33.32 7.93
CA LYS D 435 -5.41 33.16 9.32
C LYS D 435 -5.48 34.50 10.06
N THR D 436 -4.56 35.39 9.70
CA THR D 436 -4.49 36.73 10.28
C THR D 436 -5.69 37.63 9.89
N ALA D 437 -6.13 37.53 8.64
CA ALA D 437 -7.23 38.36 8.13
C ALA D 437 -8.36 37.56 7.47
N PRO D 438 -9.16 36.85 8.30
CA PRO D 438 -10.21 35.92 7.87
C PRO D 438 -11.43 36.57 7.16
N ASN D 439 -11.70 37.84 7.44
CA ASN D 439 -12.84 38.53 6.83
C ASN D 439 -12.70 38.73 5.31
N ARG D 440 -11.47 38.96 4.84
CA ARG D 440 -11.24 39.34 3.45
C ARG D 440 -10.40 38.33 2.65
N ALA D 441 -10.66 38.26 1.35
CA ALA D 441 -10.02 37.30 0.45
C ALA D 441 -8.70 37.80 -0.13
N ILE D 442 -7.73 36.90 -0.29
CA ILE D 442 -6.46 37.22 -0.93
C ILE D 442 -6.57 37.25 -2.47
N GLU D 459 -13.54 22.41 -23.10
CA GLU D 459 -13.29 21.38 -24.09
C GLU D 459 -14.55 20.70 -24.63
N GLN D 460 -14.37 19.96 -25.74
CA GLN D 460 -15.37 19.11 -26.35
C GLN D 460 -14.69 18.11 -27.29
N LEU D 461 -15.01 16.83 -27.18
CA LEU D 461 -14.45 15.84 -28.11
C LEU D 461 -15.50 15.24 -29.03
N ILE D 462 -15.09 14.93 -30.26
CA ILE D 462 -15.97 14.27 -31.21
C ILE D 462 -15.33 12.99 -31.68
N ARG D 463 -15.99 11.87 -31.43
CA ARG D 463 -15.52 10.59 -31.92
C ARG D 463 -16.58 10.09 -32.84
N VAL D 464 -16.16 9.34 -33.85
CA VAL D 464 -17.06 8.80 -34.85
C VAL D 464 -16.89 7.29 -34.87
N TYR D 465 -18.01 6.56 -34.89
CA TYR D 465 -18.00 5.10 -35.00
C TYR D 465 -18.70 4.65 -36.28
N CYS D 466 -18.34 3.46 -36.76
CA CYS D 466 -19.03 2.80 -37.87
C CYS D 466 -19.67 1.53 -37.36
N LYS D 467 -20.90 1.26 -37.80
CA LYS D 467 -21.66 0.06 -37.41
C LYS D 467 -21.26 -1.17 -38.23
N LYS D 468 -20.76 -0.93 -39.46
CA LYS D 468 -20.27 -1.97 -40.34
C LYS D 468 -18.86 -2.37 -39.89
N VAL D 469 -18.61 -3.66 -39.71
CA VAL D 469 -17.37 -4.10 -39.09
C VAL D 469 -16.39 -4.63 -40.12
N ASP D 470 -16.83 -4.69 -41.37
CA ASP D 470 -15.99 -5.22 -42.44
C ASP D 470 -14.85 -4.26 -42.73
N ARG D 471 -13.69 -4.81 -43.07
CA ARG D 471 -12.49 -4.02 -43.27
C ARG D 471 -12.63 -2.99 -44.40
N LYS D 472 -13.29 -3.38 -45.50
CA LYS D 472 -13.49 -2.49 -46.64
C LYS D 472 -14.40 -1.33 -46.22
N SER D 473 -15.47 -1.64 -45.50
CA SER D 473 -16.39 -0.61 -45.00
C SER D 473 -15.74 0.25 -43.90
N LEU D 474 -14.89 -0.36 -43.07
CA LEU D 474 -14.18 0.39 -42.02
C LEU D 474 -13.20 1.39 -42.59
N TYR D 475 -12.51 1.00 -43.67
CA TYR D 475 -11.58 1.90 -44.33
C TYR D 475 -12.29 3.09 -44.92
N ALA D 476 -13.44 2.84 -45.55
CA ALA D 476 -14.25 3.91 -46.10
C ALA D 476 -14.61 4.95 -45.02
N ALA D 477 -15.12 4.48 -43.88
CA ALA D 477 -15.55 5.35 -42.76
C ALA D 477 -14.45 6.31 -42.30
N ARG D 478 -13.21 5.83 -42.23
CA ARG D 478 -12.07 6.66 -41.85
C ARG D 478 -11.83 7.82 -42.81
N GLN D 479 -12.06 7.58 -44.11
CA GLN D 479 -11.85 8.61 -45.14
C GLN D 479 -12.89 9.73 -45.09
N TYR D 480 -14.18 9.36 -45.05
CA TYR D 480 -15.27 10.32 -44.94
C TYR D 480 -15.01 11.21 -43.74
N PHE D 481 -14.62 10.60 -42.63
CA PHE D 481 -14.39 11.32 -41.40
C PHE D 481 -13.23 12.32 -41.51
N VAL D 482 -12.11 11.86 -42.06
CA VAL D 482 -10.94 12.73 -42.17
C VAL D 482 -11.27 13.93 -43.07
N GLN D 483 -12.11 13.67 -44.09
CA GLN D 483 -12.62 14.72 -44.98
C GLN D 483 -13.56 15.66 -44.24
N TRP D 484 -14.52 15.07 -43.54
CA TRP D 484 -15.51 15.84 -42.80
C TRP D 484 -14.80 16.83 -41.88
N CYS D 485 -13.74 16.36 -41.23
CA CYS D 485 -12.94 17.22 -40.40
C CYS D 485 -12.33 18.36 -41.17
N ALA D 486 -11.96 18.10 -42.43
CA ALA D 486 -11.25 19.09 -43.21
C ALA D 486 -12.01 20.41 -43.36
N ASP D 487 -13.19 20.40 -43.97
CA ASP D 487 -13.82 21.69 -44.19
C ASP D 487 -14.99 21.98 -43.25
N ARG D 488 -14.83 21.46 -42.04
CA ARG D 488 -15.59 21.87 -40.88
C ARG D 488 -14.50 22.59 -40.05
N ASN D 489 -13.27 22.43 -40.54
CA ASN D 489 -12.03 22.92 -39.94
C ASN D 489 -11.81 22.42 -38.53
N PHE D 490 -12.16 21.16 -38.31
CA PHE D 490 -11.79 20.48 -37.08
C PHE D 490 -10.37 19.99 -37.30
N THR D 491 -9.67 19.66 -36.20
CA THR D 491 -8.28 19.23 -36.31
C THR D 491 -8.12 17.88 -37.01
N LYS D 492 -6.96 17.66 -37.62
CA LYS D 492 -6.72 16.44 -38.36
C LYS D 492 -6.61 15.26 -37.41
N PRO D 493 -7.43 14.23 -37.66
CA PRO D 493 -7.43 13.00 -36.87
C PRO D 493 -6.09 12.29 -36.98
N GLN D 494 -5.55 11.79 -35.87
CA GLN D 494 -4.26 11.10 -35.94
C GLN D 494 -4.44 9.57 -36.03
N ASP D 495 -3.40 8.86 -36.46
CA ASP D 495 -3.49 7.43 -36.73
C ASP D 495 -3.91 6.63 -35.49
FE FE E . 15.32 1.31 21.59
PG GTP F . 16.49 25.09 7.80
O1G GTP F . 16.57 26.45 7.11
O2G GTP F . 17.09 25.19 9.18
O3G GTP F . 15.05 24.65 7.86
O3B GTP F . 17.36 24.08 6.90
PB GTP F . 16.73 22.77 6.22
O1B GTP F . 15.44 23.04 5.49
O2B GTP F . 17.75 22.14 5.33
O3A GTP F . 16.55 21.78 7.46
PA GTP F . 17.86 21.01 7.99
O1A GTP F . 19.00 21.98 8.11
O2A GTP F . 17.55 20.39 9.32
O5' GTP F . 18.12 19.90 6.83
C5' GTP F . 18.13 18.52 7.11
C4' GTP F . 17.20 17.71 6.24
O4' GTP F . 17.43 16.35 6.55
C3' GTP F . 15.76 17.98 6.60
O3' GTP F . 14.96 17.76 5.47
C2' GTP F . 15.41 16.94 7.66
O2' GTP F . 14.15 16.42 7.33
C1' GTP F . 16.50 15.87 7.51
N9 GTP F . 17.29 15.49 8.73
C8 GTP F . 17.84 14.24 8.86
N7 GTP F . 18.53 14.19 10.01
C5 GTP F . 18.44 15.39 10.62
C6 GTP F . 18.96 15.86 11.83
O6 GTP F . 19.65 15.16 12.54
N1 GTP F . 18.73 17.14 12.25
C2 GTP F . 17.98 17.96 11.47
N2 GTP F . 17.77 19.19 11.91
N3 GTP F . 17.46 17.50 10.28
C4 GTP F . 17.68 16.23 9.84
S SO4 G . 10.85 -14.95 6.37
O1 SO4 G . 10.41 -16.14 5.66
O2 SO4 G . 10.19 -13.76 5.83
O3 SO4 G . 10.52 -15.08 7.79
O4 SO4 G . 12.30 -14.82 6.19
S SO4 H . 10.61 -18.67 11.29
O1 SO4 H . 9.40 -18.81 12.11
O2 SO4 H . 10.55 -17.42 10.53
O3 SO4 H . 11.78 -18.64 12.17
O4 SO4 H . 10.69 -19.80 10.37
S SO4 I . 16.78 -0.96 23.35
O1 SO4 I . 15.58 -0.18 23.02
O2 SO4 I . 17.18 -1.65 22.12
O3 SO4 I . 17.87 -0.09 23.79
O4 SO4 I . 16.50 -1.92 24.44
FE FE J . -19.73 -17.10 -5.08
S SO4 K . -17.44 -6.61 15.25
O1 SO4 K . -18.24 -7.70 14.70
O2 SO4 K . -16.69 -5.95 14.18
O3 SO4 K . -18.32 -5.64 15.90
O4 SO4 K . -16.51 -7.17 16.23
S SO4 L . -15.64 -2.29 11.61
O1 SO4 L . -15.89 -3.72 11.71
O2 SO4 L . -16.83 -1.62 11.11
O3 SO4 L . -15.31 -1.77 12.94
O4 SO4 L . -14.53 -2.05 10.70
S SO4 M . -30.68 -21.73 3.62
O1 SO4 M . -32.09 -22.10 3.52
O2 SO4 M . -30.19 -21.33 2.31
O3 SO4 M . -30.53 -20.60 4.54
O4 SO4 M . -29.90 -22.86 4.12
S SO4 N . -21.89 -18.22 -3.22
O1 SO4 N . -21.63 -19.25 -2.19
O2 SO4 N . -23.07 -18.62 -4.00
O3 SO4 N . -22.15 -16.94 -2.55
O4 SO4 N . -20.72 -18.11 -4.08
FE FE O . 29.04 0.67 -7.61
PG GTP P . 33.70 -21.27 8.43
O1G GTP P . 33.50 -22.33 9.48
O2G GTP P . 32.54 -21.25 7.47
O3G GTP P . 34.97 -21.58 7.67
O3B GTP P . 33.84 -19.82 9.14
PB GTP P . 32.82 -19.27 10.27
O1B GTP P . 33.51 -19.13 11.61
O2B GTP P . 31.60 -20.15 10.36
O3A GTP P . 32.43 -17.81 9.70
PA GTP P . 31.45 -17.62 8.43
O1A GTP P . 30.51 -18.79 8.30
O2A GTP P . 32.24 -17.44 7.15
O5' GTP P . 30.63 -16.29 8.74
C5' GTP P . 29.29 -16.37 9.18
C4' GTP P . 28.29 -16.19 8.03
O4' GTP P . 27.97 -14.82 7.89
C3' GTP P . 28.76 -16.65 6.64
O3' GTP P . 28.46 -17.99 6.33
C2' GTP P . 28.03 -15.70 5.70
O2' GTP P . 26.82 -16.30 5.32
C1' GTP P . 27.76 -14.45 6.53
N9 GTP P . 28.66 -13.29 6.27
C8 GTP P . 28.32 -11.98 6.43
N7 GTP P . 29.38 -11.20 6.11
C5 GTP P . 30.42 -11.99 5.75
C6 GTP P . 31.74 -11.73 5.35
O6 GTP P . 32.17 -10.58 5.26
N1 GTP P . 32.59 -12.76 5.04
C2 GTP P . 32.12 -14.06 5.14
N2 GTP P . 32.88 -15.12 4.86
N3 GTP P . 30.83 -14.29 5.54
C4 GTP P . 29.98 -13.30 5.85
S SO4 Q . 31.19 13.98 -9.84
O1 SO4 Q . 31.38 13.33 -8.55
O2 SO4 Q . 30.43 13.08 -10.70
O3 SO4 Q . 30.46 15.23 -9.67
O4 SO4 Q . 32.48 14.25 -10.48
S SO4 R . 29.16 3.73 -8.46
O1 SO4 R . 28.79 2.31 -8.34
O2 SO4 R . 29.18 4.17 -9.87
O3 SO4 R . 28.20 4.55 -7.71
O4 SO4 R . 30.50 3.86 -7.89
FE FE S . -24.85 14.45 -8.25
PG GTP T . -11.73 -5.70 -28.88
O1G GTP T . -12.84 -5.26 -29.80
O2G GTP T . -11.44 -7.17 -29.09
O3G GTP T . -10.48 -4.89 -29.19
O3B GTP T . -12.18 -5.50 -27.34
PB GTP T . -11.84 -4.20 -26.43
O1B GTP T . -10.76 -4.55 -25.43
O2B GTP T . -11.44 -3.02 -27.29
O3A GTP T . -13.21 -3.89 -25.65
PA GTP T . -13.96 -4.99 -24.76
O1A GTP T . -13.14 -6.25 -24.70
O2A GTP T . -15.34 -5.26 -25.27
O5' GTP T . -14.01 -4.39 -23.25
C5' GTP T . -13.53 -3.13 -22.85
C4' GTP T . -12.77 -3.30 -21.52
O4' GTP T . -13.70 -3.47 -20.46
C3' GTP T . -11.89 -4.54 -21.54
O3' GTP T . -10.53 -4.12 -21.56
C2' GTP T . -12.22 -5.30 -20.26
O2' GTP T . -11.12 -5.19 -19.39
C1' GTP T . -13.41 -4.59 -19.62
N9 GTP T . -14.67 -5.38 -19.46
C8 GTP T . -15.58 -5.16 -18.45
N7 GTP T . -16.61 -6.01 -18.60
C5 GTP T . -16.40 -6.78 -19.69
C6 GTP T . -17.16 -7.81 -20.30
O6 GTP T . -18.24 -8.19 -19.83
N1 GTP T . -16.69 -8.42 -21.44
C2 GTP T . -15.48 -8.03 -21.97
N2 GTP T . -15.04 -8.64 -23.07
N3 GTP T . -14.74 -7.02 -21.37
C4 GTP T . -15.19 -6.39 -20.25
PG GTP U . -38.10 2.52 12.36
O1G GTP U . -38.45 3.95 12.05
O2G GTP U . -39.37 1.69 12.35
O3G GTP U . -37.41 2.41 13.70
O3B GTP U . -37.12 1.98 11.21
PB GTP U . -36.54 0.47 11.23
O1B GTP U . -37.47 -0.44 11.97
O2B GTP U . -35.13 0.45 11.77
O3A GTP U . -36.59 0.08 9.68
PA GTP U . -35.62 0.92 8.71
O1A GTP U . -35.76 2.39 8.99
O2A GTP U . -35.87 0.61 7.27
O5' GTP U . -34.16 0.43 9.10
C5' GTP U . -33.33 -0.02 8.07
C4' GTP U . -32.06 0.82 8.11
O4' GTP U . -31.51 0.71 6.81
C3' GTP U . -32.28 2.31 8.39
O3' GTP U . -32.14 2.73 9.75
C2' GTP U . -31.22 2.94 7.53
O2' GTP U . -30.02 3.01 8.25
C1' GTP U . -31.00 1.96 6.39
N9 GTP U . -31.63 2.35 5.11
C8 GTP U . -31.09 2.05 3.88
N7 GTP U . -31.90 2.53 2.91
C5 GTP U . -32.95 3.14 3.49
C6 GTP U . -34.05 3.79 2.95
O6 GTP U . -34.19 3.88 1.73
N1 GTP U . -34.99 4.34 3.80
C2 GTP U . -34.84 4.22 5.16
N2 GTP U . -35.73 4.74 6.00
N3 GTP U . -33.75 3.57 5.67
C4 GTP U . -32.81 3.04 4.86
S SO4 V . -23.07 15.68 -22.03
O1 SO4 V . -23.88 14.90 -21.09
O2 SO4 V . -21.97 14.83 -22.53
O3 SO4 V . -23.89 16.12 -23.15
O4 SO4 V . -22.54 16.84 -21.35
S SO4 W . -24.36 14.96 -11.13
O1 SO4 W . -25.74 14.49 -11.32
O2 SO4 W . -24.11 16.03 -12.11
O3 SO4 W . -24.23 15.44 -9.75
O4 SO4 W . -23.42 13.84 -11.33
#